data_6J54
#
_entry.id   6J54
#
_cell.length_a   1.00
_cell.length_b   1.00
_cell.length_c   1.00
_cell.angle_alpha   90.00
_cell.angle_beta   90.00
_cell.angle_gamma   90.00
#
_symmetry.space_group_name_H-M   'P 1'
#
loop_
_entity.id
_entity.type
_entity.pdbx_description
1 polymer 'ATP synthase peripheral stalk-membrane subunit b'
2 polymer 'ATP synthase subunit d, mitochondrial'
3 polymer 'ATP synthase subunit e, mitochondrial'
4 polymer 'ATP synthase subunit f, mitochondrial'
5 polymer 'ATP synthase subunit g, mitochondrial'
6 polymer 'ATP synthase membrane subunit DAPIT'
7 polymer 'subunit k analog'
8 polymer 'ATP synthase protein 8'
9 polymer 'ATP synthase subunit a'
10 polymer 'Mitochondrial H+ transporting ATP synthase subunit c isoform 1'
11 polymer 'ATP synthase membrane subunit 6.8PL'
#
loop_
_entity_poly.entity_id
_entity_poly.type
_entity_poly.pdbx_seq_one_letter_code
_entity_poly.pdbx_strand_id
1 'polypeptide(L)'
;PPLPEHGGKVRLGLIPEEFFQFLYPKTGVTGPYVLGTGLILYLLSKEIYVITAETFSAISTIGVLVYIVKKYGASIGAFA
DK
;
b
2 'polypeptide(L)' PFDQMTIEDLNEVFPETKLDKKKY d
3 'polypeptide(L)'
;(UNK)(UNK)(UNK)(UNK)(UNK)(UNK)(UNK)(UNK)(UNK)(UNK)(UNK)(UNK)(UNK)(UNK)(UNK)(UNK)
(UNK)(UNK)(UNK)(UNK)(UNK)(UNK)(UNK)(UNK)(UNK)(UNK)(UNK)(UNK)(UNK)(UNK)(UNK)(UNK)
(UNK)(UNK)(UNK)(UNK)(UNK)(UNK)(UNK)(UNK)(UNK)(UNK)(UNK)(UNK)(UNK)(UNK)(UNK)(UNK)
(UNK)(UNK)(UNK)(UNK)(UNK)(UNK)(UNK)(UNK)(UNK)(UNK)(UNK)(UNK)(UNK)(UNK)(UNK)
;
e
4 'polypeptide(L)'
;ASVVPLKDRRLLEVKLGELPSWILMRDFTPSGIAGAFQRGYYRYYNKYVNVKKGSVAGLSMVLAAYVVFNYCRSYKELKH
ERLRKYH
;
f
5 'polypeptide(L)'
;(UNK)(UNK)(UNK)(UNK)(UNK)(UNK)(UNK)(UNK)(UNK)(UNK)(UNK)(UNK)(UNK)(UNK)(UNK)(UNK)
(UNK)(UNK)(UNK)(UNK)(UNK)(UNK)(UNK)(UNK)(UNK)(UNK)(UNK)(UNK)(UNK)(UNK)(UNK)(UNK)
(UNK)(UNK)(UNK)(UNK)(UNK)(UNK)(UNK)(UNK)(UNK)(UNK)(UNK)(UNK)(UNK)(UNK)(UNK)(UNK)
(UNK)(UNK)(UNK)(UNK)(UNK)(UNK)(UNK)(UNK)(UNK)(UNK)(UNK)(UNK)(UNK)(UNK)(UNK)(UNK)
(UNK)(UNK)(UNK)(UNK)(UNK)(UNK)(UNK)(UNK)(UNK)(UNK)(UNK)(UNK)(UNK)(UNK)(UNK)(UNK)
(UNK)(UNK)(UNK)(UNK)
;
g
6 'polypeptide(L)' QFQFTGIKKYFNSYTLTGRMNCVLATYGGIALLVLYFKLRSK i
7 'polypeptide(L)'
;(UNK)(UNK)(UNK)(UNK)(UNK)(UNK)(UNK)(UNK)(UNK)(UNK)(UNK)(UNK)(UNK)(UNK)(UNK)(UNK)
(UNK)(UNK)(UNK)(UNK)(UNK)(UNK)(UNK)(UNK)(UNK)(UNK)(UNK)(UNK)(UNK)
;
k
8 'polypeptide(L)' DTSTWFITITSMIMTLFILFQLKISNYSYP 8
9 'polypeptide(L)'
;MNENLFASFIAPTMMGLPIVTLIIMFPSLLFPTPKRLINNRTISIQQWLIQLTSKQMMAIHNQKGQTWSLMLMSLIMFIG
STNILGLLPHSFTPTTQLSMNLGMAIPLWSATVFTGFRYKTKTSLAHFLPQGTPALLIPMLVIIETISLFIQPVALAVRL
TANITAGHLLIHLIGGATLALLNINTMTAFITFTILILLTILEFAVALIQAYVFTLLVSLYLHDNT
;
a
10 'polypeptide(L)' IDTAAKFIGAGAATVGVAGSGAGIGTVFGSMIIGYARNPSLKQQLFSYAILGFALSEAMGLFCLMVAFLILF K,L,M,N,O,P,Q,R
11 'polypeptide(L)'
;(UNK)(UNK)(UNK)(UNK)(UNK)(UNK)(UNK)(UNK)(UNK)(UNK)(UNK)(UNK)(UNK)(UNK)(UNK)(UNK)
(UNK)(UNK)(UNK)(UNK)(UNK)(UNK)(UNK)(UNK)(UNK)(UNK)(UNK)(UNK)(UNK)(UNK)(UNK)(UNK)
(UNK)(UNK)(UNK)(UNK)(UNK)(UNK)(UNK)(UNK)(UNK)(UNK)
;
u
#
# COMPACT_ATOMS: atom_id res chain seq x y z
N PRO A 1 8.36 17.95 24.12
CA PRO A 1 8.08 17.20 25.36
C PRO A 1 9.30 17.08 26.25
N PRO A 2 9.34 17.87 27.33
CA PRO A 2 10.48 17.77 28.25
C PRO A 2 10.46 16.51 29.11
N LEU A 3 9.29 16.13 29.62
CA LEU A 3 9.20 14.94 30.45
C LEU A 3 9.38 13.65 29.69
N PRO A 4 9.06 13.57 28.39
CA PRO A 4 9.13 12.26 27.71
C PRO A 4 10.53 11.86 27.28
N GLU A 5 11.40 12.83 27.00
CA GLU A 5 12.76 12.51 26.58
C GLU A 5 13.58 11.95 27.74
N HIS A 6 13.31 12.43 28.96
CA HIS A 6 13.94 11.85 30.13
C HIS A 6 13.32 10.49 30.46
N GLY A 7 12.08 10.27 30.03
CA GLY A 7 11.41 9.01 30.33
C GLY A 7 12.02 7.83 29.59
N GLY A 8 12.57 8.08 28.40
CA GLY A 8 13.42 7.08 27.78
C GLY A 8 14.84 7.14 28.33
N LYS A 9 15.27 8.31 28.78
CA LYS A 9 16.62 8.44 29.35
C LYS A 9 16.67 7.82 30.74
N VAL A 10 15.57 7.84 31.47
CA VAL A 10 15.49 7.07 32.71
C VAL A 10 15.41 5.59 32.40
N ARG A 11 14.84 5.25 31.24
CA ARG A 11 14.93 3.87 30.77
C ARG A 11 16.34 3.55 30.26
N LEU A 12 17.06 4.58 29.81
CA LEU A 12 18.46 4.38 29.43
C LEU A 12 19.34 4.14 30.65
N GLY A 13 18.99 4.75 31.78
CA GLY A 13 19.62 4.40 33.04
C GLY A 13 19.10 3.09 33.59
N LEU A 14 17.89 2.70 33.18
CA LEU A 14 17.32 1.43 33.63
C LEU A 14 17.88 0.25 32.84
N ILE A 15 17.94 0.40 31.50
CA ILE A 15 18.47 -0.69 30.67
C ILE A 15 19.96 -0.89 30.87
N PRO A 16 20.74 0.13 31.23
CA PRO A 16 22.18 -0.11 31.47
C PRO A 16 22.45 -0.91 32.74
N GLU A 17 21.54 -0.84 33.73
CA GLU A 17 21.69 -1.64 34.94
C GLU A 17 21.11 -3.04 34.76
N GLU A 18 20.03 -3.15 33.98
CA GLU A 18 19.45 -4.46 33.70
C GLU A 18 20.35 -5.27 32.79
N PHE A 19 21.08 -4.60 31.90
CA PHE A 19 22.11 -5.28 31.13
C PHE A 19 23.30 -5.62 32.01
N PHE A 20 23.52 -4.85 33.08
CA PHE A 20 24.61 -5.15 34.00
C PHE A 20 24.26 -6.34 34.88
N GLN A 21 22.99 -6.45 35.30
CA GLN A 21 22.58 -7.62 36.06
C GLN A 21 22.50 -8.86 35.17
N PHE A 22 22.17 -8.66 33.89
CA PHE A 22 22.25 -9.77 32.94
C PHE A 22 23.70 -10.15 32.66
N LEU A 23 24.61 -9.18 32.76
CA LEU A 23 26.03 -9.48 32.65
C LEU A 23 26.52 -10.24 33.88
N TYR A 24 25.85 -10.05 35.01
CA TYR A 24 26.13 -10.90 36.17
C TYR A 24 25.68 -12.32 35.96
N PRO A 25 24.67 -12.61 35.13
CA PRO A 25 24.34 -14.03 34.86
C PRO A 25 25.39 -14.73 34.03
N LYS A 26 26.05 -14.01 33.13
CA LYS A 26 27.15 -14.60 32.37
C LYS A 26 28.39 -14.75 33.25
N THR A 27 28.52 -13.91 34.28
CA THR A 27 29.61 -14.07 35.23
C THR A 27 29.41 -15.33 36.07
N GLY A 28 28.17 -15.78 36.20
CA GLY A 28 27.93 -17.09 36.79
C GLY A 28 28.21 -18.22 35.82
N VAL A 29 28.33 -17.89 34.53
CA VAL A 29 28.73 -18.90 33.55
C VAL A 29 30.19 -18.72 33.16
N THR A 30 31.00 -18.17 34.07
CA THR A 30 32.42 -17.99 33.78
C THR A 30 33.14 -19.33 33.70
N GLY A 31 32.70 -20.31 34.50
CA GLY A 31 33.26 -21.64 34.46
C GLY A 31 32.41 -22.69 33.78
N PRO A 32 31.11 -22.74 34.03
CA PRO A 32 30.34 -23.96 33.74
C PRO A 32 29.66 -24.03 32.38
N TYR A 33 29.96 -23.13 31.44
CA TYR A 33 29.24 -23.05 30.18
C TYR A 33 30.03 -23.74 29.05
N VAL A 34 29.44 -24.79 28.47
CA VAL A 34 30.10 -25.57 27.43
C VAL A 34 29.18 -25.74 26.23
N LEU A 35 28.15 -24.89 26.13
CA LEU A 35 27.14 -25.03 25.06
C LEU A 35 27.39 -24.08 23.89
N GLY A 36 27.46 -22.77 24.15
CA GLY A 36 27.49 -21.80 23.07
C GLY A 36 28.80 -21.82 22.30
N THR A 37 29.91 -22.08 22.99
CA THR A 37 31.21 -21.98 22.34
C THR A 37 31.49 -23.19 21.45
N GLY A 38 30.61 -24.19 21.46
CA GLY A 38 30.66 -25.21 20.43
C GLY A 38 30.04 -24.76 19.12
N LEU A 39 29.03 -23.89 19.20
CA LEU A 39 28.27 -23.54 18.00
C LEU A 39 28.47 -22.08 17.62
N ILE A 40 29.29 -21.34 18.35
CA ILE A 40 29.50 -19.93 18.01
C ILE A 40 30.49 -19.81 16.86
N LEU A 41 31.06 -20.93 16.43
CA LEU A 41 32.04 -20.89 15.34
C LEU A 41 31.37 -21.00 13.98
N TYR A 42 30.33 -21.84 13.87
CA TYR A 42 29.64 -22.00 12.60
C TYR A 42 28.90 -20.73 12.22
N LEU A 43 28.47 -19.96 13.21
CA LEU A 43 27.93 -18.63 12.94
C LEU A 43 29.05 -17.61 12.83
N LEU A 44 30.30 -18.02 13.06
CA LEU A 44 31.42 -17.12 12.79
C LEU A 44 32.14 -17.51 11.51
N SER A 45 31.98 -18.76 11.07
CA SER A 45 32.61 -19.19 9.83
C SER A 45 31.70 -18.91 8.63
N LYS A 46 30.41 -19.21 8.76
CA LYS A 46 29.47 -18.93 7.68
C LYS A 46 29.26 -17.44 7.51
N GLU A 47 29.41 -16.68 8.60
CA GLU A 47 29.38 -15.22 8.49
C GLU A 47 30.65 -14.71 7.84
N ILE A 48 31.68 -15.55 7.79
CA ILE A 48 32.86 -15.23 6.99
C ILE A 48 32.69 -15.76 5.56
N TYR A 49 31.56 -16.41 5.26
CA TYR A 49 31.38 -16.86 3.87
C TYR A 49 30.49 -15.92 3.06
N VAL A 50 29.19 -15.88 3.34
CA VAL A 50 28.28 -15.30 2.35
C VAL A 50 27.12 -14.45 2.88
N ILE A 51 26.91 -14.40 4.19
CA ILE A 51 25.56 -14.16 4.69
C ILE A 51 25.23 -12.67 4.75
N THR A 52 26.09 -11.81 4.24
CA THR A 52 25.81 -10.38 4.27
C THR A 52 25.15 -9.92 2.97
N ALA A 53 24.04 -9.20 3.10
CA ALA A 53 23.26 -8.69 1.97
C ALA A 53 22.39 -7.54 2.45
N GLU A 54 21.37 -7.21 1.64
CA GLU A 54 20.31 -6.29 2.06
C GLU A 54 19.24 -7.05 2.85
N THR A 55 19.64 -7.51 4.03
CA THR A 55 18.77 -8.23 4.93
C THR A 55 19.02 -7.80 6.37
N PHE A 56 19.07 -6.49 6.60
CA PHE A 56 18.86 -5.98 7.95
C PHE A 56 17.37 -5.92 8.28
N SER A 57 16.52 -6.13 7.28
CA SER A 57 15.10 -6.34 7.51
C SER A 57 14.80 -7.80 7.82
N ALA A 58 15.85 -8.61 7.96
CA ALA A 58 15.67 -9.95 8.48
C ALA A 58 15.51 -9.92 9.98
N ILE A 59 16.21 -8.99 10.65
CA ILE A 59 16.15 -8.92 12.10
C ILE A 59 14.86 -8.27 12.56
N SER A 60 14.39 -7.27 11.81
CA SER A 60 13.22 -6.49 12.24
C SER A 60 11.94 -7.26 12.02
N THR A 61 11.95 -8.26 11.14
CA THR A 61 10.81 -9.17 11.05
C THR A 61 10.96 -10.31 12.03
N ILE A 62 12.12 -10.40 12.67
CA ILE A 62 12.31 -11.34 13.77
C ILE A 62 12.29 -10.61 15.11
N GLY A 63 12.47 -9.28 15.08
CA GLY A 63 12.34 -8.50 16.30
C GLY A 63 10.89 -8.26 16.69
N VAL A 64 10.02 -8.05 15.71
CA VAL A 64 8.60 -7.85 15.98
C VAL A 64 7.98 -9.16 16.45
N LEU A 65 8.51 -10.30 15.97
CA LEU A 65 7.99 -11.58 16.43
C LEU A 65 8.49 -11.94 17.84
N VAL A 66 9.34 -11.11 18.43
CA VAL A 66 9.68 -11.32 19.83
C VAL A 66 8.67 -10.61 20.74
N TYR A 67 8.19 -9.44 20.33
CA TYR A 67 7.19 -8.70 21.12
C TYR A 67 5.86 -9.44 21.22
N ILE A 68 5.59 -10.36 20.31
CA ILE A 68 4.32 -11.07 20.35
C ILE A 68 4.43 -12.28 21.28
N VAL A 69 5.66 -12.64 21.64
CA VAL A 69 5.85 -13.68 22.65
C VAL A 69 5.47 -13.16 24.04
N LYS A 70 5.58 -11.84 24.25
CA LYS A 70 5.05 -11.19 25.45
C LYS A 70 3.55 -11.42 25.61
N LYS A 71 2.76 -11.12 24.57
CA LYS A 71 1.33 -11.30 24.66
C LYS A 71 0.95 -12.77 24.50
N TYR A 72 1.90 -13.62 24.12
CA TYR A 72 1.61 -15.04 23.99
C TYR A 72 1.44 -15.69 25.36
N GLY A 73 2.05 -15.11 26.38
CA GLY A 73 1.81 -15.57 27.74
C GLY A 73 0.45 -15.15 28.26
N ALA A 74 -0.24 -14.27 27.52
CA ALA A 74 -1.65 -14.03 27.79
C ALA A 74 -2.52 -14.78 26.80
N SER A 75 -1.91 -15.30 25.72
CA SER A 75 -2.67 -16.08 24.76
C SER A 75 -2.94 -17.47 25.28
N ILE A 76 -2.25 -17.86 26.35
CA ILE A 76 -2.48 -19.17 26.95
C ILE A 76 -3.82 -19.17 27.67
N GLY A 77 -4.23 -18.02 28.20
CA GLY A 77 -5.52 -17.93 28.84
C GLY A 77 -6.65 -17.94 27.84
N ALA A 78 -6.44 -17.29 26.69
CA ALA A 78 -7.41 -17.39 25.61
C ALA A 78 -7.43 -18.80 25.03
N PHE A 79 -6.31 -19.52 25.12
CA PHE A 79 -6.26 -20.86 24.59
C PHE A 79 -6.89 -21.86 25.55
N ALA A 80 -6.46 -21.85 26.81
CA ALA A 80 -6.84 -22.91 27.73
C ALA A 80 -8.22 -22.67 28.33
N ASP A 81 -8.85 -21.55 27.98
CA ASP A 81 -10.21 -21.30 28.44
C ASP A 81 -11.17 -22.29 27.80
N LYS A 82 -11.02 -22.53 26.51
CA LYS A 82 -11.97 -23.31 25.76
C LYS A 82 -11.68 -24.78 25.89
N PRO B 1 -17.45 -40.91 29.36
CA PRO B 1 -16.03 -41.25 29.39
C PRO B 1 -15.17 -40.08 29.87
N PHE B 2 -13.98 -39.93 29.28
CA PHE B 2 -13.02 -38.92 29.67
C PHE B 2 -13.48 -37.57 29.18
N ASP B 3 -12.76 -36.52 29.58
CA ASP B 3 -13.00 -35.20 29.01
C ASP B 3 -12.66 -35.18 27.52
N GLN B 4 -11.53 -35.76 27.16
CA GLN B 4 -11.00 -35.72 25.80
C GLN B 4 -11.35 -36.96 24.99
N MET B 5 -12.58 -37.47 25.13
CA MET B 5 -12.85 -38.85 24.78
C MET B 5 -12.91 -39.09 23.28
N THR B 6 -13.90 -38.54 22.60
CA THR B 6 -14.19 -39.04 21.25
C THR B 6 -14.97 -37.99 20.46
N ILE B 7 -14.86 -38.06 19.14
CA ILE B 7 -15.56 -37.10 18.30
C ILE B 7 -16.78 -37.75 17.66
N GLU B 8 -16.98 -39.05 17.91
CA GLU B 8 -18.15 -39.73 17.38
C GLU B 8 -19.07 -40.22 18.51
N ASP B 9 -18.50 -40.50 19.68
CA ASP B 9 -19.33 -40.90 20.81
C ASP B 9 -20.07 -39.70 21.37
N LEU B 10 -19.53 -38.50 21.19
CA LEU B 10 -20.26 -37.29 21.51
C LEU B 10 -21.21 -36.93 20.38
N ASN B 11 -21.17 -37.68 19.28
CA ASN B 11 -22.07 -37.41 18.17
C ASN B 11 -23.33 -38.28 18.24
N GLU B 12 -23.77 -38.62 19.46
CA GLU B 12 -25.08 -39.24 19.61
C GLU B 12 -26.09 -38.28 20.21
N VAL B 13 -25.73 -37.65 21.33
CA VAL B 13 -26.65 -36.73 22.00
C VAL B 13 -26.78 -35.44 21.21
N PHE B 14 -25.69 -34.69 21.11
CA PHE B 14 -25.64 -33.52 20.25
C PHE B 14 -25.71 -33.94 18.80
N PRO B 15 -26.51 -33.28 18.01
CA PRO B 15 -26.91 -33.88 16.74
C PRO B 15 -26.06 -33.48 15.54
N GLU B 16 -26.21 -34.25 14.46
CA GLU B 16 -25.76 -33.87 13.14
C GLU B 16 -26.90 -34.16 12.17
N THR B 17 -26.80 -33.61 10.97
CA THR B 17 -27.93 -33.70 10.05
C THR B 17 -27.40 -33.78 8.62
N LYS B 18 -28.28 -33.56 7.65
CA LYS B 18 -27.90 -33.54 6.24
C LYS B 18 -27.44 -32.15 5.85
N LEU B 19 -27.24 -31.92 4.55
CA LEU B 19 -26.71 -30.65 4.03
C LEU B 19 -27.72 -29.54 4.28
N ASP B 20 -27.21 -28.40 4.76
CA ASP B 20 -27.95 -27.16 4.96
C ASP B 20 -29.09 -27.34 5.96
N LYS B 21 -28.72 -27.74 7.17
CA LYS B 21 -29.69 -27.74 8.25
C LYS B 21 -29.46 -26.59 9.22
N LYS B 22 -28.25 -26.46 9.75
CA LYS B 22 -27.92 -25.42 10.72
C LYS B 22 -27.86 -24.08 9.99
N LYS B 23 -28.90 -23.26 10.19
CA LYS B 23 -28.97 -21.97 9.53
C LYS B 23 -27.90 -21.02 10.04
N TYR B 24 -27.90 -20.77 11.35
CA TYR B 24 -26.90 -19.90 11.94
C TYR B 24 -25.58 -20.64 12.08
N UNK C 1 37.62 -44.54 19.21
CA UNK C 1 38.59 -43.46 19.34
C UNK C 1 38.15 -42.46 20.40
N UNK C 2 38.61 -41.22 20.27
CA UNK C 2 38.19 -40.06 21.07
C UNK C 2 38.43 -40.14 22.58
N UNK C 3 39.36 -39.33 23.06
CA UNK C 3 39.64 -39.25 24.49
C UNK C 3 39.31 -37.85 25.03
N UNK C 4 39.16 -37.76 26.35
CA UNK C 4 38.82 -36.48 26.99
C UNK C 4 40.08 -35.74 27.41
N UNK C 5 41.23 -36.28 27.05
CA UNK C 5 42.50 -35.62 27.29
C UNK C 5 43.10 -35.19 25.97
N UNK C 6 42.88 -35.99 24.93
CA UNK C 6 43.32 -35.69 23.58
C UNK C 6 42.53 -34.55 23.01
N UNK C 7 41.28 -34.45 23.45
CA UNK C 7 40.39 -33.37 23.06
C UNK C 7 40.89 -32.03 23.61
N UNK C 8 41.54 -32.09 24.77
CA UNK C 8 42.16 -30.89 25.35
C UNK C 8 43.39 -30.51 24.56
N UNK C 9 44.01 -31.51 23.93
CA UNK C 9 45.16 -31.27 23.07
C UNK C 9 44.69 -30.95 21.67
N UNK C 10 43.42 -31.25 21.38
CA UNK C 10 42.88 -31.03 20.06
C UNK C 10 42.59 -29.55 19.82
N UNK C 11 41.87 -28.94 20.77
CA UNK C 11 41.38 -27.58 20.59
C UNK C 11 42.49 -26.56 20.67
N UNK C 12 43.39 -26.72 21.63
CA UNK C 12 44.39 -25.71 21.90
C UNK C 12 45.47 -25.67 20.82
N UNK C 13 45.73 -26.82 20.21
CA UNK C 13 46.77 -26.91 19.19
C UNK C 13 46.26 -26.35 17.86
N UNK C 14 44.97 -26.49 17.63
CA UNK C 14 44.36 -26.05 16.39
C UNK C 14 44.35 -24.52 16.32
N UNK C 15 44.14 -23.88 17.47
CA UNK C 15 44.20 -22.43 17.56
C UNK C 15 45.65 -21.98 17.42
N UNK C 16 46.55 -22.82 17.92
CA UNK C 16 47.98 -22.61 17.72
C UNK C 16 48.33 -22.85 16.27
N UNK C 17 47.58 -23.74 15.62
CA UNK C 17 47.73 -23.96 14.19
C UNK C 17 46.92 -22.91 13.42
N UNK C 18 46.01 -22.25 14.12
CA UNK C 18 45.27 -21.16 13.51
C UNK C 18 46.15 -19.92 13.51
N UNK C 19 47.03 -19.85 14.48
CA UNK C 19 48.04 -18.80 14.52
C UNK C 19 49.00 -19.03 13.36
N UNK C 20 49.21 -20.29 13.02
CA UNK C 20 49.94 -20.65 11.83
C UNK C 20 49.11 -20.35 10.59
N UNK C 21 47.79 -20.49 10.72
CA UNK C 21 46.89 -20.19 9.61
C UNK C 21 46.76 -18.67 9.46
N UNK C 22 47.03 -17.96 10.55
CA UNK C 22 47.14 -16.50 10.53
C UNK C 22 48.40 -16.12 9.76
N UNK C 23 49.45 -16.90 9.96
CA UNK C 23 50.69 -16.73 9.22
C UNK C 23 50.51 -17.18 7.77
N UNK C 24 49.52 -18.05 7.57
CA UNK C 24 49.09 -18.44 6.22
C UNK C 24 48.07 -17.43 5.68
N UNK C 25 47.81 -16.39 6.46
CA UNK C 25 46.95 -15.32 6.02
C UNK C 25 47.70 -13.99 6.03
N UNK C 26 48.58 -13.78 7.00
CA UNK C 26 49.29 -12.50 7.13
C UNK C 26 50.32 -12.34 6.02
N UNK C 27 50.98 -13.44 5.67
CA UNK C 27 51.88 -13.45 4.54
C UNK C 27 51.04 -13.38 3.28
N UNK C 28 49.85 -13.98 3.34
CA UNK C 28 48.90 -13.93 2.24
C UNK C 28 48.28 -12.54 2.16
N UNK C 29 48.21 -11.85 3.30
CA UNK C 29 47.82 -10.44 3.31
C UNK C 29 48.94 -9.65 2.67
N UNK C 30 50.17 -10.05 2.99
CA UNK C 30 51.37 -9.43 2.42
C UNK C 30 51.50 -9.83 0.96
N UNK C 31 51.04 -11.03 0.61
CA UNK C 31 51.03 -11.46 -0.79
C UNK C 31 49.90 -10.76 -1.54
N UNK C 32 48.94 -10.24 -0.79
CA UNK C 32 47.87 -9.44 -1.37
C UNK C 32 48.31 -7.98 -1.46
N UNK C 33 48.98 -7.50 -0.41
CA UNK C 33 49.45 -6.12 -0.35
C UNK C 33 50.56 -5.85 -1.36
N UNK C 34 51.28 -6.89 -1.75
CA UNK C 34 52.32 -6.77 -2.76
C UNK C 34 51.73 -6.98 -4.15
N UNK C 35 50.44 -7.31 -4.21
CA UNK C 35 49.80 -7.59 -5.48
C UNK C 35 48.70 -6.58 -5.78
N UNK C 36 47.72 -6.48 -4.88
CA UNK C 36 46.52 -5.68 -5.11
C UNK C 36 46.81 -4.19 -5.14
N UNK C 37 47.87 -3.77 -4.45
CA UNK C 37 48.28 -2.38 -4.45
C UNK C 37 48.81 -1.98 -5.83
N UNK C 38 49.37 -2.96 -6.53
CA UNK C 38 49.85 -2.75 -7.90
C UNK C 38 48.94 -3.50 -8.89
N UNK C 39 47.67 -3.64 -8.53
CA UNK C 39 46.70 -4.24 -9.42
C UNK C 39 45.51 -3.30 -9.62
N UNK C 40 44.92 -2.87 -8.51
CA UNK C 40 43.79 -1.95 -8.56
C UNK C 40 44.25 -0.57 -8.99
N UNK C 41 45.49 -0.23 -8.64
CA UNK C 41 46.08 1.01 -9.09
C UNK C 41 46.54 0.82 -10.53
N UNK C 42 46.87 -0.42 -10.88
CA UNK C 42 47.30 -0.73 -12.23
C UNK C 42 46.11 -0.70 -13.18
N UNK C 43 44.93 -0.96 -12.64
CA UNK C 43 43.71 -0.83 -13.41
C UNK C 43 43.29 0.63 -13.41
N UNK C 44 43.75 1.37 -12.41
CA UNK C 44 43.41 2.78 -12.28
C UNK C 44 44.19 3.62 -13.29
N UNK C 45 45.34 3.10 -13.72
CA UNK C 45 46.17 3.76 -14.71
C UNK C 45 45.44 3.75 -16.05
N UNK C 46 44.75 2.66 -16.32
CA UNK C 46 43.97 2.57 -17.55
C UNK C 46 42.64 3.28 -17.37
N UNK C 47 42.18 3.39 -16.14
CA UNK C 47 40.86 3.95 -15.84
C UNK C 47 40.81 5.47 -16.06
N UNK C 48 41.76 6.18 -15.46
CA UNK C 48 41.83 7.63 -15.55
C UNK C 48 42.14 8.09 -16.98
N UNK C 49 42.92 7.28 -17.68
CA UNK C 49 43.25 7.54 -19.08
C UNK C 49 42.01 7.37 -19.96
N UNK C 50 41.26 6.31 -19.71
CA UNK C 50 40.04 6.05 -20.46
C UNK C 50 38.93 7.04 -20.10
N UNK C 51 38.97 7.54 -18.87
CA UNK C 51 37.99 8.53 -18.41
C UNK C 51 38.26 9.87 -19.06
N UNK C 52 39.51 10.12 -19.41
CA UNK C 52 39.88 11.34 -20.12
C UNK C 52 39.79 11.11 -21.63
N UNK C 53 39.90 9.86 -22.05
CA UNK C 53 39.77 9.51 -23.46
C UNK C 53 38.31 9.60 -23.88
N UNK C 54 37.41 9.28 -22.93
CA UNK C 54 35.99 9.46 -23.15
C UNK C 54 35.64 10.94 -22.98
N UNK C 55 36.50 11.67 -22.27
CA UNK C 55 36.35 13.11 -22.13
C UNK C 55 37.01 13.83 -23.31
N UNK C 56 37.93 13.14 -23.97
CA UNK C 56 38.56 13.65 -25.18
C UNK C 56 37.54 13.74 -26.29
N UNK C 57 36.70 12.71 -26.39
CA UNK C 57 35.59 12.72 -27.32
C UNK C 57 34.51 13.67 -26.82
N UNK C 58 34.45 13.86 -25.50
CA UNK C 58 33.47 14.77 -24.90
C UNK C 58 33.98 16.21 -24.89
N UNK C 59 35.24 16.38 -25.30
CA UNK C 59 35.76 17.69 -25.63
C UNK C 59 35.58 17.89 -27.13
N UNK C 60 35.32 16.79 -27.82
CA UNK C 60 35.10 16.80 -29.26
C UNK C 60 33.61 16.78 -29.57
N UNK C 61 32.80 16.33 -28.61
CA UNK C 61 31.34 16.34 -28.77
C UNK C 61 30.81 17.74 -28.50
N UNK C 62 31.59 18.52 -27.76
CA UNK C 62 31.22 19.90 -27.46
C UNK C 62 31.33 20.76 -28.73
N UNK C 63 32.55 21.23 -29.01
CA UNK C 63 32.79 22.05 -30.20
C UNK C 63 32.87 21.17 -31.45
N ALA D 1 8.89 -44.15 -0.84
CA ALA D 1 9.48 -43.03 -0.12
C ALA D 1 8.38 -42.15 0.45
N SER D 2 7.13 -42.48 0.15
CA SER D 2 6.01 -41.70 0.65
C SER D 2 5.75 -42.00 2.13
N VAL D 3 5.92 -43.26 2.53
CA VAL D 3 5.78 -43.61 3.95
C VAL D 3 7.01 -43.17 4.73
N VAL D 4 8.09 -42.81 4.03
CA VAL D 4 9.25 -42.24 4.71
C VAL D 4 9.00 -40.78 5.05
N PRO D 5 8.56 -39.93 4.12
CA PRO D 5 8.34 -38.52 4.50
C PRO D 5 7.09 -38.32 5.32
N LEU D 6 6.11 -39.21 5.22
CA LEU D 6 4.91 -39.07 6.03
C LEU D 6 5.19 -39.43 7.48
N LYS D 7 6.18 -40.29 7.72
CA LYS D 7 6.53 -40.64 9.10
C LYS D 7 7.57 -39.68 9.66
N ASP D 8 7.89 -38.62 8.91
CA ASP D 8 8.71 -37.56 9.47
C ASP D 8 7.85 -36.53 10.18
N ARG D 9 6.75 -36.12 9.54
CA ARG D 9 5.88 -35.10 10.13
C ARG D 9 5.11 -35.68 11.31
N ARG D 10 4.73 -36.95 11.24
CA ARG D 10 4.00 -37.56 12.34
C ARG D 10 4.92 -37.87 13.51
N LEU D 11 6.23 -37.71 13.33
CA LEU D 11 7.14 -37.73 14.46
C LEU D 11 7.45 -36.33 14.95
N LEU D 12 7.46 -35.34 14.05
CA LEU D 12 7.76 -33.97 14.44
C LEU D 12 6.49 -33.19 14.76
N GLU D 13 5.36 -33.89 14.77
CA GLU D 13 4.16 -33.30 15.37
C GLU D 13 3.92 -33.84 16.76
N VAL D 14 3.84 -35.16 16.91
CA VAL D 14 3.33 -35.75 18.16
C VAL D 14 4.35 -35.63 19.28
N LYS D 15 5.57 -35.18 18.98
CA LYS D 15 6.54 -34.93 20.03
C LYS D 15 6.52 -33.48 20.49
N LEU D 16 6.72 -32.55 19.56
CA LEU D 16 6.96 -31.15 19.91
C LEU D 16 5.83 -30.25 19.43
N GLY D 17 4.59 -30.67 19.60
CA GLY D 17 3.44 -29.84 19.30
C GLY D 17 2.48 -30.39 18.26
N GLU D 18 1.32 -30.89 18.69
CA GLU D 18 0.89 -30.77 20.08
C GLU D 18 0.23 -32.00 20.69
N LEU D 19 0.28 -33.15 20.00
CA LEU D 19 -0.22 -34.44 20.48
C LEU D 19 -1.70 -34.43 20.88
N PRO D 20 -2.61 -34.53 19.90
CA PRO D 20 -4.05 -34.40 20.19
C PRO D 20 -4.72 -35.55 20.95
N SER D 21 -6.04 -35.41 21.09
CA SER D 21 -6.96 -36.29 21.82
C SER D 21 -7.46 -37.42 20.93
N TRP D 22 -8.72 -37.83 21.15
CA TRP D 22 -9.41 -39.00 20.57
C TRP D 22 -8.85 -40.31 21.09
N ILE D 23 -9.33 -40.68 22.28
CA ILE D 23 -8.94 -41.82 23.11
C ILE D 23 -8.78 -43.10 22.29
N LEU D 24 -7.83 -43.93 22.75
CA LEU D 24 -6.75 -44.64 22.04
C LEU D 24 -5.58 -43.68 21.88
N MET D 25 -5.75 -42.45 22.34
CA MET D 25 -4.69 -41.46 22.40
C MET D 25 -4.89 -40.54 23.60
N ARG D 26 -5.72 -40.97 24.55
CA ARG D 26 -6.13 -40.07 25.63
C ARG D 26 -4.96 -39.75 26.58
N ASP D 27 -4.23 -40.79 27.00
CA ASP D 27 -3.03 -40.53 27.77
C ASP D 27 -1.91 -40.06 26.85
N PHE D 28 -2.03 -40.32 25.54
CA PHE D 28 -1.10 -39.72 24.59
C PHE D 28 -1.41 -38.24 24.41
N THR D 29 -2.66 -37.85 24.59
CA THR D 29 -2.99 -36.43 24.60
C THR D 29 -2.39 -35.73 25.79
N PRO D 30 -2.44 -36.28 27.01
CA PRO D 30 -1.81 -35.58 28.13
C PRO D 30 -0.29 -35.68 28.10
N SER D 31 0.26 -36.52 27.23
CA SER D 31 1.70 -36.54 27.04
C SER D 31 2.18 -35.24 26.44
N GLY D 32 1.33 -34.58 25.67
CA GLY D 32 1.64 -33.25 25.21
C GLY D 32 1.24 -32.18 26.20
N ILE D 33 0.53 -32.57 27.27
CA ILE D 33 0.11 -31.57 28.25
C ILE D 33 1.28 -31.11 29.09
N ALA D 34 2.13 -32.04 29.50
CA ALA D 34 3.46 -31.62 29.96
C ALA D 34 4.25 -31.07 28.79
N GLY D 35 4.17 -31.73 27.65
CA GLY D 35 4.83 -31.29 26.44
C GLY D 35 6.32 -31.61 26.40
N ALA D 36 6.88 -31.71 25.20
CA ALA D 36 8.31 -31.71 25.00
C ALA D 36 8.84 -30.30 24.76
N PHE D 37 8.06 -29.29 25.14
CA PHE D 37 8.49 -27.91 24.99
C PHE D 37 9.65 -27.60 25.93
N GLN D 38 9.72 -28.30 27.07
CA GLN D 38 10.90 -28.20 27.92
C GLN D 38 12.13 -28.75 27.22
N ARG D 39 11.94 -29.74 26.35
CA ARG D 39 13.03 -30.21 25.52
C ARG D 39 13.32 -29.22 24.40
N GLY D 40 12.29 -28.56 23.89
CA GLY D 40 12.51 -27.65 22.78
C GLY D 40 13.04 -26.31 23.21
N TYR D 41 13.14 -26.08 24.52
CA TYR D 41 13.30 -24.73 25.04
C TYR D 41 14.72 -24.21 24.86
N TYR D 42 15.71 -25.09 25.00
CA TYR D 42 17.05 -24.63 25.37
C TYR D 42 17.80 -24.05 24.19
N ARG D 43 17.17 -23.98 23.01
CA ARG D 43 17.93 -23.59 21.84
C ARG D 43 18.09 -22.07 21.75
N TYR D 44 17.09 -21.30 22.20
CA TYR D 44 17.21 -19.89 21.85
C TYR D 44 18.13 -19.13 22.81
N TYR D 45 17.63 -18.69 23.96
CA TYR D 45 18.43 -18.63 25.17
C TYR D 45 17.64 -19.14 26.37
N ASN D 46 16.61 -18.37 26.73
CA ASN D 46 15.54 -18.76 27.64
C ASN D 46 14.22 -18.09 27.25
N LYS D 47 14.31 -16.99 26.48
CA LYS D 47 13.35 -15.90 26.47
C LYS D 47 11.96 -16.21 25.94
N TYR D 48 11.83 -17.11 24.96
CA TYR D 48 10.52 -17.47 24.45
C TYR D 48 9.84 -18.43 25.43
N VAL D 49 9.37 -17.91 26.55
CA VAL D 49 8.92 -18.73 27.67
C VAL D 49 7.42 -18.98 27.57
N ASN D 50 6.76 -18.30 26.63
CA ASN D 50 5.30 -18.30 26.56
C ASN D 50 4.73 -19.52 25.85
N VAL D 51 5.53 -20.57 25.68
CA VAL D 51 5.15 -21.70 24.83
C VAL D 51 4.17 -22.65 25.50
N LYS D 52 3.62 -22.28 26.67
CA LYS D 52 2.87 -23.21 27.51
C LYS D 52 1.59 -23.69 26.86
N LYS D 53 0.75 -22.76 26.42
CA LYS D 53 -0.43 -23.12 25.66
C LYS D 53 -0.51 -22.42 24.31
N GLY D 54 0.21 -21.33 24.10
CA GLY D 54 0.53 -20.93 22.75
C GLY D 54 1.98 -21.25 22.48
N SER D 55 2.26 -22.39 21.83
CA SER D 55 3.61 -22.97 21.83
C SER D 55 4.50 -22.42 20.73
N VAL D 56 5.52 -21.66 21.13
CA VAL D 56 6.38 -20.99 20.16
C VAL D 56 7.33 -22.00 19.53
N ALA D 57 7.98 -22.82 20.35
CA ALA D 57 9.03 -23.71 19.86
C ALA D 57 8.45 -24.84 19.02
N GLY D 58 7.15 -25.10 19.16
CA GLY D 58 6.50 -25.99 18.22
C GLY D 58 6.38 -25.39 16.84
N LEU D 59 6.09 -24.10 16.75
CA LEU D 59 5.87 -23.51 15.43
C LEU D 59 7.16 -22.89 14.90
N SER D 60 7.97 -22.27 15.75
CA SER D 60 9.06 -21.44 15.26
C SER D 60 10.24 -22.26 14.75
N MET D 61 10.12 -23.58 14.73
CA MET D 61 11.16 -24.41 14.12
C MET D 61 10.89 -24.63 12.64
N VAL D 62 9.63 -24.81 12.26
CA VAL D 62 9.29 -24.93 10.84
C VAL D 62 9.61 -23.64 10.10
N LEU D 63 9.26 -22.50 10.69
CA LEU D 63 9.53 -21.22 10.05
C LEU D 63 11.01 -20.88 10.08
N ALA D 64 11.78 -21.50 10.98
CA ALA D 64 13.22 -21.33 10.91
C ALA D 64 13.81 -22.31 9.89
N ALA D 65 13.07 -23.36 9.56
CA ALA D 65 13.53 -24.28 8.52
C ALA D 65 13.21 -23.74 7.14
N TYR D 66 12.09 -23.02 7.01
CA TYR D 66 11.68 -22.50 5.71
C TYR D 66 12.50 -21.28 5.31
N VAL D 67 13.18 -20.65 6.27
CA VAL D 67 14.06 -19.54 5.91
C VAL D 67 15.38 -20.07 5.34
N VAL D 68 16.01 -21.01 6.03
CA VAL D 68 17.32 -21.48 5.59
C VAL D 68 17.19 -22.37 4.36
N PHE D 69 15.99 -22.89 4.10
CA PHE D 69 15.74 -23.58 2.85
C PHE D 69 15.64 -22.59 1.69
N ASN D 70 15.15 -21.39 1.96
CA ASN D 70 15.08 -20.39 0.90
C ASN D 70 16.32 -19.53 0.86
N TYR D 71 17.27 -19.75 1.76
CA TYR D 71 18.54 -19.06 1.63
C TYR D 71 19.40 -19.72 0.56
N CYS D 72 19.10 -20.97 0.23
CA CYS D 72 19.93 -21.69 -0.73
C CYS D 72 19.69 -21.22 -2.17
N ARG D 73 18.43 -20.94 -2.52
CA ARG D 73 18.12 -20.50 -3.88
C ARG D 73 18.65 -19.11 -4.14
N SER D 74 18.65 -18.27 -3.12
CA SER D 74 19.08 -16.88 -3.31
C SER D 74 20.59 -16.77 -3.37
N TYR D 75 21.30 -17.85 -3.01
CA TYR D 75 22.75 -17.75 -2.82
C TYR D 75 23.48 -17.54 -4.13
N LYS D 76 22.95 -18.10 -5.22
CA LYS D 76 23.59 -17.99 -6.51
C LYS D 76 23.56 -16.56 -7.04
N GLU D 77 22.52 -15.80 -6.67
CA GLU D 77 22.32 -14.49 -7.27
C GLU D 77 23.11 -13.41 -6.55
N LEU D 78 23.14 -13.44 -5.23
CA LEU D 78 23.72 -12.36 -4.43
C LEU D 78 25.11 -12.71 -3.90
N LYS D 79 25.95 -13.28 -4.76
CA LYS D 79 27.30 -13.77 -4.48
C LYS D 79 28.19 -12.83 -3.63
N HIS D 80 28.62 -11.68 -4.17
CA HIS D 80 29.22 -10.53 -3.47
C HIS D 80 30.55 -10.82 -2.77
N GLU D 81 30.98 -12.07 -2.73
CA GLU D 81 32.13 -12.44 -1.92
C GLU D 81 33.43 -12.24 -2.67
N ARG D 82 34.41 -11.65 -1.99
CA ARG D 82 35.71 -11.41 -2.59
C ARG D 82 36.57 -12.67 -2.54
N LEU D 83 37.86 -12.49 -2.77
CA LEU D 83 38.83 -13.59 -2.69
C LEU D 83 39.37 -13.74 -1.27
N ARG D 84 38.43 -13.77 -0.33
CA ARG D 84 38.73 -13.76 1.10
C ARG D 84 37.50 -14.16 1.88
N LYS D 85 37.56 -13.90 3.17
CA LYS D 85 36.42 -14.06 4.07
C LYS D 85 36.05 -12.70 4.66
N TYR D 86 34.88 -12.65 5.30
CA TYR D 86 34.43 -11.41 5.91
C TYR D 86 35.06 -11.24 7.29
N HIS D 87 34.65 -10.17 7.97
CA HIS D 87 35.09 -9.90 9.34
C HIS D 87 34.65 -10.99 10.30
N UNK E 1 50.80 -17.18 34.84
CA UNK E 1 51.82 -17.36 35.87
C UNK E 1 52.86 -18.39 35.43
N UNK E 2 53.96 -18.48 36.18
CA UNK E 2 54.97 -19.49 35.93
C UNK E 2 54.43 -20.84 36.38
N UNK E 3 53.61 -20.81 37.42
CA UNK E 3 52.90 -21.98 37.91
C UNK E 3 51.75 -22.32 36.96
N UNK E 4 51.33 -21.31 36.20
CA UNK E 4 50.34 -21.52 35.14
C UNK E 4 51.05 -21.72 33.79
N UNK E 5 52.36 -21.90 33.84
CA UNK E 5 53.16 -22.18 32.65
C UNK E 5 53.70 -23.61 32.68
N UNK E 6 54.22 -24.00 33.84
CA UNK E 6 54.78 -25.33 34.01
C UNK E 6 53.67 -26.38 34.08
N UNK E 7 52.52 -25.98 34.60
CA UNK E 7 51.35 -26.87 34.69
C UNK E 7 50.77 -27.12 33.31
N UNK E 8 50.96 -26.18 32.41
CA UNK E 8 50.55 -26.35 31.02
C UNK E 8 51.41 -27.42 30.37
N UNK E 9 52.71 -27.37 30.65
CA UNK E 9 53.64 -28.35 30.12
C UNK E 9 53.49 -29.68 30.85
N UNK E 10 53.06 -29.60 32.10
CA UNK E 10 52.79 -30.81 32.87
C UNK E 10 51.54 -31.49 32.34
N UNK E 11 50.56 -30.67 31.94
CA UNK E 11 49.36 -31.18 31.32
C UNK E 11 49.70 -31.72 29.95
N UNK E 12 50.62 -31.03 29.26
CA UNK E 12 51.07 -31.43 27.93
C UNK E 12 51.80 -32.77 27.98
N UNK E 13 52.52 -32.99 29.07
CA UNK E 13 53.14 -34.29 29.30
C UNK E 13 52.05 -35.30 29.65
N UNK E 14 51.06 -34.85 30.42
CA UNK E 14 49.97 -35.71 30.84
C UNK E 14 49.06 -36.05 29.68
N UNK E 15 48.90 -35.10 28.76
CA UNK E 15 48.08 -35.33 27.59
C UNK E 15 48.77 -36.30 26.64
N UNK E 16 50.00 -35.97 26.27
CA UNK E 16 50.75 -36.71 25.24
C UNK E 16 51.05 -38.14 25.67
N UNK E 17 51.10 -38.38 26.98
CA UNK E 17 51.22 -39.73 27.49
C UNK E 17 49.95 -40.52 27.18
N UNK E 18 48.82 -39.84 27.24
CA UNK E 18 47.53 -40.49 26.98
C UNK E 18 47.10 -40.29 25.53
N UNK E 19 47.57 -39.23 24.90
CA UNK E 19 47.20 -38.93 23.52
C UNK E 19 47.86 -39.90 22.58
N UNK E 20 49.16 -40.09 22.74
CA UNK E 20 49.90 -41.02 21.92
C UNK E 20 49.52 -42.45 22.26
N UNK E 21 49.00 -42.66 23.46
CA UNK E 21 48.41 -43.93 23.84
C UNK E 21 47.13 -44.16 23.05
N UNK E 22 46.42 -43.07 22.74
CA UNK E 22 45.12 -43.16 22.09
C UNK E 22 45.19 -43.01 20.58
N UNK E 23 46.04 -42.10 20.12
CA UNK E 23 46.16 -41.81 18.68
C UNK E 23 46.76 -42.99 17.94
N UNK E 24 47.70 -43.69 18.59
CA UNK E 24 48.30 -44.86 18.01
C UNK E 24 47.32 -46.03 18.06
N UNK E 25 46.52 -46.07 19.12
CA UNK E 25 45.53 -47.13 19.29
C UNK E 25 44.41 -46.99 18.27
N UNK E 26 44.06 -45.74 17.98
CA UNK E 26 43.05 -45.45 16.95
C UNK E 26 43.62 -45.76 15.57
N UNK E 27 44.91 -45.51 15.41
CA UNK E 27 45.62 -45.84 14.18
C UNK E 27 45.67 -47.36 14.02
N UNK E 28 45.86 -48.05 15.15
CA UNK E 28 45.84 -49.51 15.17
C UNK E 28 44.44 -50.05 14.99
N UNK E 29 43.45 -49.28 15.43
CA UNK E 29 42.04 -49.64 15.28
C UNK E 29 41.66 -49.63 13.81
N UNK E 30 42.31 -48.75 13.05
CA UNK E 30 42.17 -48.75 11.61
C UNK E 30 43.05 -49.84 11.00
N UNK E 31 44.23 -50.03 11.57
CA UNK E 31 45.24 -50.91 11.00
C UNK E 31 44.87 -52.38 11.03
N UNK E 32 44.41 -52.85 12.18
CA UNK E 32 44.05 -54.26 12.34
C UNK E 32 42.77 -54.58 11.58
N UNK E 33 41.92 -53.57 11.40
CA UNK E 33 40.68 -53.75 10.67
C UNK E 33 40.93 -53.79 9.17
N UNK E 34 41.66 -52.80 8.67
CA UNK E 34 41.85 -52.64 7.23
C UNK E 34 43.16 -53.23 6.72
N UNK E 35 43.61 -54.33 7.34
CA UNK E 35 44.81 -55.01 6.88
C UNK E 35 44.45 -56.06 5.84
N UNK E 36 43.18 -56.44 5.80
CA UNK E 36 42.70 -57.48 4.90
C UNK E 36 42.49 -56.96 3.49
N UNK E 37 41.72 -55.87 3.37
CA UNK E 37 41.35 -55.22 2.11
C UNK E 37 40.67 -56.16 1.10
N UNK E 38 39.34 -56.26 1.13
CA UNK E 38 38.47 -55.50 2.03
C UNK E 38 37.38 -56.39 2.63
N UNK E 39 37.02 -56.11 3.87
CA UNK E 39 35.96 -56.85 4.56
C UNK E 39 35.34 -56.00 5.67
N UNK E 40 36.14 -55.05 6.16
CA UNK E 40 35.76 -54.04 7.15
C UNK E 40 35.27 -54.58 8.50
N UNK E 41 34.93 -53.64 9.38
CA UNK E 41 34.38 -53.96 10.69
C UNK E 41 33.28 -52.96 11.02
N UNK E 42 32.31 -52.84 10.12
CA UNK E 42 31.24 -51.86 10.23
C UNK E 42 30.23 -52.24 11.29
N UNK E 43 29.31 -51.32 11.56
CA UNK E 43 28.22 -51.58 12.50
C UNK E 43 27.07 -52.24 11.76
N UNK E 44 27.31 -53.48 11.30
CA UNK E 44 26.39 -54.29 10.49
C UNK E 44 25.88 -53.57 9.24
N UNK E 45 26.78 -53.32 8.30
CA UNK E 45 26.44 -52.59 7.08
C UNK E 45 25.63 -53.43 6.11
N UNK E 46 24.37 -53.07 5.93
CA UNK E 46 23.48 -53.79 5.04
C UNK E 46 22.41 -52.84 4.52
N UNK E 47 22.32 -51.69 5.20
CA UNK E 47 21.41 -50.58 4.88
C UNK E 47 19.96 -51.00 4.79
N UNK E 48 19.29 -51.12 5.95
CA UNK E 48 17.84 -51.37 6.06
C UNK E 48 17.31 -52.57 5.28
N UNK E 49 17.80 -53.77 5.59
CA UNK E 49 17.42 -54.98 4.86
C UNK E 49 16.37 -55.82 5.60
N UNK E 50 16.84 -56.74 6.44
CA UNK E 50 15.95 -57.65 7.15
C UNK E 50 15.98 -57.44 8.65
N UNK E 51 17.12 -56.97 9.16
CA UNK E 51 17.24 -56.63 10.57
C UNK E 51 16.61 -55.27 10.81
N UNK E 52 15.83 -55.15 11.88
CA UNK E 52 15.19 -53.90 12.23
C UNK E 52 16.07 -53.08 13.16
N UNK E 53 17.27 -53.56 13.42
CA UNK E 53 18.23 -52.87 14.27
C UNK E 53 19.14 -51.96 13.44
N UNK E 54 18.68 -51.58 12.26
CA UNK E 54 19.40 -50.65 11.41
C UNK E 54 18.80 -49.25 11.55
N UNK E 55 18.08 -49.05 12.64
CA UNK E 55 17.62 -47.73 13.03
C UNK E 55 18.38 -47.37 14.29
N UNK E 56 18.55 -48.38 15.14
CA UNK E 56 19.35 -48.24 16.35
C UNK E 56 20.81 -48.09 15.97
N UNK E 57 21.23 -48.83 14.95
CA UNK E 57 22.58 -48.67 14.40
C UNK E 57 22.66 -47.39 13.60
N UNK E 58 21.52 -46.87 13.17
CA UNK E 58 21.44 -45.57 12.52
C UNK E 58 21.39 -44.47 13.57
N UNK E 59 21.34 -44.88 14.83
CA UNK E 59 21.56 -43.97 15.93
C UNK E 59 22.85 -44.33 16.65
N UNK E 60 23.48 -45.43 16.24
CA UNK E 60 24.75 -45.84 16.83
C UNK E 60 25.92 -45.45 15.93
N UNK E 61 25.61 -45.19 14.65
CA UNK E 61 26.63 -44.75 13.71
C UNK E 61 27.02 -43.32 14.02
N UNK E 62 26.02 -42.45 14.01
CA UNK E 62 26.24 -41.01 14.22
C UNK E 62 26.55 -40.67 15.67
N UNK E 63 26.32 -41.61 16.58
CA UNK E 63 26.73 -41.40 17.97
C UNK E 63 28.15 -41.93 18.13
N UNK E 64 28.56 -42.79 17.22
CA UNK E 64 29.96 -43.14 17.12
C UNK E 64 30.63 -42.02 16.34
N UNK E 65 29.84 -41.35 15.50
CA UNK E 65 30.33 -40.20 14.77
C UNK E 65 29.95 -38.92 15.50
N UNK E 66 29.64 -39.04 16.79
CA UNK E 66 29.38 -37.89 17.64
C UNK E 66 30.69 -37.24 18.00
N UNK E 67 31.75 -38.03 17.88
CA UNK E 67 33.10 -37.54 18.01
C UNK E 67 33.39 -36.61 16.85
N UNK E 68 32.87 -36.96 15.68
CA UNK E 68 33.17 -36.23 14.45
C UNK E 68 32.59 -34.83 14.47
N UNK E 69 31.41 -34.68 15.06
CA UNK E 69 30.81 -33.37 15.24
C UNK E 69 31.67 -32.59 16.20
N UNK E 70 32.12 -33.27 17.25
CA UNK E 70 33.03 -32.68 18.21
C UNK E 70 34.41 -32.50 17.61
N UNK E 71 34.74 -33.30 16.59
CA UNK E 71 35.98 -33.11 15.87
C UNK E 71 35.88 -31.86 15.03
N UNK E 72 34.68 -31.60 14.53
CA UNK E 72 34.42 -30.41 13.76
C UNK E 72 34.29 -29.21 14.69
N UNK E 73 34.07 -29.47 15.97
CA UNK E 73 34.00 -28.42 16.99
C UNK E 73 35.37 -27.88 17.36
N UNK E 74 36.41 -28.53 16.87
CA UNK E 74 37.76 -28.03 16.99
C UNK E 74 38.11 -27.27 15.73
N UNK E 75 37.83 -27.92 14.60
CA UNK E 75 38.26 -27.44 13.29
C UNK E 75 37.59 -26.14 12.89
N UNK E 76 36.41 -25.90 13.44
CA UNK E 76 35.66 -24.69 13.15
C UNK E 76 36.29 -23.49 13.85
N UNK E 77 37.03 -23.76 14.92
CA UNK E 77 37.71 -22.72 15.65
C UNK E 77 38.98 -22.30 14.94
N UNK E 78 39.49 -23.20 14.09
CA UNK E 78 40.72 -22.96 13.35
C UNK E 78 40.55 -21.81 12.36
N UNK E 79 39.62 -21.95 11.43
CA UNK E 79 39.36 -20.92 10.42
C UNK E 79 38.75 -19.67 11.04
N UNK E 80 38.20 -19.82 12.25
CA UNK E 80 37.65 -18.73 13.02
C UNK E 80 38.71 -17.68 13.36
N UNK E 81 39.67 -18.07 14.19
CA UNK E 81 40.66 -17.13 14.69
C UNK E 81 41.75 -16.85 13.66
N UNK E 82 41.75 -17.62 12.58
CA UNK E 82 42.78 -17.53 11.55
C UNK E 82 42.86 -16.19 10.85
N UNK E 83 41.73 -15.66 10.39
CA UNK E 83 41.73 -14.39 9.68
C UNK E 83 41.99 -13.26 10.66
N UNK E 84 41.55 -13.46 11.90
CA UNK E 84 41.70 -12.52 13.02
C UNK E 84 41.14 -11.15 12.71
CA GLN F 1 -8.56 -41.20 -4.78
C GLN F 1 -9.68 -40.90 -3.80
N PHE F 2 -9.32 -40.41 -2.62
CA PHE F 2 -10.32 -39.94 -1.67
C PHE F 2 -10.20 -38.44 -1.45
N GLN F 3 -9.59 -37.74 -2.39
CA GLN F 3 -9.65 -36.28 -2.45
C GLN F 3 -10.84 -35.87 -3.31
N PHE F 4 -11.75 -36.81 -3.57
CA PHE F 4 -12.96 -36.56 -4.35
C PHE F 4 -14.23 -36.67 -3.53
N THR F 5 -14.49 -37.82 -2.90
CA THR F 5 -15.81 -38.07 -2.35
C THR F 5 -16.03 -37.35 -1.03
N GLY F 6 -14.98 -36.75 -0.48
CA GLY F 6 -15.18 -35.84 0.62
C GLY F 6 -15.81 -34.54 0.16
N ILE F 7 -15.47 -34.09 -1.04
CA ILE F 7 -15.96 -32.84 -1.58
C ILE F 7 -16.69 -33.03 -2.91
N LYS F 8 -17.30 -34.20 -3.13
CA LYS F 8 -17.98 -34.41 -4.41
C LYS F 8 -19.41 -33.90 -4.35
N LYS F 9 -19.99 -33.84 -3.15
CA LYS F 9 -21.29 -33.23 -3.00
C LYS F 9 -21.22 -31.72 -3.20
N TYR F 10 -20.04 -31.15 -2.98
CA TYR F 10 -19.85 -29.71 -3.14
C TYR F 10 -19.69 -29.33 -4.59
N PHE F 11 -19.10 -30.22 -5.40
CA PHE F 11 -18.65 -29.83 -6.73
C PHE F 11 -19.81 -29.56 -7.66
N ASN F 12 -20.66 -30.57 -7.91
CA ASN F 12 -21.76 -30.41 -8.86
C ASN F 12 -22.85 -29.48 -8.33
N SER F 13 -22.75 -29.05 -7.07
CA SER F 13 -23.53 -27.91 -6.59
C SER F 13 -23.11 -26.62 -7.24
N TYR F 14 -21.85 -26.20 -7.06
CA TYR F 14 -21.44 -24.88 -7.47
C TYR F 14 -20.49 -24.85 -8.67
N THR F 15 -20.01 -26.00 -9.16
CA THR F 15 -19.16 -25.95 -10.36
C THR F 15 -19.98 -25.74 -11.62
N LEU F 16 -21.32 -25.73 -11.48
CA LEU F 16 -22.19 -25.36 -12.59
C LEU F 16 -21.92 -23.94 -13.02
N THR F 17 -21.53 -23.08 -12.09
CA THR F 17 -21.15 -21.72 -12.46
C THR F 17 -19.69 -21.46 -12.15
N GLY F 18 -19.15 -22.20 -11.19
CA GLY F 18 -17.81 -21.91 -10.71
C GLY F 18 -16.73 -22.48 -11.62
N ARG F 19 -17.05 -23.57 -12.32
CA ARG F 19 -16.09 -24.21 -13.22
C ARG F 19 -16.26 -23.70 -14.64
N MET F 20 -16.12 -22.39 -14.78
CA MET F 20 -16.13 -21.70 -16.05
C MET F 20 -14.76 -21.10 -16.34
N ASN F 21 -13.72 -21.90 -16.14
CA ASN F 21 -12.36 -21.43 -16.40
C ASN F 21 -12.06 -21.33 -17.90
N CYS F 22 -13.03 -21.70 -18.74
CA CYS F 22 -12.87 -21.58 -20.19
C CYS F 22 -12.68 -20.12 -20.60
N VAL F 23 -13.39 -19.20 -19.95
CA VAL F 23 -13.19 -17.78 -20.19
C VAL F 23 -11.80 -17.37 -19.72
N LEU F 24 -11.35 -17.95 -18.60
CA LEU F 24 -9.97 -17.79 -18.19
C LEU F 24 -9.03 -18.48 -19.17
N ALA F 25 -9.46 -19.62 -19.74
CA ALA F 25 -8.62 -20.31 -20.71
C ALA F 25 -8.56 -19.55 -22.02
N THR F 26 -9.67 -18.94 -22.43
CA THR F 26 -9.65 -18.17 -23.66
C THR F 26 -8.91 -16.85 -23.46
N TYR F 27 -9.14 -16.18 -22.33
CA TYR F 27 -8.39 -14.95 -22.06
C TYR F 27 -6.94 -15.26 -21.70
N GLY F 28 -6.66 -16.50 -21.29
CA GLY F 28 -5.28 -16.90 -21.13
C GLY F 28 -4.62 -17.28 -22.44
N GLY F 29 -5.32 -18.07 -23.26
CA GLY F 29 -4.73 -18.58 -24.48
C GLY F 29 -4.47 -17.49 -25.51
N ILE F 30 -5.33 -16.48 -25.55
CA ILE F 30 -5.09 -15.32 -26.40
C ILE F 30 -3.92 -14.51 -25.84
N ALA F 31 -3.78 -14.50 -24.52
CA ALA F 31 -2.67 -13.77 -23.91
C ALA F 31 -1.34 -14.47 -24.15
N LEU F 32 -1.39 -15.74 -24.56
CA LEU F 32 -0.18 -16.42 -25.02
C LEU F 32 0.26 -15.91 -26.38
N LEU F 33 -0.69 -15.44 -27.18
CA LEU F 33 -0.43 -15.24 -28.59
C LEU F 33 0.32 -13.95 -28.85
N VAL F 34 0.09 -12.91 -28.04
CA VAL F 34 0.71 -11.62 -28.34
C VAL F 34 2.17 -11.62 -27.92
N LEU F 35 2.54 -12.52 -26.99
CA LEU F 35 3.91 -12.48 -26.49
C LEU F 35 4.83 -13.34 -27.33
N TYR F 36 4.30 -14.39 -27.94
CA TYR F 36 5.09 -15.13 -28.92
C TYR F 36 5.22 -14.31 -30.21
N PHE F 37 4.30 -13.39 -30.44
CA PHE F 37 4.31 -12.63 -31.68
C PHE F 37 5.29 -11.47 -31.62
N LYS F 38 5.44 -10.85 -30.45
CA LYS F 38 6.34 -9.72 -30.33
C LYS F 38 7.79 -10.19 -30.31
N LEU F 39 8.04 -11.40 -29.84
CA LEU F 39 9.40 -11.94 -29.88
C LEU F 39 9.71 -12.50 -31.26
N ARG F 40 8.67 -12.79 -32.05
CA ARG F 40 8.88 -13.18 -33.44
C ARG F 40 9.32 -11.99 -34.27
N SER F 41 8.74 -10.82 -34.01
CA SER F 41 9.17 -9.61 -34.71
C SER F 41 10.29 -8.91 -33.96
N LYS F 42 10.66 -9.43 -32.78
CA LYS F 42 11.75 -8.93 -31.93
C LYS F 42 11.64 -7.45 -31.56
N UNK G 1 -42.89 11.43 -24.25
CA UNK G 1 -43.29 10.04 -24.19
C UNK G 1 -42.72 9.34 -22.97
N UNK G 2 -42.96 9.91 -21.79
CA UNK G 2 -42.64 9.23 -20.55
C UNK G 2 -43.67 8.12 -20.35
N UNK G 3 -43.20 6.95 -19.92
CA UNK G 3 -44.01 5.73 -19.74
C UNK G 3 -44.79 5.30 -20.99
N UNK G 4 -44.25 5.61 -22.17
CA UNK G 4 -44.78 5.09 -23.43
C UNK G 4 -44.15 3.72 -23.67
N UNK G 5 -42.82 3.72 -23.79
CA UNK G 5 -42.02 2.53 -23.55
C UNK G 5 -41.76 2.55 -22.07
N UNK G 6 -42.68 1.94 -21.33
CA UNK G 6 -42.83 2.16 -19.90
C UNK G 6 -41.73 1.53 -19.04
N UNK G 7 -41.98 1.47 -17.74
CA UNK G 7 -41.05 0.90 -16.78
C UNK G 7 -41.01 -0.63 -16.94
N UNK G 8 -41.66 -1.35 -16.02
CA UNK G 8 -41.84 -2.81 -16.06
C UNK G 8 -40.60 -3.67 -16.27
N UNK G 9 -39.43 -3.12 -15.95
CA UNK G 9 -38.10 -3.73 -16.15
C UNK G 9 -37.78 -4.14 -17.59
N UNK G 10 -36.58 -4.67 -17.79
CA UNK G 10 -36.09 -5.27 -19.04
C UNK G 10 -36.21 -4.42 -20.30
N UNK G 11 -37.45 -4.17 -20.71
CA UNK G 11 -37.80 -3.49 -21.96
C UNK G 11 -37.27 -2.06 -22.09
N UNK G 12 -36.86 -1.44 -20.99
CA UNK G 12 -36.27 -0.13 -21.05
C UNK G 12 -34.85 -0.20 -21.59
N UNK G 13 -34.06 -1.13 -21.08
CA UNK G 13 -32.64 -1.21 -21.38
C UNK G 13 -32.27 -2.20 -22.47
N UNK G 14 -33.16 -3.16 -22.73
CA UNK G 14 -32.92 -4.21 -23.73
C UNK G 14 -32.85 -3.58 -25.10
N UNK G 15 -33.67 -2.56 -25.31
CA UNK G 15 -33.64 -1.80 -26.53
C UNK G 15 -32.38 -0.94 -26.58
N UNK G 16 -31.92 -0.50 -25.42
CA UNK G 16 -30.82 0.46 -25.35
C UNK G 16 -29.48 -0.15 -25.74
N UNK G 17 -29.39 -1.47 -25.65
CA UNK G 17 -28.20 -2.18 -26.09
C UNK G 17 -28.45 -2.79 -27.46
N UNK G 18 -29.71 -2.86 -27.86
CA UNK G 18 -30.06 -3.39 -29.17
C UNK G 18 -30.08 -2.29 -30.22
N UNK G 19 -30.46 -1.09 -29.83
CA UNK G 19 -30.44 0.05 -30.75
C UNK G 19 -29.00 0.53 -30.90
N UNK G 20 -28.16 0.19 -29.93
CA UNK G 20 -26.74 0.41 -30.02
C UNK G 20 -26.11 -0.75 -30.79
N UNK G 21 -26.89 -1.80 -31.01
CA UNK G 21 -26.48 -2.93 -31.84
C UNK G 21 -27.04 -2.77 -33.25
N UNK G 22 -26.89 -1.57 -33.78
CA UNK G 22 -27.28 -1.24 -35.15
C UNK G 22 -26.49 -0.03 -35.56
N UNK G 23 -26.15 0.80 -34.58
CA UNK G 23 -25.30 1.96 -34.79
C UNK G 23 -23.84 1.52 -34.84
N UNK G 24 -23.59 0.30 -34.39
CA UNK G 24 -22.29 -0.33 -34.56
C UNK G 24 -22.27 -1.04 -35.91
N UNK G 25 -23.45 -1.43 -36.37
CA UNK G 25 -23.59 -2.16 -37.63
C UNK G 25 -23.42 -1.24 -38.82
N UNK G 26 -23.69 0.04 -38.62
CA UNK G 26 -23.49 1.04 -39.66
C UNK G 26 -22.16 1.73 -39.46
N UNK G 27 -21.41 1.26 -38.46
CA UNK G 27 -20.10 1.82 -38.16
C UNK G 27 -19.01 0.99 -38.81
N UNK G 28 -19.35 -0.25 -39.12
CA UNK G 28 -18.42 -1.15 -39.80
C UNK G 28 -18.48 -0.93 -41.32
N UNK G 29 -19.52 -0.21 -41.75
CA UNK G 29 -19.79 0.13 -43.16
C UNK G 29 -19.89 -1.10 -44.06
N ASP H 1 10.46 -10.11 -13.46
CA ASP H 1 9.90 -8.92 -12.83
C ASP H 1 8.57 -8.63 -13.49
N THR H 2 8.61 -7.81 -14.53
CA THR H 2 7.45 -7.59 -15.40
C THR H 2 7.32 -8.85 -16.24
N SER H 3 6.67 -9.86 -15.62
CA SER H 3 7.23 -11.20 -15.63
C SER H 3 7.36 -11.90 -16.99
N THR H 4 6.32 -12.60 -17.47
CA THR H 4 5.77 -12.78 -18.83
C THR H 4 4.91 -14.04 -18.86
N TRP H 5 4.12 -14.21 -19.92
CA TRP H 5 3.88 -15.50 -20.57
C TRP H 5 3.01 -16.54 -19.85
N PHE H 6 2.85 -16.42 -18.53
CA PHE H 6 1.70 -16.91 -17.73
C PHE H 6 1.31 -18.39 -17.75
N ILE H 7 2.02 -19.30 -18.42
CA ILE H 7 1.58 -20.70 -18.53
C ILE H 7 1.73 -21.42 -17.21
N THR H 8 2.51 -20.83 -16.32
CA THR H 8 2.83 -21.23 -14.97
C THR H 8 1.62 -20.98 -14.06
N ILE H 9 1.88 -20.53 -12.84
CA ILE H 9 1.20 -20.77 -11.58
C ILE H 9 -0.27 -21.17 -11.58
N THR H 10 -1.06 -20.67 -12.54
CA THR H 10 -2.52 -20.71 -12.40
C THR H 10 -3.08 -22.13 -12.48
N SER H 11 -2.32 -23.07 -13.02
CA SER H 11 -2.76 -24.46 -13.00
C SER H 11 -2.38 -25.12 -11.69
N MET H 12 -1.51 -24.45 -10.92
CA MET H 12 -1.09 -24.98 -9.64
C MET H 12 -1.82 -24.28 -8.50
N ILE H 13 -2.87 -23.52 -8.82
CA ILE H 13 -3.68 -22.88 -7.78
C ILE H 13 -4.94 -23.68 -7.51
N MET H 14 -5.44 -24.41 -8.51
CA MET H 14 -6.72 -25.08 -8.32
C MET H 14 -6.51 -26.46 -7.72
N THR H 15 -5.28 -26.97 -7.81
CA THR H 15 -4.94 -28.13 -7.01
C THR H 15 -4.92 -27.76 -5.54
N LEU H 16 -4.63 -26.50 -5.22
CA LEU H 16 -4.60 -26.08 -3.83
C LEU H 16 -6.00 -26.01 -3.25
N PHE H 17 -6.99 -25.72 -4.09
CA PHE H 17 -8.35 -25.65 -3.58
C PHE H 17 -9.02 -27.02 -3.62
N ILE H 18 -8.22 -28.08 -3.69
CA ILE H 18 -8.66 -29.39 -3.24
C ILE H 18 -8.12 -29.64 -1.83
N LEU H 19 -7.03 -28.98 -1.48
CA LEU H 19 -6.50 -29.13 -0.12
C LEU H 19 -7.34 -28.35 0.89
N PHE H 20 -7.57 -27.06 0.63
CA PHE H 20 -8.19 -26.21 1.63
C PHE H 20 -9.65 -26.55 1.84
N GLN H 21 -10.27 -27.19 0.86
CA GLN H 21 -11.64 -27.66 1.07
C GLN H 21 -11.63 -29.04 1.71
N LEU H 22 -10.46 -29.58 2.01
CA LEU H 22 -10.41 -30.83 2.74
C LEU H 22 -10.16 -30.59 4.22
N LYS H 23 -9.29 -29.65 4.55
CA LYS H 23 -8.98 -29.39 5.95
C LYS H 23 -10.12 -28.69 6.64
N ILE H 24 -10.61 -27.60 6.05
CA ILE H 24 -11.50 -26.65 6.72
C ILE H 24 -12.90 -27.25 6.74
N SER H 25 -13.12 -28.28 5.94
CA SER H 25 -14.42 -28.95 5.92
C SER H 25 -14.65 -29.74 7.20
N ASN H 26 -13.59 -30.17 7.86
CA ASN H 26 -13.73 -30.90 9.11
C ASN H 26 -13.52 -29.94 10.27
N TYR H 27 -14.47 -29.04 10.47
CA TYR H 27 -14.42 -28.14 11.62
C TYR H 27 -15.69 -28.38 12.43
N SER H 28 -15.83 -27.71 13.56
CA SER H 28 -16.85 -28.10 14.51
C SER H 28 -17.79 -26.95 14.84
N TYR H 29 -18.65 -27.20 15.83
CA TYR H 29 -19.78 -26.33 16.15
C TYR H 29 -19.55 -25.72 17.53
N PRO H 30 -19.96 -24.46 17.73
CA PRO H 30 -19.89 -23.83 19.05
C PRO H 30 -21.11 -24.14 19.90
N ASN I 2 24.36 21.10 5.09
CA ASN I 2 25.04 19.97 4.48
C ASN I 2 25.56 19.01 5.56
N GLU I 3 24.66 18.52 6.41
CA GLU I 3 25.05 17.69 7.54
C GLU I 3 24.88 16.21 7.23
N ASN I 4 23.65 15.82 6.92
CA ASN I 4 23.27 14.42 6.78
C ASN I 4 22.98 14.13 5.32
N LEU I 5 23.95 13.56 4.63
CA LEU I 5 23.80 13.20 3.23
C LEU I 5 23.32 11.75 3.15
N PHE I 6 22.10 11.57 2.66
CA PHE I 6 21.60 10.24 2.35
C PHE I 6 22.41 9.65 1.20
N ALA I 7 22.42 8.33 1.12
CA ALA I 7 23.02 7.63 0.00
C ALA I 7 21.95 6.78 -0.68
N SER I 8 22.30 6.20 -1.81
CA SER I 8 21.46 5.21 -2.47
C SER I 8 22.36 4.15 -3.09
N PHE I 9 21.79 2.97 -3.33
CA PHE I 9 22.47 1.92 -4.07
C PHE I 9 21.61 1.55 -5.27
N ILE I 10 22.24 1.40 -6.43
CA ILE I 10 21.55 1.05 -7.66
C ILE I 10 21.71 -0.45 -7.86
N ALA I 11 20.61 -1.19 -7.76
CA ALA I 11 20.64 -2.63 -7.88
C ALA I 11 19.29 -3.10 -8.39
N PRO I 12 19.26 -4.10 -9.27
CA PRO I 12 17.98 -4.57 -9.80
C PRO I 12 17.17 -5.30 -8.74
N THR I 13 15.88 -5.00 -8.70
CA THR I 13 14.94 -5.56 -7.75
C THR I 13 14.18 -6.70 -8.42
N MET I 14 14.46 -7.92 -7.99
CA MET I 14 14.17 -9.11 -8.79
C MET I 14 13.01 -9.91 -8.22
N MET I 15 11.90 -9.90 -8.93
CA MET I 15 10.81 -10.83 -8.70
C MET I 15 11.02 -12.03 -9.61
N GLY I 16 11.98 -12.87 -9.27
CA GLY I 16 12.26 -14.05 -10.08
C GLY I 16 11.18 -15.10 -10.00
N LEU I 17 11.33 -16.20 -10.72
CA LEU I 17 10.27 -17.19 -10.65
C LEU I 17 10.88 -18.57 -10.38
N PRO I 18 11.20 -18.91 -9.14
CA PRO I 18 11.63 -20.27 -8.82
C PRO I 18 10.44 -21.22 -8.78
N ILE I 19 10.72 -22.45 -8.35
CA ILE I 19 9.78 -23.57 -8.44
C ILE I 19 8.58 -23.34 -7.54
N VAL I 20 7.44 -23.04 -8.16
CA VAL I 20 6.30 -22.49 -7.44
C VAL I 20 5.40 -23.54 -6.83
N THR I 21 5.27 -24.72 -7.43
CA THR I 21 4.22 -25.64 -7.00
C THR I 21 4.57 -26.33 -5.68
N LEU I 22 5.79 -26.13 -5.18
CA LEU I 22 6.09 -26.44 -3.80
C LEU I 22 5.65 -25.31 -2.89
N ILE I 23 5.84 -24.07 -3.34
CA ILE I 23 5.63 -22.92 -2.48
C ILE I 23 4.15 -22.66 -2.27
N ILE I 24 3.33 -23.09 -3.23
CA ILE I 24 1.88 -22.95 -3.08
C ILE I 24 1.36 -23.94 -2.05
N MET I 25 1.86 -25.17 -2.09
CA MET I 25 1.32 -26.21 -1.22
C MET I 25 1.73 -26.01 0.24
N PHE I 26 2.76 -25.20 0.48
CA PHE I 26 3.36 -25.15 1.81
C PHE I 26 2.48 -24.46 2.86
N PRO I 27 1.78 -23.35 2.59
CA PRO I 27 0.83 -22.89 3.61
C PRO I 27 -0.47 -23.66 3.68
N SER I 28 -0.52 -24.90 3.21
CA SER I 28 -1.61 -25.78 3.61
C SER I 28 -1.22 -26.58 4.83
N LEU I 29 0.04 -26.98 4.92
CA LEU I 29 0.47 -27.85 6.00
C LEU I 29 0.79 -27.08 7.27
N LEU I 30 0.61 -25.75 7.27
CA LEU I 30 0.68 -25.00 8.51
C LEU I 30 -0.59 -25.17 9.33
N PHE I 31 -1.68 -25.55 8.68
CA PHE I 31 -2.95 -25.71 9.39
C PHE I 31 -3.30 -27.19 9.44
N PRO I 32 -3.35 -27.78 10.62
CA PRO I 32 -3.78 -29.18 10.74
C PRO I 32 -5.28 -29.25 11.04
N THR I 33 -5.79 -30.47 11.01
CA THR I 33 -7.20 -30.71 11.33
C THR I 33 -7.36 -31.92 12.24
N PRO I 34 -7.97 -31.75 13.41
CA PRO I 34 -8.01 -32.86 14.36
C PRO I 34 -9.30 -33.64 14.29
N LYS I 35 -9.19 -34.96 14.44
CA LYS I 35 -10.33 -35.86 14.57
C LYS I 35 -10.60 -36.19 16.03
N ARG I 36 -10.76 -35.18 16.87
CA ARG I 36 -10.96 -35.36 18.29
C ARG I 36 -11.93 -34.32 18.81
N LEU I 37 -12.46 -34.54 20.01
CA LEU I 37 -13.42 -33.58 20.53
C LEU I 37 -12.71 -32.39 21.12
N ILE I 38 -11.95 -32.58 22.17
CA ILE I 38 -11.09 -31.52 22.66
C ILE I 38 -9.81 -31.54 21.85
N ASN I 39 -9.34 -30.37 21.47
CA ASN I 39 -8.12 -30.29 20.66
C ASN I 39 -6.96 -29.76 21.50
N ASN I 40 -5.87 -29.41 20.82
CA ASN I 40 -4.56 -29.37 21.42
C ASN I 40 -3.97 -27.98 21.44
N ARG I 41 -4.79 -26.97 21.73
CA ARG I 41 -4.43 -25.60 22.10
C ARG I 41 -3.49 -24.89 21.10
N THR I 42 -3.34 -25.40 19.89
CA THR I 42 -2.77 -24.64 18.79
C THR I 42 -3.63 -24.73 17.54
N ILE I 43 -4.44 -25.77 17.41
CA ILE I 43 -5.53 -25.73 16.45
C ILE I 43 -6.69 -24.97 17.05
N SER I 44 -6.80 -24.97 18.38
CA SER I 44 -7.99 -24.42 19.04
C SER I 44 -8.06 -22.90 18.93
N ILE I 45 -6.96 -22.23 18.62
CA ILE I 45 -7.06 -20.81 18.33
C ILE I 45 -7.08 -20.57 16.84
N GLN I 46 -6.90 -21.61 16.03
CA GLN I 46 -7.25 -21.50 14.61
C GLN I 46 -8.72 -21.77 14.42
N GLN I 47 -9.29 -22.70 15.20
CA GLN I 47 -10.69 -23.07 15.08
C GLN I 47 -11.60 -21.96 15.58
N TRP I 48 -11.11 -21.14 16.52
CA TRP I 48 -11.91 -20.03 16.99
C TRP I 48 -11.88 -18.89 16.01
N LEU I 49 -10.77 -18.74 15.29
CA LEU I 49 -10.57 -17.58 14.43
C LEU I 49 -11.46 -17.67 13.20
N ILE I 50 -11.87 -18.88 12.83
CA ILE I 50 -12.80 -19.07 11.73
C ILE I 50 -14.23 -18.77 12.19
N GLN I 51 -14.56 -19.17 13.41
CA GLN I 51 -15.94 -19.02 13.86
C GLN I 51 -16.30 -17.57 14.18
N LEU I 52 -15.31 -16.68 14.20
CA LEU I 52 -15.62 -15.26 14.08
C LEU I 52 -16.04 -14.90 12.67
N THR I 53 -15.12 -15.02 11.71
CA THR I 53 -15.37 -14.41 10.40
C THR I 53 -16.15 -15.35 9.49
N SER I 54 -16.68 -16.44 10.04
CA SER I 54 -17.78 -17.10 9.35
C SER I 54 -19.10 -16.52 9.78
N LYS I 55 -19.10 -15.68 10.82
CA LYS I 55 -20.35 -15.06 11.25
C LYS I 55 -20.45 -13.63 10.74
N GLN I 56 -19.69 -13.27 9.70
CA GLN I 56 -19.87 -11.96 9.10
C GLN I 56 -20.07 -12.06 7.59
N MET I 57 -19.59 -13.15 6.98
CA MET I 57 -19.98 -13.43 5.60
C MET I 57 -21.18 -14.36 5.57
N MET I 58 -21.82 -14.58 6.71
CA MET I 58 -23.07 -15.32 6.74
C MET I 58 -24.25 -14.38 6.92
N ALA I 59 -24.03 -13.31 7.68
CA ALA I 59 -25.15 -12.52 8.19
C ALA I 59 -25.82 -11.70 7.11
N ILE I 60 -25.06 -11.23 6.14
CA ILE I 60 -25.62 -10.34 5.11
C ILE I 60 -26.53 -11.12 4.18
N HIS I 61 -26.11 -12.33 3.78
CA HIS I 61 -26.76 -12.99 2.66
C HIS I 61 -28.13 -13.52 3.03
N ASN I 62 -28.19 -14.47 3.98
CA ASN I 62 -29.43 -14.97 4.60
C ASN I 62 -30.42 -15.48 3.57
N GLN I 63 -29.97 -16.43 2.76
CA GLN I 63 -30.74 -16.92 1.65
C GLN I 63 -30.56 -18.42 1.53
N LYS I 64 -30.89 -18.94 0.36
CA LYS I 64 -30.33 -20.22 -0.04
C LYS I 64 -29.13 -20.01 -0.95
N GLY I 65 -28.47 -18.86 -0.81
CA GLY I 65 -27.15 -18.62 -1.35
C GLY I 65 -26.12 -18.72 -0.24
N GLN I 66 -26.52 -19.35 0.87
CA GLN I 66 -25.59 -19.58 1.97
C GLN I 66 -24.72 -20.79 1.71
N THR I 67 -25.08 -21.57 0.70
CA THR I 67 -24.29 -22.74 0.34
C THR I 67 -22.93 -22.33 -0.21
N TRP I 68 -22.89 -21.17 -0.84
CA TRP I 68 -21.67 -20.66 -1.44
C TRP I 68 -20.66 -20.21 -0.40
N SER I 69 -21.11 -19.95 0.83
CA SER I 69 -20.28 -19.21 1.79
C SER I 69 -19.29 -20.11 2.51
N LEU I 70 -19.46 -21.42 2.39
CA LEU I 70 -18.49 -22.31 3.02
C LEU I 70 -17.21 -22.40 2.19
N MET I 71 -17.25 -21.92 0.94
CA MET I 71 -16.04 -21.82 0.15
C MET I 71 -15.31 -20.52 0.42
N LEU I 72 -16.04 -19.44 0.68
CA LEU I 72 -15.46 -18.11 0.76
C LEU I 72 -14.58 -17.95 1.98
N MET I 73 -14.68 -18.86 2.95
CA MET I 73 -13.76 -18.83 4.07
C MET I 73 -12.51 -19.66 3.79
N SER I 74 -12.50 -20.41 2.68
CA SER I 74 -11.25 -21.02 2.27
C SER I 74 -10.45 -20.05 1.45
N LEU I 75 -11.14 -19.13 0.78
CA LEU I 75 -10.48 -18.13 -0.03
C LEU I 75 -9.77 -17.10 0.84
N ILE I 76 -10.20 -16.95 2.09
CA ILE I 76 -9.62 -15.93 2.95
C ILE I 76 -8.40 -16.47 3.67
N MET I 77 -8.33 -17.80 3.85
CA MET I 77 -7.19 -18.37 4.57
C MET I 77 -6.00 -18.56 3.66
N PHE I 78 -6.23 -18.72 2.36
CA PHE I 78 -5.11 -18.93 1.46
C PHE I 78 -4.33 -17.64 1.23
N ILE I 79 -5.02 -16.56 0.82
CA ILE I 79 -4.29 -15.31 0.61
C ILE I 79 -4.17 -14.55 1.92
N GLY I 80 -4.79 -15.04 2.98
CA GLY I 80 -4.43 -14.57 4.30
C GLY I 80 -3.10 -15.13 4.76
N SER I 81 -2.79 -16.35 4.34
CA SER I 81 -1.53 -16.96 4.73
C SER I 81 -0.41 -16.59 3.75
N THR I 82 -0.68 -16.68 2.46
CA THR I 82 0.38 -16.48 1.46
C THR I 82 0.72 -15.01 1.28
N ASN I 83 0.07 -14.13 2.01
CA ASN I 83 0.55 -12.76 2.09
C ASN I 83 1.29 -12.52 3.39
N ILE I 84 1.12 -13.42 4.37
CA ILE I 84 1.74 -13.21 5.68
C ILE I 84 3.02 -14.02 5.81
N LEU I 85 3.20 -15.05 4.97
CA LEU I 85 4.44 -15.82 5.01
C LEU I 85 5.60 -15.00 4.47
N GLY I 86 5.33 -14.18 3.46
CA GLY I 86 6.40 -13.51 2.74
C GLY I 86 7.12 -12.39 3.44
N LEU I 87 6.70 -12.06 4.65
CA LEU I 87 7.36 -10.99 5.40
C LEU I 87 8.68 -11.46 5.97
N LEU I 88 8.91 -12.78 5.97
CA LEU I 88 10.14 -13.40 6.44
C LEU I 88 11.35 -12.95 5.60
N PRO I 89 12.61 -13.16 6.09
CA PRO I 89 13.81 -12.71 5.36
C PRO I 89 13.92 -12.99 3.87
N HIS I 90 13.87 -14.24 3.44
CA HIS I 90 14.06 -14.53 2.02
C HIS I 90 12.96 -15.42 1.46
N SER I 91 11.71 -15.15 1.80
CA SER I 91 10.63 -15.98 1.30
C SER I 91 10.01 -15.39 0.04
N PHE I 92 9.18 -16.20 -0.61
CA PHE I 92 8.60 -15.88 -1.91
C PHE I 92 7.10 -16.11 -1.85
N THR I 93 6.30 -15.06 -2.19
CA THR I 93 4.84 -15.01 -2.22
C THR I 93 4.31 -15.32 -3.61
N PRO I 94 3.41 -16.28 -3.75
CA PRO I 94 2.79 -16.49 -5.06
C PRO I 94 1.82 -15.41 -5.49
N THR I 95 1.21 -14.65 -4.56
CA THR I 95 0.35 -13.54 -4.97
C THR I 95 1.11 -12.29 -5.33
N THR I 96 2.42 -12.37 -5.50
CA THR I 96 3.17 -11.27 -6.08
C THR I 96 2.97 -11.24 -7.59
N GLN I 97 3.01 -12.39 -8.23
CA GLN I 97 2.91 -12.44 -9.69
C GLN I 97 1.48 -12.20 -10.10
N LEU I 98 1.29 -11.57 -11.26
CA LEU I 98 -0.04 -11.15 -11.67
C LEU I 98 -0.79 -12.29 -12.36
N SER I 99 -0.15 -13.45 -12.46
CA SER I 99 -0.73 -14.54 -13.25
C SER I 99 -1.89 -15.20 -12.54
N MET I 100 -1.69 -15.63 -11.30
CA MET I 100 -2.72 -16.42 -10.65
C MET I 100 -3.90 -15.55 -10.21
N ASN I 101 -3.66 -14.25 -10.01
CA ASN I 101 -4.74 -13.38 -9.57
C ASN I 101 -5.74 -13.13 -10.69
N LEU I 102 -5.29 -13.25 -11.93
CA LEU I 102 -6.22 -13.24 -13.06
C LEU I 102 -6.86 -14.61 -13.23
N GLY I 103 -6.44 -15.59 -12.45
CA GLY I 103 -7.17 -16.84 -12.36
C GLY I 103 -7.91 -16.98 -11.05
N MET I 104 -7.80 -15.98 -10.18
CA MET I 104 -8.63 -15.97 -8.97
C MET I 104 -9.85 -15.06 -9.16
N ALA I 105 -9.71 -14.04 -9.99
CA ALA I 105 -10.84 -13.15 -10.22
C ALA I 105 -11.84 -13.78 -11.17
N ILE I 106 -11.40 -14.16 -12.37
CA ILE I 106 -12.33 -14.45 -13.45
C ILE I 106 -13.11 -15.76 -13.26
N PRO I 107 -12.54 -16.86 -12.72
CA PRO I 107 -13.41 -17.99 -12.40
C PRO I 107 -14.30 -17.79 -11.19
N LEU I 108 -14.14 -16.70 -10.47
CA LEU I 108 -15.04 -16.43 -9.36
C LEU I 108 -16.04 -15.35 -9.72
N TRP I 109 -15.59 -14.33 -10.44
CA TRP I 109 -16.46 -13.22 -10.82
C TRP I 109 -17.52 -13.68 -11.82
N SER I 110 -17.13 -14.51 -12.79
CA SER I 110 -18.10 -15.00 -13.76
C SER I 110 -18.87 -16.18 -13.21
N ALA I 111 -18.54 -16.63 -12.01
CA ALA I 111 -19.41 -17.58 -11.34
C ALA I 111 -20.57 -16.87 -10.68
N THR I 112 -20.55 -15.54 -10.66
CA THR I 112 -21.63 -14.79 -10.02
C THR I 112 -22.69 -14.35 -11.03
N VAL I 113 -22.26 -13.89 -12.20
CA VAL I 113 -23.24 -13.41 -13.18
C VAL I 113 -23.96 -14.57 -13.83
N PHE I 114 -23.40 -15.78 -13.73
CA PHE I 114 -24.09 -16.95 -14.24
C PHE I 114 -24.88 -17.65 -13.15
N THR I 115 -24.95 -17.04 -11.96
CA THR I 115 -25.73 -17.66 -10.91
C THR I 115 -27.19 -17.24 -11.00
N GLY I 116 -27.44 -15.96 -11.27
CA GLY I 116 -28.81 -15.50 -11.43
C GLY I 116 -29.35 -15.77 -12.82
N PHE I 117 -28.46 -15.91 -13.80
CA PHE I 117 -28.88 -16.17 -15.16
C PHE I 117 -29.33 -17.60 -15.36
N ARG I 118 -29.11 -18.48 -14.39
CA ARG I 118 -29.65 -19.83 -14.42
C ARG I 118 -30.90 -19.96 -13.56
N TYR I 119 -31.32 -18.90 -12.89
CA TYR I 119 -32.53 -18.98 -12.09
C TYR I 119 -33.50 -17.85 -12.37
N LYS I 120 -32.99 -16.63 -12.50
CA LYS I 120 -33.84 -15.46 -12.66
C LYS I 120 -34.12 -15.18 -14.13
N THR I 121 -33.04 -15.07 -14.92
CA THR I 121 -32.96 -15.00 -16.38
C THR I 121 -33.47 -13.68 -16.95
N LYS I 122 -34.12 -12.87 -16.15
CA LYS I 122 -34.49 -11.56 -16.64
C LYS I 122 -34.05 -10.44 -15.72
N THR I 123 -34.28 -10.59 -14.42
CA THR I 123 -34.12 -9.45 -13.53
C THR I 123 -32.75 -9.38 -12.90
N SER I 124 -31.84 -10.28 -13.26
CA SER I 124 -30.48 -10.18 -12.78
C SER I 124 -29.77 -8.99 -13.39
N LEU I 125 -29.85 -8.84 -14.72
CA LEU I 125 -29.30 -7.68 -15.39
C LEU I 125 -30.40 -6.70 -15.81
N ALA I 126 -31.61 -6.90 -15.31
CA ALA I 126 -32.53 -5.79 -15.20
C ALA I 126 -32.32 -5.03 -13.91
N HIS I 127 -31.31 -5.40 -13.13
CA HIS I 127 -30.75 -4.52 -12.10
C HIS I 127 -30.05 -3.32 -12.72
N PHE I 128 -29.81 -3.33 -14.03
CA PHE I 128 -29.43 -2.12 -14.75
C PHE I 128 -30.52 -1.05 -14.71
N LEU I 129 -31.76 -1.40 -14.34
CA LEU I 129 -32.78 -0.36 -14.24
C LEU I 129 -32.89 0.09 -12.78
N PRO I 130 -32.38 1.28 -12.44
CA PRO I 130 -32.29 1.65 -11.03
C PRO I 130 -33.58 2.14 -10.41
N GLN I 131 -34.40 2.88 -11.17
CA GLN I 131 -35.46 3.65 -10.54
C GLN I 131 -36.57 3.96 -11.54
N GLY I 132 -37.44 4.89 -11.15
CA GLY I 132 -38.63 5.27 -11.88
C GLY I 132 -38.32 6.21 -13.03
N THR I 133 -37.86 5.62 -14.14
CA THR I 133 -37.09 6.14 -15.25
C THR I 133 -37.43 7.54 -15.74
N PRO I 134 -36.53 8.51 -15.57
CA PRO I 134 -36.68 9.79 -16.25
C PRO I 134 -36.28 9.67 -17.71
N ALA I 135 -36.69 10.65 -18.49
CA ALA I 135 -36.40 10.60 -19.92
C ALA I 135 -35.00 11.03 -20.40
N LEU I 136 -34.41 12.09 -19.87
CA LEU I 136 -33.18 12.64 -20.44
C LEU I 136 -31.88 11.84 -20.35
N LEU I 137 -31.90 10.77 -19.58
CA LEU I 137 -30.69 10.02 -19.26
C LEU I 137 -30.93 8.53 -19.21
N ILE I 138 -31.54 7.95 -20.24
CA ILE I 138 -31.42 6.49 -20.43
C ILE I 138 -30.13 6.11 -21.17
N PRO I 139 -29.74 6.72 -22.30
CA PRO I 139 -28.47 6.28 -22.91
C PRO I 139 -27.24 6.70 -22.15
N MET I 140 -27.32 7.73 -21.31
CA MET I 140 -26.16 8.10 -20.52
C MET I 140 -25.98 7.17 -19.33
N LEU I 141 -26.98 6.35 -19.05
CA LEU I 141 -26.90 5.48 -17.87
C LEU I 141 -26.41 4.10 -18.25
N VAL I 142 -27.00 3.48 -19.26
CA VAL I 142 -26.75 2.07 -19.52
C VAL I 142 -25.52 1.89 -20.42
N ILE I 143 -24.80 2.98 -20.69
CA ILE I 143 -23.43 2.84 -21.17
C ILE I 143 -22.45 3.08 -20.02
N ILE I 144 -22.95 3.53 -18.88
CA ILE I 144 -22.08 3.76 -17.72
C ILE I 144 -22.12 2.58 -16.79
N GLU I 145 -23.32 2.08 -16.47
CA GLU I 145 -23.45 1.01 -15.50
C GLU I 145 -23.09 -0.33 -16.10
N THR I 146 -22.77 -0.39 -17.40
CA THR I 146 -22.23 -1.62 -17.95
C THR I 146 -20.72 -1.52 -18.15
N ILE I 147 -20.18 -0.31 -18.23
CA ILE I 147 -18.74 -0.18 -18.30
C ILE I 147 -18.15 -0.26 -16.91
N SER I 148 -18.97 -0.10 -15.89
CA SER I 148 -18.50 -0.34 -14.53
C SER I 148 -18.93 -1.73 -14.06
N LEU I 149 -19.32 -2.60 -14.98
CA LEU I 149 -19.49 -4.01 -14.64
C LEU I 149 -18.29 -4.81 -15.10
N PHE I 150 -17.82 -4.55 -16.32
CA PHE I 150 -16.73 -5.36 -16.85
C PHE I 150 -15.39 -4.91 -16.30
N ILE I 151 -15.37 -3.75 -15.64
CA ILE I 151 -14.18 -3.32 -14.92
C ILE I 151 -13.94 -4.23 -13.72
N GLN I 152 -15.02 -4.77 -13.14
CA GLN I 152 -14.95 -5.50 -11.86
C GLN I 152 -13.97 -6.69 -11.80
N PRO I 153 -13.80 -7.56 -12.83
CA PRO I 153 -12.74 -8.57 -12.71
C PRO I 153 -11.34 -7.98 -12.73
N VAL I 154 -11.14 -6.95 -13.53
CA VAL I 154 -9.86 -6.25 -13.53
C VAL I 154 -9.74 -5.41 -12.26
N ALA I 155 -10.86 -4.90 -11.77
CA ALA I 155 -10.82 -4.12 -10.54
C ALA I 155 -10.55 -5.01 -9.33
N LEU I 156 -10.81 -6.31 -9.45
CA LEU I 156 -10.68 -7.18 -8.29
C LEU I 156 -9.29 -7.77 -8.20
N ALA I 157 -8.67 -8.08 -9.33
CA ALA I 157 -7.37 -8.71 -9.30
C ALA I 157 -6.25 -7.70 -9.21
N VAL I 158 -6.34 -6.59 -9.95
CA VAL I 158 -5.20 -5.67 -10.04
C VAL I 158 -5.03 -4.89 -8.74
N ARG I 159 -6.09 -4.78 -7.94
CA ARG I 159 -5.92 -4.09 -6.66
C ARG I 159 -5.15 -4.95 -5.67
N LEU I 160 -5.05 -6.26 -5.92
CA LEU I 160 -4.35 -7.14 -4.99
C LEU I 160 -2.88 -7.24 -5.34
N THR I 161 -2.54 -7.36 -6.62
CA THR I 161 -1.15 -7.55 -7.00
C THR I 161 -0.37 -6.27 -6.88
N ALA I 162 -1.03 -5.12 -6.98
CA ALA I 162 -0.28 -3.89 -7.16
C ALA I 162 0.21 -3.33 -5.85
N ASN I 163 -0.49 -3.60 -4.74
CA ASN I 163 -0.07 -3.04 -3.46
C ASN I 163 0.69 -4.06 -2.61
N ILE I 164 0.52 -5.36 -2.89
CA ILE I 164 1.31 -6.38 -2.22
C ILE I 164 2.77 -6.24 -2.60
N THR I 165 3.05 -6.11 -3.89
CA THR I 165 4.43 -5.93 -4.33
C THR I 165 4.94 -4.54 -3.96
N ALA I 166 4.04 -3.57 -3.80
CA ALA I 166 4.45 -2.24 -3.39
C ALA I 166 4.92 -2.24 -1.94
N GLY I 167 4.47 -3.21 -1.16
CA GLY I 167 5.03 -3.35 0.17
C GLY I 167 6.46 -3.88 0.15
N HIS I 168 6.77 -4.69 -0.86
CA HIS I 168 8.04 -5.39 -0.83
C HIS I 168 9.18 -4.48 -1.27
N LEU I 169 8.88 -3.46 -2.06
CA LEU I 169 9.94 -2.59 -2.56
C LEU I 169 10.41 -1.61 -1.48
N LEU I 170 9.49 -1.12 -0.66
CA LEU I 170 9.87 -0.23 0.42
C LEU I 170 10.56 -1.00 1.54
N ILE I 171 10.32 -2.31 1.60
CA ILE I 171 11.09 -3.17 2.47
C ILE I 171 12.55 -3.22 2.01
N HIS I 172 12.76 -3.33 0.71
CA HIS I 172 14.12 -3.40 0.19
C HIS I 172 14.80 -2.05 0.23
N LEU I 173 14.14 -1.02 -0.29
CA LEU I 173 14.82 0.25 -0.57
C LEU I 173 15.13 1.04 0.69
N ILE I 174 14.20 1.06 1.64
CA ILE I 174 14.51 1.62 2.96
C ILE I 174 15.51 0.71 3.66
N GLY I 175 15.42 -0.59 3.43
CA GLY I 175 16.37 -1.51 4.04
C GLY I 175 17.74 -1.45 3.40
N GLY I 176 17.77 -1.28 2.08
CA GLY I 176 19.05 -1.26 1.40
C GLY I 176 19.82 0.03 1.62
N ALA I 177 19.11 1.09 2.02
CA ALA I 177 19.78 2.35 2.32
C ALA I 177 20.45 2.31 3.69
N THR I 178 20.10 1.34 4.52
CA THR I 178 20.85 1.11 5.75
C THR I 178 22.23 0.55 5.44
N LEU I 179 22.29 -0.45 4.56
CA LEU I 179 23.54 -1.12 4.24
C LEU I 179 24.53 -0.18 3.59
N ALA I 180 24.03 0.74 2.78
CA ALA I 180 24.90 1.67 2.07
C ALA I 180 24.98 2.99 2.82
N LEU I 181 24.95 2.93 4.15
CA LEU I 181 25.00 4.16 4.93
C LEU I 181 26.26 4.18 5.78
N LEU I 182 27.40 3.93 5.13
CA LEU I 182 28.71 4.05 5.74
C LEU I 182 29.16 5.50 5.92
N ASN I 183 28.32 6.48 5.62
CA ASN I 183 28.43 7.84 6.13
C ASN I 183 27.87 7.88 7.55
N ILE I 184 27.59 9.08 8.05
CA ILE I 184 27.33 9.41 9.46
C ILE I 184 26.29 8.48 10.11
N ASN I 185 26.67 7.90 11.26
CA ASN I 185 26.02 6.71 11.82
C ASN I 185 24.80 7.03 12.67
N THR I 186 24.48 8.30 12.87
CA THR I 186 23.30 8.67 13.67
C THR I 186 22.03 8.40 12.90
N MET I 187 22.04 8.65 11.60
CA MET I 187 20.84 8.51 10.78
C MET I 187 20.54 7.06 10.43
N THR I 188 21.47 6.14 10.71
CA THR I 188 21.24 4.73 10.42
C THR I 188 20.11 4.16 11.28
N ALA I 189 20.02 4.61 12.53
CA ALA I 189 19.01 4.08 13.43
C ALA I 189 17.63 4.55 13.02
N PHE I 190 17.52 5.78 12.54
CA PHE I 190 16.22 6.36 12.21
C PHE I 190 15.62 5.68 10.99
N ILE I 191 16.47 5.27 10.04
CA ILE I 191 16.00 4.47 8.91
C ILE I 191 15.64 3.06 9.37
N THR I 192 16.37 2.54 10.36
CA THR I 192 16.00 1.25 10.93
C THR I 192 14.69 1.35 11.70
N PHE I 193 14.49 2.46 12.41
CA PHE I 193 13.24 2.61 13.15
C PHE I 193 12.07 2.87 12.22
N THR I 194 12.34 3.42 11.04
CA THR I 194 11.31 3.52 10.02
C THR I 194 10.91 2.15 9.49
N ILE I 195 11.87 1.22 9.42
CA ILE I 195 11.59 -0.12 8.93
C ILE I 195 10.68 -0.86 9.89
N LEU I 196 10.98 -0.82 11.18
CA LEU I 196 10.22 -1.63 12.11
C LEU I 196 8.86 -1.02 12.42
N ILE I 197 8.61 0.21 11.97
CA ILE I 197 7.24 0.70 11.89
C ILE I 197 6.60 0.20 10.60
N LEU I 198 7.34 0.17 9.50
CA LEU I 198 6.77 -0.18 8.21
C LEU I 198 6.41 -1.66 8.15
N LEU I 199 7.09 -2.48 8.93
CA LEU I 199 6.74 -3.90 8.97
C LEU I 199 5.48 -4.12 9.78
N THR I 200 5.16 -3.20 10.67
CA THR I 200 3.87 -3.28 11.33
C THR I 200 2.75 -2.88 10.39
N ILE I 201 3.00 -1.91 9.50
CA ILE I 201 2.00 -1.52 8.52
C ILE I 201 1.84 -2.64 7.49
N LEU I 202 2.89 -3.43 7.27
CA LEU I 202 2.78 -4.52 6.32
C LEU I 202 2.19 -5.77 6.94
N GLU I 203 1.60 -5.66 8.12
CA GLU I 203 0.58 -6.62 8.50
C GLU I 203 -0.81 -6.08 8.21
N PHE I 204 -0.92 -5.13 7.27
CA PHE I 204 -2.18 -4.91 6.58
C PHE I 204 -2.32 -5.84 5.38
N ALA I 205 -1.44 -6.82 5.25
CA ALA I 205 -1.65 -7.89 4.27
C ALA I 205 -2.71 -8.87 4.74
N VAL I 206 -3.09 -8.79 6.01
CA VAL I 206 -4.31 -9.45 6.43
C VAL I 206 -5.51 -8.56 6.14
N ALA I 207 -5.32 -7.24 6.26
CA ALA I 207 -6.42 -6.30 6.07
C ALA I 207 -6.87 -6.24 4.63
N LEU I 208 -6.02 -6.69 3.71
CA LEU I 208 -6.35 -6.63 2.30
C LEU I 208 -6.96 -7.94 1.83
N ILE I 209 -7.41 -8.77 2.75
CA ILE I 209 -8.11 -9.99 2.35
C ILE I 209 -9.56 -9.89 2.75
N GLN I 210 -9.85 -9.08 3.76
CA GLN I 210 -11.21 -8.59 3.94
C GLN I 210 -11.68 -7.86 2.69
N ALA I 211 -10.85 -6.99 2.11
CA ALA I 211 -11.26 -6.29 0.90
C ALA I 211 -11.04 -7.14 -0.36
N TYR I 212 -11.07 -8.45 -0.23
CA TYR I 212 -11.17 -9.31 -1.40
C TYR I 212 -12.31 -10.30 -1.26
N VAL I 213 -12.53 -10.83 -0.06
CA VAL I 213 -13.69 -11.69 0.09
C VAL I 213 -14.96 -10.85 0.17
N PHE I 214 -14.87 -9.66 0.75
CA PHE I 214 -16.10 -8.90 1.00
C PHE I 214 -16.66 -8.28 -0.28
N THR I 215 -15.80 -7.69 -1.12
CA THR I 215 -16.31 -7.18 -2.38
C THR I 215 -16.51 -8.30 -3.38
N LEU I 216 -16.26 -9.54 -2.96
CA LEU I 216 -16.81 -10.68 -3.68
C LEU I 216 -18.20 -11.02 -3.14
N LEU I 217 -18.47 -10.75 -1.86
CA LEU I 217 -19.82 -10.98 -1.37
C LEU I 217 -20.79 -9.94 -1.92
N VAL I 218 -20.40 -8.67 -1.87
CA VAL I 218 -21.23 -7.61 -2.42
C VAL I 218 -21.41 -7.82 -3.91
N SER I 219 -20.40 -8.33 -4.58
CA SER I 219 -20.59 -8.73 -5.97
C SER I 219 -21.25 -10.09 -6.09
N LEU I 220 -21.63 -10.70 -4.95
CA LEU I 220 -22.53 -11.86 -5.03
C LEU I 220 -23.91 -11.51 -4.48
N TYR I 221 -23.96 -10.74 -3.40
CA TYR I 221 -25.23 -10.37 -2.79
C TYR I 221 -26.06 -9.50 -3.71
N LEU I 222 -25.40 -8.62 -4.47
CA LEU I 222 -26.12 -7.72 -5.37
C LEU I 222 -26.73 -8.48 -6.53
N HIS I 223 -25.97 -9.39 -7.13
CA HIS I 223 -26.51 -10.18 -8.22
C HIS I 223 -27.50 -11.21 -7.70
N ASP I 224 -27.29 -11.70 -6.49
CA ASP I 224 -28.17 -12.72 -5.96
C ASP I 224 -28.40 -12.53 -4.47
N ILE J 1 7.12 20.01 -34.95
CA ILE J 1 7.48 20.88 -33.85
C ILE J 1 6.30 21.77 -33.45
N ASP J 2 5.55 22.24 -34.45
CA ASP J 2 4.33 22.99 -34.16
C ASP J 2 3.27 22.06 -33.61
N THR J 3 3.28 20.80 -34.07
CA THR J 3 2.34 19.82 -33.54
C THR J 3 2.77 19.33 -32.16
N ALA J 4 4.04 19.56 -31.80
CA ALA J 4 4.51 19.13 -30.49
C ALA J 4 3.89 19.97 -29.38
N ALA J 5 3.82 21.28 -29.56
CA ALA J 5 3.26 22.13 -28.53
C ALA J 5 1.73 22.12 -28.56
N LYS J 6 1.15 21.78 -29.71
CA LYS J 6 -0.32 21.75 -29.79
C LYS J 6 -0.89 20.56 -29.06
N PHE J 7 -0.20 19.42 -29.13
CA PHE J 7 -0.83 18.20 -28.65
C PHE J 7 -0.62 18.04 -27.15
N ILE J 8 0.29 18.82 -26.57
CA ILE J 8 0.42 18.78 -25.12
C ILE J 8 -0.59 19.70 -24.45
N GLY J 9 -0.77 20.91 -24.99
CA GLY J 9 -1.58 21.90 -24.31
C GLY J 9 -3.06 21.60 -24.38
N ALA J 10 -3.46 20.85 -25.41
CA ALA J 10 -4.85 20.38 -25.47
C ALA J 10 -5.12 19.36 -24.38
N GLY J 11 -4.13 18.54 -24.05
CA GLY J 11 -4.27 17.68 -22.88
C GLY J 11 -4.00 18.42 -21.60
N ALA J 12 -3.17 19.46 -21.66
CA ALA J 12 -2.86 20.22 -20.46
C ALA J 12 -4.01 21.14 -20.07
N ALA J 13 -4.91 21.42 -21.01
CA ALA J 13 -6.04 22.28 -20.67
C ALA J 13 -7.18 21.48 -20.06
N THR J 14 -7.35 20.23 -20.50
CA THR J 14 -8.54 19.47 -20.11
C THR J 14 -8.39 18.81 -18.75
N VAL J 15 -7.36 19.17 -18.01
CA VAL J 15 -7.29 18.85 -16.59
C VAL J 15 -8.10 19.92 -15.85
N GLY J 16 -8.45 21.00 -16.55
CA GLY J 16 -9.28 22.02 -15.95
C GLY J 16 -10.72 21.58 -15.73
N VAL J 17 -11.13 20.49 -16.37
CA VAL J 17 -12.50 20.02 -16.21
C VAL J 17 -12.59 19.06 -15.04
N ALA J 18 -11.43 18.69 -14.48
CA ALA J 18 -11.39 17.85 -13.30
C ALA J 18 -11.93 18.60 -12.09
N GLY J 19 -11.58 19.88 -11.98
CA GLY J 19 -12.07 20.68 -10.86
C GLY J 19 -13.56 20.92 -10.92
N SER J 20 -14.12 20.94 -12.12
CA SER J 20 -15.57 20.97 -12.23
C SER J 20 -16.18 19.64 -11.82
N GLY J 21 -15.43 18.55 -11.99
CA GLY J 21 -15.93 17.26 -11.56
C GLY J 21 -15.96 17.13 -10.05
N ALA J 22 -15.17 17.94 -9.35
CA ALA J 22 -15.21 17.92 -7.90
C ALA J 22 -16.38 18.74 -7.37
N GLY J 23 -16.56 19.95 -7.90
CA GLY J 23 -17.57 20.84 -7.36
C GLY J 23 -18.98 20.41 -7.72
N ILE J 24 -19.10 19.54 -8.72
CA ILE J 24 -20.42 19.05 -9.11
C ILE J 24 -20.84 17.91 -8.19
N GLY J 25 -19.91 17.37 -7.42
CA GLY J 25 -20.25 16.26 -6.55
C GLY J 25 -20.95 16.71 -5.29
N THR J 26 -20.58 17.89 -4.78
CA THR J 26 -21.16 18.38 -3.55
C THR J 26 -22.60 18.83 -3.77
N VAL J 27 -22.89 19.34 -4.96
CA VAL J 27 -24.20 19.94 -5.25
C VAL J 27 -25.27 18.86 -5.32
N PHE J 28 -24.92 17.65 -5.73
CA PHE J 28 -25.87 16.56 -5.58
C PHE J 28 -25.59 15.79 -4.32
N GLY J 29 -24.63 16.27 -3.53
CA GLY J 29 -24.34 15.62 -2.26
C GLY J 29 -24.94 16.34 -1.08
N SER J 30 -24.88 17.68 -1.09
CA SER J 30 -25.46 18.43 0.01
C SER J 30 -26.97 18.49 -0.09
N MET J 31 -27.50 18.39 -1.31
CA MET J 31 -28.94 18.31 -1.49
C MET J 31 -29.49 17.01 -0.94
N ILE J 32 -28.64 15.98 -0.84
CA ILE J 32 -29.06 14.76 -0.19
C ILE J 32 -29.27 14.98 1.30
N ILE J 33 -28.32 15.63 1.98
CA ILE J 33 -28.52 15.92 3.40
C ILE J 33 -29.32 17.20 3.58
N GLY J 34 -29.60 17.91 2.50
CA GLY J 34 -30.49 19.06 2.62
C GLY J 34 -31.95 18.65 2.57
N TYR J 35 -32.27 17.69 1.71
CA TYR J 35 -33.65 17.27 1.59
C TYR J 35 -33.99 16.25 2.66
N ALA J 36 -32.97 15.62 3.25
CA ALA J 36 -33.23 14.53 4.21
C ALA J 36 -33.90 15.03 5.47
N ARG J 37 -33.58 16.24 5.90
CA ARG J 37 -34.27 16.83 7.03
C ARG J 37 -35.68 17.27 6.65
N ASN J 38 -35.80 17.95 5.52
CA ASN J 38 -36.94 18.81 5.22
C ASN J 38 -37.59 18.39 3.91
N PRO J 39 -38.60 17.54 3.92
CA PRO J 39 -39.24 17.16 2.64
C PRO J 39 -40.19 18.21 2.08
N SER J 40 -39.61 19.29 1.58
CA SER J 40 -40.31 20.31 0.83
C SER J 40 -39.72 20.38 -0.57
N LEU J 41 -39.63 19.23 -1.24
CA LEU J 41 -38.72 19.04 -2.36
C LEU J 41 -39.17 19.78 -3.61
N LYS J 42 -40.47 19.72 -3.94
CA LYS J 42 -40.96 20.30 -5.20
C LYS J 42 -40.83 21.82 -5.22
N GLN J 43 -40.65 22.45 -4.06
CA GLN J 43 -40.27 23.84 -3.93
C GLN J 43 -38.78 24.01 -4.17
N GLN J 44 -38.24 25.13 -3.69
CA GLN J 44 -36.99 25.66 -4.24
C GLN J 44 -35.75 24.87 -3.83
N LEU J 45 -35.88 23.65 -3.31
CA LEU J 45 -34.72 22.78 -3.21
C LEU J 45 -34.16 22.45 -4.58
N PHE J 46 -34.97 21.79 -5.41
CA PHE J 46 -34.53 21.32 -6.71
C PHE J 46 -34.23 22.47 -7.65
N SER J 47 -34.93 23.58 -7.49
CA SER J 47 -34.63 24.76 -8.29
C SER J 47 -33.32 25.38 -7.88
N TYR J 48 -32.91 25.18 -6.63
CA TYR J 48 -31.56 25.58 -6.25
C TYR J 48 -30.56 24.47 -6.53
N ALA J 49 -31.05 23.27 -6.86
CA ALA J 49 -30.16 22.19 -7.25
C ALA J 49 -29.73 22.33 -8.71
N ILE J 50 -30.67 22.68 -9.59
CA ILE J 50 -30.38 22.74 -11.02
C ILE J 50 -29.55 23.97 -11.33
N LEU J 51 -29.78 25.07 -10.62
CA LEU J 51 -28.95 26.25 -10.79
C LEU J 51 -27.53 25.98 -10.31
N GLY J 52 -27.37 25.21 -9.25
CA GLY J 52 -26.04 24.89 -8.77
C GLY J 52 -25.30 23.95 -9.69
N PHE J 53 -26.03 23.06 -10.36
CA PHE J 53 -25.42 22.15 -11.31
C PHE J 53 -24.93 22.88 -12.55
N ALA J 54 -25.78 23.74 -13.12
CA ALA J 54 -25.45 24.35 -14.41
C ALA J 54 -24.56 25.57 -14.25
N LEU J 55 -24.10 25.84 -13.03
CA LEU J 55 -23.17 26.94 -12.84
C LEU J 55 -21.75 26.44 -12.64
N SER J 56 -21.60 25.26 -12.04
CA SER J 56 -20.28 24.64 -11.95
C SER J 56 -19.85 24.10 -13.30
N GLU J 57 -20.82 23.72 -14.14
CA GLU J 57 -20.55 23.31 -15.51
C GLU J 57 -19.91 24.44 -16.30
N ALA J 58 -20.36 25.67 -16.05
CA ALA J 58 -19.90 26.81 -16.85
C ALA J 58 -18.53 27.29 -16.40
N MET J 59 -17.99 26.72 -15.32
CA MET J 59 -16.56 26.90 -15.07
C MET J 59 -15.76 25.70 -15.58
N GLY J 60 -16.46 24.61 -15.93
CA GLY J 60 -15.78 23.51 -16.60
C GLY J 60 -15.87 23.61 -18.11
N LEU J 61 -17.03 24.04 -18.62
CA LEU J 61 -17.20 24.14 -20.06
C LEU J 61 -16.44 25.31 -20.64
N PHE J 62 -16.18 26.34 -19.83
CA PHE J 62 -15.56 27.55 -20.37
C PHE J 62 -14.09 27.32 -20.68
N CYS J 63 -13.45 26.41 -19.95
CA CYS J 63 -12.08 26.01 -20.30
C CYS J 63 -12.09 25.13 -21.55
N LEU J 64 -13.16 24.35 -21.74
CA LEU J 64 -13.22 23.40 -22.86
C LEU J 64 -13.35 24.13 -24.20
N MET J 65 -14.09 25.24 -24.23
CA MET J 65 -14.09 26.08 -25.41
C MET J 65 -12.71 26.68 -25.65
N VAL J 66 -12.03 27.06 -24.57
CA VAL J 66 -10.66 27.53 -24.69
C VAL J 66 -9.74 26.36 -25.02
N ALA J 67 -10.12 25.15 -24.61
CA ALA J 67 -9.31 23.98 -24.95
C ALA J 67 -9.36 23.66 -26.43
N PHE J 68 -10.51 23.84 -27.07
CA PHE J 68 -10.57 23.62 -28.51
C PHE J 68 -10.01 24.82 -29.27
N LEU J 69 -9.92 25.98 -28.59
CA LEU J 69 -9.33 27.16 -29.22
C LEU J 69 -7.84 26.99 -29.45
N ILE J 70 -7.18 26.20 -28.60
CA ILE J 70 -5.75 25.94 -28.75
C ILE J 70 -5.48 25.13 -30.01
N LEU J 71 -6.35 24.16 -30.29
CA LEU J 71 -6.15 23.30 -31.46
C LEU J 71 -6.41 24.06 -32.76
N PHE J 72 -7.32 25.04 -32.72
CA PHE J 72 -7.64 25.83 -33.90
C PHE J 72 -7.54 27.31 -33.60
N ILE K 1 8.59 12.15 -34.21
CA ILE K 1 8.40 13.17 -33.19
C ILE K 1 6.93 13.59 -33.16
N ASP K 2 6.21 13.31 -34.24
CA ASP K 2 4.78 13.60 -34.27
C ASP K 2 4.01 12.64 -33.38
N THR K 3 4.43 11.38 -33.35
CA THR K 3 3.79 10.43 -32.44
C THR K 3 4.28 10.67 -31.01
N ALA K 4 5.41 11.36 -30.85
CA ALA K 4 5.92 11.66 -29.52
C ALA K 4 5.02 12.63 -28.76
N ALA K 5 4.34 13.52 -29.48
CA ALA K 5 3.37 14.39 -28.83
C ALA K 5 2.01 13.71 -28.72
N LYS K 6 1.79 12.66 -29.51
CA LYS K 6 0.56 11.89 -29.42
C LYS K 6 0.50 11.09 -28.13
N PHE K 7 1.65 10.81 -27.54
CA PHE K 7 1.69 9.97 -26.34
C PHE K 7 1.65 10.81 -25.07
N ILE K 8 2.35 11.94 -25.05
CA ILE K 8 2.42 12.76 -23.85
C ILE K 8 1.18 13.64 -23.71
N GLY K 9 0.41 13.74 -24.79
CA GLY K 9 -0.82 14.52 -24.73
C GLY K 9 -1.94 13.79 -24.02
N ALA K 10 -2.05 12.49 -24.24
CA ALA K 10 -3.00 11.68 -23.50
C ALA K 10 -2.46 11.33 -22.12
N GLY K 11 -1.22 11.71 -21.84
CA GLY K 11 -0.66 11.49 -20.52
C GLY K 11 -1.27 12.39 -19.46
N ALA K 12 -1.54 13.65 -19.83
CA ALA K 12 -2.16 14.54 -18.86
C ALA K 12 -3.67 14.66 -19.09
N ALA K 13 -4.15 14.16 -20.24
CA ALA K 13 -5.57 14.33 -20.55
C ALA K 13 -6.42 13.34 -19.77
N THR K 14 -5.82 12.30 -19.20
CA THR K 14 -6.58 11.36 -18.40
C THR K 14 -6.45 11.68 -16.92
N VAL K 15 -5.90 12.84 -16.59
CA VAL K 15 -5.90 13.34 -15.22
C VAL K 15 -7.27 13.96 -14.94
N GLY K 16 -7.99 14.30 -16.01
CA GLY K 16 -9.33 14.85 -15.85
C GLY K 16 -10.35 13.83 -15.36
N VAL K 17 -9.99 12.55 -15.35
CA VAL K 17 -10.90 11.56 -14.80
C VAL K 17 -10.70 11.45 -13.28
N ALA K 18 -9.60 12.00 -12.77
CA ALA K 18 -9.38 12.01 -11.34
C ALA K 18 -10.32 12.99 -10.65
N GLY K 19 -10.78 13.99 -11.40
CA GLY K 19 -11.77 14.91 -10.87
C GLY K 19 -13.11 14.23 -10.65
N SER K 20 -13.40 13.19 -11.42
CA SER K 20 -14.57 12.37 -11.12
C SER K 20 -14.24 11.29 -10.10
N GLY K 21 -13.00 11.27 -9.62
CA GLY K 21 -12.66 10.39 -8.53
C GLY K 21 -13.02 10.98 -7.18
N ALA K 22 -12.47 12.14 -6.87
CA ALA K 22 -12.72 12.73 -5.56
C ALA K 22 -14.08 13.40 -5.49
N GLY K 23 -14.67 13.68 -6.65
CA GLY K 23 -16.00 14.28 -6.66
C GLY K 23 -17.09 13.26 -6.46
N ILE K 24 -16.77 11.98 -6.61
CA ILE K 24 -17.74 10.93 -6.37
C ILE K 24 -17.58 10.38 -4.97
N GLY K 25 -16.48 10.73 -4.31
CA GLY K 25 -16.26 10.25 -2.95
C GLY K 25 -17.12 10.97 -1.95
N THR K 26 -17.64 12.14 -2.32
CA THR K 26 -18.53 12.86 -1.44
C THR K 26 -19.96 12.40 -1.60
N VAL K 27 -20.42 12.28 -2.84
CA VAL K 27 -21.85 12.11 -3.09
C VAL K 27 -22.26 10.67 -2.80
N PHE K 28 -21.30 9.78 -2.60
CA PHE K 28 -21.64 8.47 -2.07
C PHE K 28 -21.45 8.43 -0.56
N GLY K 29 -20.69 9.38 -0.03
CA GLY K 29 -20.57 9.48 1.41
C GLY K 29 -21.67 10.32 2.04
N SER K 30 -22.32 11.16 1.22
CA SER K 30 -23.42 11.97 1.73
C SER K 30 -24.71 11.19 1.77
N MET K 31 -24.75 10.03 1.12
CA MET K 31 -25.90 9.15 1.28
C MET K 31 -25.69 8.22 2.47
N ILE K 32 -24.57 8.38 3.18
CA ILE K 32 -24.43 7.71 4.46
C ILE K 32 -24.98 8.59 5.57
N ILE K 33 -24.48 9.82 5.66
CA ILE K 33 -24.78 10.71 6.78
C ILE K 33 -26.23 11.19 6.69
N GLY K 34 -26.81 11.17 5.49
CA GLY K 34 -28.18 11.63 5.34
C GLY K 34 -29.18 10.51 5.11
N TYR K 35 -28.79 9.29 5.47
CA TYR K 35 -29.75 8.19 5.38
C TYR K 35 -30.30 7.84 6.76
N ALA K 36 -29.44 7.88 7.77
CA ALA K 36 -29.83 7.45 9.11
C ALA K 36 -30.83 8.41 9.74
N ARG K 37 -30.72 9.69 9.41
CA ARG K 37 -31.59 10.72 9.98
C ARG K 37 -33.01 10.59 9.43
N ASN K 38 -33.17 9.92 8.30
CA ASN K 38 -34.46 9.82 7.64
C ASN K 38 -34.50 8.58 6.75
N PRO K 39 -35.00 7.46 7.24
CA PRO K 39 -35.13 6.26 6.39
C PRO K 39 -36.29 6.32 5.41
N SER K 40 -36.05 6.94 4.25
CA SER K 40 -36.95 6.95 3.11
C SER K 40 -36.21 6.74 1.79
N LEU K 41 -35.42 5.67 1.68
CA LEU K 41 -34.47 5.56 0.58
C LEU K 41 -35.15 5.20 -0.74
N LYS K 42 -36.22 4.42 -0.69
CA LYS K 42 -36.89 3.96 -1.91
C LYS K 42 -37.65 5.08 -2.60
N GLN K 43 -37.84 6.20 -1.92
CA GLN K 43 -38.30 7.46 -2.47
C GLN K 43 -37.08 8.16 -3.09
N GLN K 44 -37.16 9.46 -3.33
CA GLN K 44 -36.20 10.12 -4.21
C GLN K 44 -34.82 10.32 -3.57
N LEU K 45 -34.55 9.67 -2.44
CA LEU K 45 -33.24 9.80 -1.82
C LEU K 45 -32.18 9.02 -2.58
N PHE K 46 -32.48 7.76 -2.92
CA PHE K 46 -31.53 6.99 -3.70
C PHE K 46 -31.51 7.45 -5.14
N SER K 47 -32.63 7.97 -5.62
CA SER K 47 -32.73 8.41 -7.01
C SER K 47 -31.96 9.70 -7.24
N TYR K 48 -31.73 10.49 -6.19
CA TYR K 48 -30.96 11.72 -6.37
C TYR K 48 -29.49 11.46 -6.12
N ALA K 49 -29.13 10.20 -5.83
CA ALA K 49 -27.71 9.84 -5.85
C ALA K 49 -27.33 9.25 -7.21
N ILE K 50 -28.26 8.53 -7.85
CA ILE K 50 -27.98 7.94 -9.16
C ILE K 50 -27.89 9.02 -10.21
N LEU K 51 -28.75 10.03 -10.13
CA LEU K 51 -28.52 11.25 -10.90
C LEU K 51 -27.22 11.91 -10.47
N GLY K 52 -26.90 11.85 -9.18
CA GLY K 52 -25.66 12.44 -8.71
C GLY K 52 -24.44 11.61 -9.03
N PHE K 53 -24.64 10.31 -9.28
CA PHE K 53 -23.52 9.47 -9.71
C PHE K 53 -23.30 9.58 -11.21
N ALA K 54 -24.37 9.46 -11.99
CA ALA K 54 -24.22 9.35 -13.45
C ALA K 54 -23.80 10.66 -14.08
N LEU K 55 -24.41 11.76 -13.65
CA LEU K 55 -24.07 13.04 -14.26
C LEU K 55 -22.75 13.58 -13.70
N SER K 56 -22.28 13.00 -12.60
CA SER K 56 -20.90 13.22 -12.21
C SER K 56 -19.97 12.27 -12.93
N GLU K 57 -20.51 11.16 -13.42
CA GLU K 57 -19.71 10.22 -14.18
C GLU K 57 -19.51 10.69 -15.61
N ALA K 58 -20.46 11.47 -16.12
CA ALA K 58 -20.44 11.89 -17.52
C ALA K 58 -19.30 12.85 -17.80
N MET K 59 -18.81 13.53 -16.76
CA MET K 59 -17.62 14.35 -16.96
C MET K 59 -16.37 13.54 -16.66
N GLY K 60 -16.54 12.29 -16.24
CA GLY K 60 -15.39 11.41 -16.12
C GLY K 60 -15.02 10.75 -17.43
N LEU K 61 -15.99 10.13 -18.09
CA LEU K 61 -15.69 9.40 -19.33
C LEU K 61 -15.55 10.34 -20.50
N PHE K 62 -15.98 11.60 -20.35
CA PHE K 62 -15.75 12.56 -21.42
C PHE K 62 -14.28 12.95 -21.50
N CYS K 63 -13.61 13.05 -20.35
CA CYS K 63 -12.19 13.35 -20.35
C CYS K 63 -11.36 12.10 -20.55
N LEU K 64 -12.01 10.95 -20.67
CA LEU K 64 -11.35 9.76 -21.18
C LEU K 64 -11.37 9.73 -22.70
N MET K 65 -12.47 10.20 -23.30
CA MET K 65 -12.64 10.11 -24.75
C MET K 65 -11.81 11.16 -25.47
N VAL K 66 -11.29 12.14 -24.73
CA VAL K 66 -10.32 13.05 -25.31
C VAL K 66 -9.01 12.31 -25.56
N ALA K 67 -8.62 11.43 -24.65
CA ALA K 67 -7.33 10.74 -24.77
C ALA K 67 -7.34 9.73 -25.92
N PHE K 68 -8.51 9.15 -26.24
CA PHE K 68 -8.61 8.36 -27.46
C PHE K 68 -8.53 9.26 -28.69
N LEU K 69 -9.31 10.34 -28.71
CA LEU K 69 -9.44 11.12 -29.94
C LEU K 69 -8.27 12.07 -30.15
N ILE K 70 -7.43 12.26 -29.15
CA ILE K 70 -6.19 12.98 -29.41
C ILE K 70 -5.17 12.05 -30.06
N LEU K 71 -5.24 10.75 -29.78
CA LEU K 71 -4.21 9.84 -30.22
C LEU K 71 -4.47 9.34 -31.63
N PHE K 72 -5.69 8.90 -31.91
CA PHE K 72 -6.05 8.46 -33.24
C PHE K 72 -6.39 9.63 -34.15
N ILE L 1 13.44 8.10 -29.35
CA ILE L 1 12.55 9.22 -29.02
C ILE L 1 11.14 8.67 -28.79
N ASP L 2 10.89 7.48 -29.35
CA ASP L 2 9.65 6.78 -29.05
C ASP L 2 9.68 6.28 -27.61
N THR L 3 10.85 5.86 -27.14
CA THR L 3 10.95 5.32 -25.79
C THR L 3 10.87 6.44 -24.75
N ALA L 4 11.49 7.58 -25.02
CA ALA L 4 11.64 8.63 -24.02
C ALA L 4 10.31 9.33 -23.74
N ALA L 5 9.51 9.58 -24.78
CA ALA L 5 8.23 10.23 -24.58
C ALA L 5 7.23 9.28 -23.92
N LYS L 6 7.44 7.97 -24.06
CA LYS L 6 6.66 7.02 -23.28
C LYS L 6 7.00 7.13 -21.80
N PHE L 7 8.25 7.45 -21.48
CA PHE L 7 8.69 7.48 -20.08
C PHE L 7 8.05 8.63 -19.32
N ILE L 8 7.87 9.77 -19.98
CA ILE L 8 7.13 10.87 -19.38
C ILE L 8 5.64 10.74 -19.69
N GLY L 9 5.30 9.91 -20.68
CA GLY L 9 3.90 9.72 -21.03
C GLY L 9 3.11 8.99 -19.95
N ALA L 10 3.75 8.03 -19.29
CA ALA L 10 3.07 7.34 -18.20
C ALA L 10 3.27 8.07 -16.88
N GLY L 11 4.22 9.01 -16.83
CA GLY L 11 4.45 9.74 -15.60
C GLY L 11 3.35 10.74 -15.28
N ALA L 12 2.79 11.38 -16.31
CA ALA L 12 1.68 12.29 -16.09
C ALA L 12 0.39 11.54 -15.79
N ALA L 13 0.25 10.33 -16.33
CA ALA L 13 -1.00 9.61 -16.17
C ALA L 13 -0.99 8.75 -14.90
N THR L 14 0.06 8.89 -14.09
CA THR L 14 0.10 8.17 -12.82
C THR L 14 -0.91 8.77 -11.84
N VAL L 15 -1.12 10.08 -11.94
CA VAL L 15 -1.81 10.85 -10.91
C VAL L 15 -3.32 10.80 -11.09
N GLY L 16 -3.80 9.93 -11.97
CA GLY L 16 -5.23 9.73 -12.08
C GLY L 16 -5.81 9.01 -10.88
N VAL L 17 -4.96 8.34 -10.10
CA VAL L 17 -5.47 7.66 -8.91
C VAL L 17 -5.63 8.66 -7.76
N ALA L 18 -5.01 9.85 -7.89
CA ALA L 18 -4.99 10.86 -6.83
C ALA L 18 -6.37 11.44 -6.54
N GLY L 19 -7.29 11.28 -7.49
CA GLY L 19 -8.69 11.56 -7.19
C GLY L 19 -9.34 10.45 -6.37
N SER L 20 -9.06 9.20 -6.73
CA SER L 20 -9.61 8.10 -5.95
C SER L 20 -8.79 7.88 -4.69
N GLY L 21 -7.58 8.42 -4.65
CA GLY L 21 -6.72 8.23 -3.48
C GLY L 21 -7.20 9.03 -2.28
N ALA L 22 -8.06 10.01 -2.50
CA ALA L 22 -8.65 10.75 -1.38
C ALA L 22 -10.17 10.73 -1.43
N GLY L 23 -10.73 10.32 -2.56
CA GLY L 23 -12.17 10.12 -2.61
C GLY L 23 -12.59 8.88 -1.84
N ILE L 24 -11.65 8.01 -1.53
CA ILE L 24 -11.97 6.89 -0.66
C ILE L 24 -11.77 7.27 0.80
N GLY L 25 -11.15 8.42 1.04
CA GLY L 25 -11.03 8.91 2.40
C GLY L 25 -12.30 9.56 2.91
N THR L 26 -13.06 10.17 2.00
CA THR L 26 -14.28 10.86 2.40
C THR L 26 -15.38 9.88 2.77
N VAL L 27 -15.63 8.88 1.91
CA VAL L 27 -16.76 7.99 2.11
C VAL L 27 -16.48 7.03 3.27
N PHE L 28 -15.21 6.77 3.55
CA PHE L 28 -14.92 6.03 4.78
C PHE L 28 -14.66 6.98 5.93
N GLY L 29 -14.76 8.27 5.68
CA GLY L 29 -14.86 9.22 6.78
C GLY L 29 -16.28 9.72 6.97
N SER L 30 -17.24 9.10 6.28
CA SER L 30 -18.63 9.49 6.44
C SER L 30 -19.46 8.33 6.93
N MET L 31 -18.82 7.22 7.24
CA MET L 31 -19.52 6.15 7.94
C MET L 31 -19.00 6.02 9.37
N ILE L 32 -17.91 6.70 9.67
CA ILE L 32 -17.56 6.93 11.07
C ILE L 32 -18.60 7.83 11.73
N ILE L 33 -19.23 8.71 10.97
CA ILE L 33 -20.16 9.67 11.58
C ILE L 33 -21.61 9.26 11.36
N GLY L 34 -21.86 8.33 10.44
CA GLY L 34 -23.21 7.88 10.24
C GLY L 34 -23.51 6.63 11.05
N TYR L 35 -22.46 6.00 11.58
CA TYR L 35 -22.67 4.95 12.58
C TYR L 35 -22.66 5.53 13.98
N ALA L 36 -22.00 6.68 14.17
CA ALA L 36 -21.98 7.33 15.47
C ALA L 36 -23.36 7.84 15.87
N ARG L 37 -24.09 8.43 14.93
CA ARG L 37 -25.40 8.99 15.23
C ARG L 37 -26.44 7.91 15.44
N ASN L 38 -26.52 6.96 14.53
CA ASN L 38 -27.54 5.95 14.60
C ASN L 38 -26.88 4.60 14.42
N PRO L 39 -26.66 3.86 15.47
CA PRO L 39 -26.13 2.50 15.31
C PRO L 39 -27.11 1.52 14.67
N SER L 40 -27.14 1.56 13.34
CA SER L 40 -27.78 0.56 12.49
C SER L 40 -26.91 0.22 11.29
N LEU L 41 -25.63 -0.11 11.51
CA LEU L 41 -24.71 -0.26 10.39
C LEU L 41 -24.95 -1.55 9.63
N LYS L 42 -25.49 -2.57 10.30
CA LYS L 42 -25.55 -3.93 9.76
C LYS L 42 -26.52 -4.04 8.60
N GLN L 43 -27.46 -3.09 8.49
CA GLN L 43 -28.31 -2.89 7.32
C GLN L 43 -27.52 -2.10 6.29
N GLN L 44 -28.24 -1.35 5.45
CA GLN L 44 -27.68 -0.56 4.34
C GLN L 44 -26.46 0.29 4.71
N LEU L 45 -26.25 0.61 5.98
CA LEU L 45 -25.32 1.67 6.34
C LEU L 45 -23.87 1.24 6.28
N PHE L 46 -23.59 -0.03 5.99
CA PHE L 46 -22.21 -0.41 5.66
C PHE L 46 -22.08 -0.79 4.20
N SER L 47 -23.13 -1.38 3.64
CA SER L 47 -23.09 -1.79 2.25
C SER L 47 -23.28 -0.61 1.31
N TYR L 48 -23.48 0.58 1.86
CA TYR L 48 -23.50 1.77 1.04
C TYR L 48 -22.15 2.45 1.04
N ALA L 49 -21.17 1.90 1.77
CA ALA L 49 -19.82 2.46 1.71
C ALA L 49 -18.93 1.59 0.83
N ILE L 50 -19.12 0.28 0.86
CA ILE L 50 -18.39 -0.62 -0.03
C ILE L 50 -18.89 -0.47 -1.47
N LEU L 51 -20.21 -0.34 -1.64
CA LEU L 51 -20.76 0.06 -2.93
C LEU L 51 -20.32 1.48 -3.28
N GLY L 52 -20.04 2.30 -2.27
CA GLY L 52 -19.37 3.55 -2.54
C GLY L 52 -17.92 3.36 -2.89
N PHE L 53 -17.30 2.29 -2.39
CA PHE L 53 -15.88 2.06 -2.63
C PHE L 53 -15.66 1.35 -3.95
N ALA L 54 -16.58 0.44 -4.33
CA ALA L 54 -16.45 -0.24 -5.62
C ALA L 54 -16.60 0.74 -6.77
N LEU L 55 -17.55 1.66 -6.67
CA LEU L 55 -17.79 2.58 -7.77
C LEU L 55 -16.91 3.82 -7.65
N SER L 56 -15.92 3.80 -6.75
CA SER L 56 -14.95 4.88 -6.73
C SER L 56 -13.53 4.35 -6.84
N GLU L 57 -13.30 3.07 -6.52
CA GLU L 57 -12.03 2.47 -6.85
C GLU L 57 -12.11 1.73 -8.18
N ALA L 58 -13.24 1.86 -8.87
CA ALA L 58 -13.26 1.52 -10.29
C ALA L 58 -12.47 2.54 -11.10
N MET L 59 -12.24 3.74 -10.54
CA MET L 59 -11.65 4.82 -11.32
C MET L 59 -10.21 5.11 -10.89
N GLY L 60 -9.73 4.40 -9.87
CA GLY L 60 -8.33 4.56 -9.51
C GLY L 60 -7.41 3.77 -10.41
N LEU L 61 -7.70 2.48 -10.58
CA LEU L 61 -6.88 1.63 -11.45
C LEU L 61 -7.33 1.74 -12.90
N PHE L 62 -8.37 2.55 -13.16
CA PHE L 62 -8.88 2.74 -14.51
C PHE L 62 -7.87 3.55 -15.31
N CYS L 63 -7.20 4.47 -14.65
CA CYS L 63 -6.28 5.36 -15.34
C CYS L 63 -4.88 4.77 -15.43
N LEU L 64 -4.48 3.97 -14.43
CA LEU L 64 -3.18 3.31 -14.50
C LEU L 64 -3.17 2.19 -15.54
N MET L 65 -4.35 1.70 -15.92
CA MET L 65 -4.43 0.79 -17.06
C MET L 65 -4.06 1.52 -18.35
N VAL L 66 -4.37 2.81 -18.44
CA VAL L 66 -3.99 3.59 -19.62
C VAL L 66 -2.50 3.90 -19.59
N ALA L 67 -1.96 4.16 -18.40
CA ALA L 67 -0.53 4.44 -18.27
C ALA L 67 0.31 3.20 -18.53
N PHE L 68 -0.29 2.01 -18.42
CA PHE L 68 0.38 0.80 -18.90
C PHE L 68 0.25 0.66 -20.41
N LEU L 69 -0.93 0.95 -20.96
CA LEU L 69 -1.15 0.75 -22.39
C LEU L 69 -0.48 1.82 -23.23
N ILE L 70 0.04 2.87 -22.59
CA ILE L 70 0.89 3.82 -23.30
C ILE L 70 2.36 3.42 -23.16
N LEU L 71 2.66 2.52 -22.21
CA LEU L 71 4.05 2.14 -22.01
C LEU L 71 4.43 0.97 -22.89
N PHE L 72 3.62 -0.08 -22.91
CA PHE L 72 3.93 -1.25 -23.71
C PHE L 72 2.82 -1.56 -24.72
N ILE M 1 19.42 11.13 -23.11
CA ILE M 1 18.20 11.71 -23.68
C ILE M 1 16.98 11.29 -22.87
N ASP M 2 16.82 9.98 -22.66
CA ASP M 2 15.71 9.51 -21.83
C ASP M 2 16.11 9.49 -20.36
N THR M 3 17.36 9.89 -20.07
CA THR M 3 17.83 9.96 -18.69
C THR M 3 17.06 11.02 -17.90
N ALA M 4 16.73 12.13 -18.53
CA ALA M 4 15.77 13.06 -17.94
C ALA M 4 14.36 12.47 -17.97
N ALA M 5 14.03 11.72 -19.03
CA ALA M 5 12.70 11.13 -19.13
C ALA M 5 12.53 9.99 -18.14
N LYS M 6 13.63 9.39 -17.70
CA LYS M 6 13.60 8.56 -16.51
C LYS M 6 13.19 9.37 -15.29
N PHE M 7 13.56 10.66 -15.25
CA PHE M 7 13.38 11.41 -14.03
C PHE M 7 11.97 11.97 -13.91
N ILE M 8 11.51 12.70 -14.93
CA ILE M 8 10.25 13.44 -14.80
C ILE M 8 9.06 12.49 -14.83
N GLY M 9 9.17 11.39 -15.58
CA GLY M 9 8.14 10.36 -15.51
C GLY M 9 8.07 9.72 -14.13
N ALA M 10 9.20 9.69 -13.43
CA ALA M 10 9.18 9.40 -12.00
C ALA M 10 8.84 10.64 -11.21
N GLY M 11 9.27 11.82 -11.69
CA GLY M 11 9.03 13.04 -10.94
C GLY M 11 7.58 13.51 -11.00
N ALA M 12 6.85 13.06 -12.01
CA ALA M 12 5.42 13.37 -12.06
C ALA M 12 4.60 12.29 -11.41
N ALA M 13 5.17 11.09 -11.29
CA ALA M 13 4.40 9.96 -10.76
C ALA M 13 4.19 10.10 -9.26
N THR M 14 5.00 10.90 -8.60
CA THR M 14 4.97 10.95 -7.15
C THR M 14 3.86 11.84 -6.62
N VAL M 15 3.32 12.73 -7.46
CA VAL M 15 2.35 13.70 -6.95
C VAL M 15 0.95 13.11 -7.02
N GLY M 16 0.83 11.88 -7.51
CA GLY M 16 -0.44 11.19 -7.40
C GLY M 16 -0.71 10.66 -6.01
N VAL M 17 0.27 10.76 -5.11
CA VAL M 17 0.03 10.36 -3.73
C VAL M 17 -0.66 11.49 -2.98
N ALA M 18 -0.65 12.69 -3.56
CA ALA M 18 -1.06 13.91 -2.87
C ALA M 18 -2.56 13.93 -2.58
N GLY M 19 -3.32 13.08 -3.27
CA GLY M 19 -4.65 12.78 -2.79
C GLY M 19 -4.63 12.19 -1.40
N SER M 20 -3.97 11.04 -1.25
CA SER M 20 -4.08 10.26 -0.01
C SER M 20 -3.33 10.90 1.14
N GLY M 21 -2.52 11.92 0.86
CA GLY M 21 -2.02 12.75 1.94
C GLY M 21 -3.12 13.58 2.58
N ALA M 22 -4.18 13.84 1.82
CA ALA M 22 -5.33 14.55 2.38
C ALA M 22 -6.47 13.60 2.70
N GLY M 23 -6.52 12.45 2.02
CA GLY M 23 -7.62 11.53 2.18
C GLY M 23 -7.65 10.87 3.55
N ILE M 24 -6.49 10.72 4.18
CA ILE M 24 -6.49 10.27 5.56
C ILE M 24 -6.66 11.44 6.50
N GLY M 25 -6.50 12.67 5.99
CA GLY M 25 -6.79 13.83 6.81
C GLY M 25 -8.27 13.99 7.04
N THR M 26 -9.08 13.53 6.10
CA THR M 26 -10.52 13.50 6.31
C THR M 26 -10.87 12.53 7.41
N VAL M 27 -10.36 11.30 7.33
CA VAL M 27 -10.91 10.20 8.12
C VAL M 27 -10.45 10.29 9.57
N PHE M 28 -9.45 11.12 9.86
CA PHE M 28 -9.09 11.34 11.26
C PHE M 28 -9.73 12.61 11.80
N GLY M 29 -9.91 13.62 10.96
CA GLY M 29 -10.72 14.75 11.37
C GLY M 29 -12.19 14.38 11.47
N SER M 30 -12.64 13.40 10.69
CA SER M 30 -14.05 13.04 10.72
C SER M 30 -14.33 12.00 11.79
N MET M 31 -13.31 11.61 12.55
CA MET M 31 -13.56 10.63 13.59
C MET M 31 -13.81 11.31 14.92
N ILE M 32 -13.12 12.41 15.18
CA ILE M 32 -13.25 13.11 16.45
C ILE M 32 -14.64 13.76 16.56
N ILE M 33 -15.23 14.18 15.43
CA ILE M 33 -16.61 14.65 15.47
C ILE M 33 -17.59 13.50 15.37
N GLY M 34 -17.10 12.29 15.14
CA GLY M 34 -17.93 11.12 15.35
C GLY M 34 -17.76 10.59 16.75
N TYR M 35 -16.79 11.13 17.48
CA TYR M 35 -16.48 10.61 18.80
C TYR M 35 -17.01 11.52 19.90
N ALA M 36 -16.93 12.85 19.68
CA ALA M 36 -17.38 13.80 20.67
C ALA M 36 -18.90 13.76 20.82
N ARG M 37 -19.60 13.31 19.79
CA ARG M 37 -21.03 13.08 19.92
C ARG M 37 -21.30 11.87 20.78
N ASN M 38 -20.55 10.79 20.58
CA ASN M 38 -20.90 9.51 21.14
C ASN M 38 -19.65 8.82 21.69
N PRO M 39 -19.31 8.99 22.97
CA PRO M 39 -18.07 8.38 23.53
C PRO M 39 -18.16 6.88 23.77
N SER M 40 -18.10 6.12 22.68
CA SER M 40 -18.02 4.67 22.70
C SER M 40 -16.88 4.20 21.81
N LEU M 41 -15.67 4.73 22.05
CA LEU M 41 -14.56 4.58 21.11
C LEU M 41 -14.07 3.14 20.99
N LYS M 42 -14.27 2.33 22.03
CA LYS M 42 -13.74 0.97 22.01
C LYS M 42 -14.58 0.06 21.15
N GLN M 43 -15.75 0.54 20.73
CA GLN M 43 -16.59 -0.13 19.77
C GLN M 43 -16.08 0.09 18.35
N GLN M 44 -16.95 -0.19 17.38
CA GLN M 44 -16.53 -0.31 16.00
C GLN M 44 -16.24 1.04 15.34
N LEU M 45 -16.33 2.14 16.09
CA LEU M 45 -16.03 3.45 15.50
C LEU M 45 -14.53 3.61 15.27
N PHE M 46 -13.71 3.14 16.22
CA PHE M 46 -12.27 3.21 15.98
C PHE M 46 -11.81 2.16 14.98
N SER M 47 -12.54 1.06 14.88
CA SER M 47 -12.19 0.02 13.91
C SER M 47 -12.50 0.47 12.49
N TYR M 48 -13.32 1.49 12.32
CA TYR M 48 -13.54 2.04 10.99
C TYR M 48 -12.60 3.20 10.71
N ALA M 49 -11.74 3.52 11.67
CA ALA M 49 -10.71 4.51 11.39
C ALA M 49 -9.51 3.87 10.72
N ILE M 50 -9.20 2.63 11.08
CA ILE M 50 -7.99 1.97 10.59
C ILE M 50 -8.25 1.32 9.24
N LEU M 51 -9.42 0.67 9.08
CA LEU M 51 -9.77 0.11 7.79
C LEU M 51 -9.96 1.21 6.75
N GLY M 52 -10.46 2.36 7.17
CA GLY M 52 -10.47 3.52 6.29
C GLY M 52 -9.07 4.06 6.05
N PHE M 53 -8.19 3.93 7.04
CA PHE M 53 -6.80 4.32 6.85
C PHE M 53 -6.08 3.36 5.93
N ALA M 54 -6.28 2.05 6.15
CA ALA M 54 -5.54 1.05 5.39
C ALA M 54 -6.01 0.98 3.94
N LEU M 55 -7.31 1.18 3.71
CA LEU M 55 -7.81 1.16 2.34
C LEU M 55 -7.43 2.44 1.61
N SER M 56 -7.09 3.49 2.36
CA SER M 56 -6.61 4.70 1.71
C SER M 56 -5.11 4.65 1.47
N GLU M 57 -4.36 4.00 2.37
CA GLU M 57 -2.92 3.84 2.13
C GLU M 57 -2.66 2.73 1.14
N ALA M 58 -3.63 1.82 0.94
CA ALA M 58 -3.53 0.85 -0.14
C ALA M 58 -3.59 1.54 -1.49
N MET M 59 -4.42 2.58 -1.61
CA MET M 59 -4.37 3.42 -2.81
C MET M 59 -3.36 4.54 -2.65
N GLY M 60 -2.61 4.54 -1.54
CA GLY M 60 -1.60 5.57 -1.36
C GLY M 60 -0.24 5.14 -1.89
N LEU M 61 0.26 3.99 -1.44
CA LEU M 61 1.66 3.65 -1.66
C LEU M 61 1.89 3.12 -3.07
N PHE M 62 0.88 2.51 -3.68
CA PHE M 62 1.09 1.86 -4.96
C PHE M 62 1.07 2.86 -6.10
N CYS M 63 0.85 4.14 -5.78
CA CYS M 63 1.19 5.18 -6.73
C CYS M 63 2.69 5.42 -6.77
N LEU M 64 3.39 5.10 -5.67
CA LEU M 64 4.84 5.17 -5.70
C LEU M 64 5.43 3.89 -6.28
N MET M 65 4.60 2.87 -6.51
CA MET M 65 5.05 1.67 -7.21
C MET M 65 5.43 1.98 -8.65
N VAL M 66 4.67 2.85 -9.30
CA VAL M 66 4.95 3.19 -10.69
C VAL M 66 6.11 4.19 -10.75
N ALA M 67 6.46 4.78 -9.62
CA ALA M 67 7.59 5.70 -9.59
C ALA M 67 8.91 4.97 -9.74
N PHE M 68 9.10 3.87 -9.01
CA PHE M 68 10.38 3.17 -9.04
C PHE M 68 10.57 2.40 -10.33
N LEU M 69 9.47 1.87 -10.91
CA LEU M 69 9.57 1.08 -12.14
C LEU M 69 10.03 1.94 -13.31
N ILE M 70 9.65 3.20 -13.31
CA ILE M 70 10.16 4.12 -14.33
C ILE M 70 11.63 4.41 -14.07
N LEU M 71 12.02 4.48 -12.80
CA LEU M 71 13.44 4.58 -12.48
C LEU M 71 14.17 3.28 -12.78
N PHE M 72 13.83 2.21 -12.07
CA PHE M 72 14.54 0.96 -12.19
C PHE M 72 13.86 -0.01 -13.14
N ILE N 1 22.95 19.02 -18.88
CA ILE N 1 21.93 18.00 -19.03
C ILE N 1 21.83 17.21 -17.72
N ASP N 2 22.92 17.16 -16.95
CA ASP N 2 22.89 16.44 -15.68
C ASP N 2 22.15 17.23 -14.62
N THR N 3 22.54 18.49 -14.43
CA THR N 3 21.88 19.35 -13.43
C THR N 3 20.54 19.83 -13.98
N ALA N 4 20.35 19.75 -15.29
CA ALA N 4 19.05 20.02 -15.88
C ALA N 4 18.04 18.95 -15.51
N ALA N 5 18.45 17.69 -15.54
CA ALA N 5 17.51 16.59 -15.33
C ALA N 5 17.17 16.43 -13.86
N LYS N 6 18.12 16.74 -12.98
CA LYS N 6 17.96 16.45 -11.56
C LYS N 6 16.94 17.35 -10.91
N PHE N 7 16.98 18.65 -11.23
CA PHE N 7 16.24 19.62 -10.44
C PHE N 7 14.75 19.62 -10.75
N ILE N 8 14.37 19.30 -11.99
CA ILE N 8 12.95 19.34 -12.33
C ILE N 8 12.30 17.99 -12.06
N GLY N 9 13.08 17.04 -11.58
CA GLY N 9 12.49 15.89 -10.91
C GLY N 9 12.37 16.12 -9.42
N ALA N 10 13.09 17.12 -8.89
CA ALA N 10 13.07 17.39 -7.46
C ALA N 10 11.96 18.36 -7.09
N GLY N 11 11.77 19.40 -7.90
CA GLY N 11 10.71 20.34 -7.62
C GLY N 11 9.34 19.76 -7.87
N ALA N 12 9.23 18.87 -8.85
CA ALA N 12 7.93 18.29 -9.18
C ALA N 12 7.56 17.15 -8.23
N ALA N 13 8.46 16.84 -7.29
CA ALA N 13 8.13 15.85 -6.26
C ALA N 13 7.66 16.53 -4.98
N THR N 14 8.05 17.80 -4.79
CA THR N 14 7.76 18.49 -3.54
C THR N 14 6.35 19.09 -3.57
N VAL N 15 5.64 18.89 -4.69
CA VAL N 15 4.25 19.29 -4.79
C VAL N 15 3.41 18.34 -3.94
N GLY N 16 3.84 17.09 -3.85
CA GLY N 16 3.06 16.10 -3.13
C GLY N 16 3.14 16.24 -1.62
N VAL N 17 4.11 17.01 -1.11
CA VAL N 17 4.27 17.13 0.33
C VAL N 17 3.45 18.28 0.88
N ALA N 18 2.93 19.13 0.00
CA ALA N 18 1.89 20.06 0.42
C ALA N 18 0.54 19.51 0.00
N GLY N 19 0.54 18.29 -0.55
CA GLY N 19 -0.71 17.59 -0.80
C GLY N 19 -1.28 16.97 0.45
N SER N 20 -0.51 16.97 1.54
CA SER N 20 -1.04 16.52 2.83
C SER N 20 -1.27 17.68 3.78
N GLY N 21 -1.03 18.91 3.34
CA GLY N 21 -1.45 20.05 4.13
C GLY N 21 -2.96 20.22 4.13
N ALA N 22 -3.61 19.81 3.05
CA ALA N 22 -5.06 19.95 2.95
C ALA N 22 -5.77 18.91 3.83
N GLY N 23 -5.04 17.92 4.31
CA GLY N 23 -5.62 16.98 5.25
C GLY N 23 -5.61 17.50 6.69
N ILE N 24 -4.51 18.13 7.09
CA ILE N 24 -4.43 18.63 8.46
C ILE N 24 -5.20 19.93 8.60
N GLY N 25 -5.63 20.52 7.48
CA GLY N 25 -6.69 21.49 7.56
C GLY N 25 -7.95 20.87 8.12
N THR N 26 -8.24 19.64 7.70
CA THR N 26 -9.42 18.97 8.22
C THR N 26 -9.15 18.40 9.60
N VAL N 27 -7.93 17.91 9.84
CA VAL N 27 -7.62 17.28 11.13
C VAL N 27 -7.62 18.31 12.25
N PHE N 28 -6.88 19.41 12.07
CA PHE N 28 -6.82 20.43 13.09
C PHE N 28 -8.08 21.27 13.09
N GLY N 29 -8.79 21.29 11.96
CA GLY N 29 -9.97 22.11 11.86
C GLY N 29 -11.23 21.44 12.39
N SER N 30 -11.35 20.13 12.21
CA SER N 30 -12.54 19.45 12.68
C SER N 30 -12.45 19.11 14.15
N MET N 31 -11.39 19.57 14.83
CA MET N 31 -11.38 19.50 16.28
C MET N 31 -12.31 20.56 16.85
N ILE N 32 -12.53 21.64 16.09
CA ILE N 32 -13.33 22.76 16.55
C ILE N 32 -14.78 22.35 16.74
N ILE N 33 -15.34 21.66 15.76
CA ILE N 33 -16.75 21.31 15.79
C ILE N 33 -16.99 20.16 16.76
N GLY N 34 -15.94 19.44 17.13
CA GLY N 34 -16.10 18.42 18.15
C GLY N 34 -16.01 18.98 19.55
N TYR N 35 -15.14 19.99 19.73
CA TYR N 35 -14.88 20.53 21.06
C TYR N 35 -16.06 21.34 21.58
N ALA N 36 -16.85 21.91 20.67
CA ALA N 36 -17.96 22.77 21.06
C ALA N 36 -19.18 21.95 21.48
N ARG N 37 -19.34 20.74 20.96
CA ARG N 37 -20.44 19.92 21.43
C ARG N 37 -20.14 19.40 22.82
N ASN N 38 -18.91 19.00 23.07
CA ASN N 38 -18.56 18.34 24.33
C ASN N 38 -17.20 18.85 24.80
N PRO N 39 -17.10 19.48 25.96
CA PRO N 39 -15.77 19.82 26.49
C PRO N 39 -15.18 18.78 27.43
N SER N 40 -14.87 17.61 26.90
CA SER N 40 -14.02 16.64 27.56
C SER N 40 -12.62 16.70 26.95
N LEU N 41 -11.86 17.72 27.34
CA LEU N 41 -10.78 18.23 26.50
C LEU N 41 -9.52 17.39 26.58
N LYS N 42 -9.00 17.16 27.78
CA LYS N 42 -7.75 16.41 27.92
C LYS N 42 -7.97 14.90 27.87
N GLN N 43 -9.12 14.45 27.34
CA GLN N 43 -9.45 13.07 27.07
C GLN N 43 -8.74 12.69 25.77
N GLN N 44 -9.16 11.60 25.13
CA GLN N 44 -8.58 11.19 23.86
C GLN N 44 -8.91 12.15 22.72
N LEU N 45 -9.75 13.16 22.97
CA LEU N 45 -10.18 14.13 21.96
C LEU N 45 -9.01 14.89 21.36
N PHE N 46 -8.19 15.56 22.18
CA PHE N 46 -7.02 16.22 21.65
C PHE N 46 -5.95 15.21 21.26
N SER N 47 -5.96 14.04 21.88
CA SER N 47 -4.94 13.04 21.56
C SER N 47 -5.27 12.29 20.29
N TYR N 48 -6.55 12.19 19.93
CA TYR N 48 -6.88 11.64 18.61
C TYR N 48 -6.45 12.58 17.50
N ALA N 49 -6.33 13.88 17.81
CA ALA N 49 -5.81 14.82 16.84
C ALA N 49 -4.34 14.56 16.55
N ILE N 50 -3.57 14.19 17.58
CA ILE N 50 -2.15 13.87 17.38
C ILE N 50 -2.00 12.59 16.57
N LEU N 51 -2.93 11.64 16.74
CA LEU N 51 -2.97 10.50 15.85
C LEU N 51 -3.39 10.90 14.44
N GLY N 52 -4.08 12.02 14.29
CA GLY N 52 -4.33 12.56 12.97
C GLY N 52 -3.20 13.45 12.48
N PHE N 53 -2.66 14.28 13.37
CA PHE N 53 -1.71 15.32 12.96
C PHE N 53 -0.38 14.75 12.51
N ALA N 54 0.08 13.69 13.17
CA ALA N 54 1.41 13.17 12.86
C ALA N 54 1.32 11.97 11.93
N LEU N 55 0.12 11.45 11.67
CA LEU N 55 -0.02 10.42 10.64
C LEU N 55 -0.26 11.05 9.27
N SER N 56 -0.94 12.20 9.25
CA SER N 56 -1.12 12.90 7.98
C SER N 56 0.15 13.64 7.57
N GLU N 57 0.93 14.09 8.55
CA GLU N 57 2.26 14.60 8.24
C GLU N 57 3.20 13.46 7.84
N ALA N 58 2.87 12.22 8.23
CA ALA N 58 3.69 11.08 7.86
C ALA N 58 3.53 10.71 6.39
N MET N 59 2.50 11.23 5.73
CA MET N 59 2.49 11.19 4.29
C MET N 59 3.05 12.47 3.71
N GLY N 60 3.17 13.52 4.54
CA GLY N 60 3.81 14.74 4.09
C GLY N 60 5.32 14.60 4.04
N LEU N 61 5.92 14.08 5.11
CA LEU N 61 7.37 13.83 5.10
C LEU N 61 7.71 12.48 4.47
N PHE N 62 6.72 11.83 3.87
CA PHE N 62 6.99 10.65 3.05
C PHE N 62 7.79 11.01 1.81
N CYS N 63 7.24 11.87 0.96
CA CYS N 63 7.80 12.08 -0.37
C CYS N 63 9.03 12.97 -0.32
N LEU N 64 9.26 13.65 0.81
CA LEU N 64 10.36 14.62 0.88
C LEU N 64 11.72 13.93 0.88
N MET N 65 11.79 12.70 1.38
CA MET N 65 13.01 11.92 1.20
C MET N 65 13.17 11.46 -0.24
N VAL N 66 12.04 11.17 -0.90
CA VAL N 66 12.06 10.68 -2.28
C VAL N 66 12.50 11.79 -3.23
N ALA N 67 12.19 13.04 -2.88
CA ALA N 67 12.75 14.16 -3.63
C ALA N 67 14.26 14.25 -3.43
N PHE N 68 14.72 14.08 -2.19
CA PHE N 68 16.16 14.10 -1.96
C PHE N 68 16.80 12.77 -2.33
N LEU N 69 15.99 11.75 -2.64
CA LEU N 69 16.52 10.51 -3.21
C LEU N 69 16.92 10.73 -4.67
N ILE N 70 16.32 11.73 -5.32
CA ILE N 70 16.62 12.03 -6.72
C ILE N 70 17.32 13.39 -6.83
N LEU N 71 17.65 14.00 -5.69
CA LEU N 71 18.63 15.08 -5.75
C LEU N 71 20.01 14.50 -6.08
N PHE N 72 20.35 13.35 -5.52
CA PHE N 72 21.67 12.75 -5.69
C PHE N 72 21.66 11.62 -6.70
N ILE O 1 21.36 25.44 -20.75
CA ILE O 1 20.49 24.33 -20.40
C ILE O 1 20.27 24.34 -18.89
N ASP O 2 21.16 25.04 -18.18
CA ASP O 2 20.96 25.22 -16.75
C ASP O 2 19.83 26.21 -16.49
N THR O 3 19.69 27.21 -17.36
CA THR O 3 18.66 28.22 -17.18
C THR O 3 17.27 27.65 -17.48
N ALA O 4 17.20 26.66 -18.36
CA ALA O 4 15.92 26.09 -18.75
C ALA O 4 15.38 25.15 -17.67
N ALA O 5 16.21 24.84 -16.68
CA ALA O 5 15.76 23.93 -15.62
C ALA O 5 15.40 24.69 -14.35
N LYS O 6 16.08 25.80 -14.08
CA LYS O 6 15.86 26.51 -12.83
C LYS O 6 14.49 27.18 -12.80
N PHE O 7 13.96 27.53 -13.97
CA PHE O 7 12.74 28.35 -14.00
C PHE O 7 11.50 27.48 -14.07
N ILE O 8 11.61 26.29 -14.66
CA ILE O 8 10.51 25.34 -14.61
C ILE O 8 10.45 24.66 -13.25
N GLY O 9 11.60 24.58 -12.57
CA GLY O 9 11.64 23.86 -11.30
C GLY O 9 10.89 24.59 -10.20
N ALA O 10 11.17 25.89 -10.02
CA ALA O 10 10.52 26.65 -8.95
C ALA O 10 9.04 26.86 -9.23
N GLY O 11 8.68 27.04 -10.50
CA GLY O 11 7.27 27.18 -10.84
C GLY O 11 6.50 25.90 -10.67
N ALA O 12 7.17 24.76 -10.83
CA ALA O 12 6.56 23.51 -10.44
C ALA O 12 6.47 23.40 -8.93
N ALA O 13 7.44 23.98 -8.22
CA ALA O 13 7.47 23.81 -6.76
C ALA O 13 6.50 24.76 -6.06
N THR O 14 5.83 25.62 -6.82
CA THR O 14 4.91 26.59 -6.21
C THR O 14 3.49 26.02 -6.14
N VAL O 15 3.24 24.95 -6.90
CA VAL O 15 1.93 24.35 -7.12
C VAL O 15 1.32 23.87 -5.81
N GLY O 16 2.15 23.42 -4.89
CA GLY O 16 1.65 22.73 -3.72
C GLY O 16 0.93 23.64 -2.73
N VAL O 17 1.27 24.93 -2.74
CA VAL O 17 0.77 25.86 -1.73
C VAL O 17 -0.73 26.09 -1.93
N ALA O 18 -1.23 25.80 -3.14
CA ALA O 18 -2.66 25.68 -3.41
C ALA O 18 -3.31 24.63 -2.52
N GLY O 19 -2.59 23.58 -2.16
CA GLY O 19 -3.10 22.65 -1.18
C GLY O 19 -3.26 23.27 0.20
N SER O 20 -2.40 24.25 0.53
CA SER O 20 -2.43 24.82 1.86
C SER O 20 -3.63 25.74 2.05
N GLY O 21 -3.92 26.58 1.06
CA GLY O 21 -5.07 27.47 1.17
C GLY O 21 -6.39 26.72 1.14
N ALA O 22 -6.40 25.56 0.52
CA ALA O 22 -7.65 24.81 0.38
C ALA O 22 -7.97 24.03 1.63
N GLY O 23 -7.04 24.00 2.58
CA GLY O 23 -7.37 23.50 3.90
C GLY O 23 -7.52 24.62 4.90
N ILE O 24 -6.86 25.76 4.64
CA ILE O 24 -6.83 26.84 5.62
C ILE O 24 -8.13 27.61 5.59
N GLY O 25 -8.92 27.42 4.54
CA GLY O 25 -10.27 27.95 4.55
C GLY O 25 -11.18 27.11 5.43
N THR O 26 -10.82 25.85 5.64
CA THR O 26 -11.65 24.99 6.47
C THR O 26 -11.45 25.31 7.95
N VAL O 27 -10.25 25.77 8.32
CA VAL O 27 -9.95 25.95 9.74
C VAL O 27 -10.54 27.25 10.25
N PHE O 28 -11.03 28.11 9.36
CA PHE O 28 -11.86 29.20 9.84
C PHE O 28 -13.31 28.92 9.48
N GLY O 29 -13.53 28.01 8.53
CA GLY O 29 -14.88 27.63 8.19
C GLY O 29 -15.43 26.58 9.13
N SER O 30 -14.60 26.13 10.06
CA SER O 30 -15.12 25.34 11.16
C SER O 30 -15.27 26.19 12.41
N MET O 31 -14.63 27.36 12.45
CA MET O 31 -14.75 28.21 13.63
C MET O 31 -15.95 29.13 13.49
N ILE O 32 -16.39 29.41 12.26
CA ILE O 32 -17.66 30.09 12.05
C ILE O 32 -18.82 29.24 12.57
N ILE O 33 -18.84 27.96 12.21
CA ILE O 33 -19.86 27.05 12.72
C ILE O 33 -19.53 26.66 14.17
N GLY O 34 -18.31 26.91 14.62
CA GLY O 34 -17.97 26.60 16.00
C GLY O 34 -18.57 27.59 16.98
N TYR O 35 -18.31 28.87 16.75
CA TYR O 35 -18.80 29.91 17.66
C TYR O 35 -20.31 30.11 17.52
N ALA O 36 -20.87 29.76 16.38
CA ALA O 36 -22.30 29.96 16.18
C ALA O 36 -23.13 28.86 16.80
N ARG O 37 -22.49 27.87 17.41
CA ARG O 37 -23.24 26.89 18.18
C ARG O 37 -23.15 27.19 19.67
N ASN O 38 -21.99 27.61 20.13
CA ASN O 38 -21.70 27.78 21.54
C ASN O 38 -20.74 28.95 21.66
N PRO O 39 -21.19 30.10 22.13
CA PRO O 39 -20.30 31.28 22.21
C PRO O 39 -19.18 31.13 23.25
N SER O 40 -18.16 30.37 22.86
CA SER O 40 -16.95 30.11 23.63
C SER O 40 -15.73 30.68 22.91
N LEU O 41 -15.85 31.92 22.47
CA LEU O 41 -14.84 32.55 21.62
C LEU O 41 -13.56 32.87 22.37
N LYS O 42 -13.65 33.62 23.47
CA LYS O 42 -12.48 34.13 24.16
C LYS O 42 -11.69 33.03 24.85
N GLN O 43 -12.32 31.90 25.11
CA GLN O 43 -11.64 30.70 25.57
C GLN O 43 -11.05 29.93 24.39
N GLN O 44 -10.72 28.65 24.61
CA GLN O 44 -9.70 27.94 23.84
C GLN O 44 -10.01 27.79 22.35
N LEU O 45 -11.22 28.14 21.91
CA LEU O 45 -11.62 27.84 20.54
C LEU O 45 -10.89 28.71 19.52
N PHE O 46 -10.84 30.01 19.78
CA PHE O 46 -10.24 30.93 18.81
C PHE O 46 -8.74 30.74 18.75
N SER O 47 -8.13 30.33 19.87
CA SER O 47 -6.68 30.14 19.90
C SER O 47 -6.28 28.92 19.07
N TYR O 48 -7.19 27.96 18.91
CA TYR O 48 -6.94 26.82 18.03
C TYR O 48 -6.86 27.25 16.57
N ALA O 49 -7.67 28.24 16.19
CA ALA O 49 -7.59 28.75 14.83
C ALA O 49 -6.31 29.55 14.63
N ILE O 50 -5.79 30.14 15.71
CA ILE O 50 -4.49 30.78 15.64
C ILE O 50 -3.40 29.73 15.47
N LEU O 51 -3.54 28.59 16.15
CA LEU O 51 -2.66 27.46 15.89
C LEU O 51 -2.96 26.86 14.53
N GLY O 52 -4.23 26.87 14.12
CA GLY O 52 -4.61 26.21 12.87
C GLY O 52 -4.13 26.93 11.64
N PHE O 53 -4.08 28.27 11.69
CA PHE O 53 -3.46 29.01 10.61
C PHE O 53 -1.94 28.87 10.65
N ALA O 54 -1.37 28.80 11.85
CA ALA O 54 0.08 28.75 11.97
C ALA O 54 0.63 27.39 11.55
N LEU O 55 -0.13 26.32 11.77
CA LEU O 55 0.39 24.99 11.49
C LEU O 55 0.39 24.70 9.99
N SER O 56 -0.78 24.81 9.35
CA SER O 56 -0.91 24.35 7.97
C SER O 56 -0.19 25.28 7.00
N GLU O 57 0.08 26.51 7.41
CA GLU O 57 0.88 27.38 6.58
C GLU O 57 2.35 26.99 6.64
N ALA O 58 2.76 26.35 7.74
CA ALA O 58 4.13 25.83 7.82
C ALA O 58 4.32 24.62 6.92
N MET O 59 3.24 23.87 6.66
CA MET O 59 3.30 22.89 5.57
C MET O 59 3.34 23.59 4.22
N GLY O 60 2.82 24.81 4.16
CA GLY O 60 2.76 25.50 2.88
C GLY O 60 3.99 26.34 2.59
N LEU O 61 4.44 27.13 3.57
CA LEU O 61 5.46 28.13 3.28
C LEU O 61 6.85 27.52 3.12
N PHE O 62 7.04 26.30 3.62
CA PHE O 62 8.30 25.59 3.38
C PHE O 62 8.43 25.20 1.92
N CYS O 63 7.31 24.92 1.25
CA CYS O 63 7.35 24.53 -0.15
C CYS O 63 7.76 25.69 -1.03
N LEU O 64 7.49 26.92 -0.59
CA LEU O 64 7.99 28.09 -1.28
C LEU O 64 9.51 28.20 -1.12
N MET O 65 10.02 27.81 0.04
CA MET O 65 11.47 27.83 0.28
C MET O 65 12.18 26.76 -0.56
N VAL O 66 11.46 25.70 -0.92
CA VAL O 66 11.97 24.72 -1.86
C VAL O 66 12.15 25.36 -3.25
N ALA O 67 11.26 26.27 -3.61
CA ALA O 67 11.35 26.91 -4.91
C ALA O 67 12.54 27.86 -5.01
N PHE O 68 12.99 28.40 -3.86
CA PHE O 68 14.05 29.40 -3.88
C PHE O 68 15.41 28.77 -4.16
N LEU O 69 15.66 27.58 -3.61
CA LEU O 69 16.95 26.93 -3.79
C LEU O 69 17.10 26.37 -5.19
N ILE O 70 15.98 26.07 -5.84
CA ILE O 70 16.01 25.75 -7.26
C ILE O 70 16.33 27.02 -8.06
N LEU O 71 15.73 28.14 -7.65
CA LEU O 71 16.05 29.41 -8.31
C LEU O 71 17.45 29.89 -7.94
N PHE O 72 17.86 29.66 -6.70
CA PHE O 72 19.23 30.00 -6.28
C PHE O 72 20.02 28.75 -5.90
N ILE P 1 15.36 30.23 -26.82
CA ILE P 1 15.44 29.17 -25.82
C ILE P 1 15.64 29.77 -24.43
N ASP P 2 16.40 30.87 -24.37
CA ASP P 2 16.57 31.58 -23.11
C ASP P 2 15.29 32.29 -22.70
N THR P 3 14.52 32.76 -23.69
CA THR P 3 13.22 33.37 -23.41
C THR P 3 12.16 32.30 -23.15
N ALA P 4 12.43 31.07 -23.56
CA ALA P 4 11.44 30.01 -23.41
C ALA P 4 11.31 29.58 -21.95
N ALA P 5 12.40 29.68 -21.19
CA ALA P 5 12.37 29.30 -19.77
C ALA P 5 11.55 30.28 -18.95
N LYS P 6 11.44 31.53 -19.41
CA LYS P 6 10.56 32.51 -18.80
C LYS P 6 9.11 32.08 -18.91
N PHE P 7 8.73 31.50 -20.05
CA PHE P 7 7.32 31.26 -20.34
C PHE P 7 6.82 30.01 -19.64
N ILE P 8 7.70 29.03 -19.45
CA ILE P 8 7.25 27.72 -19.00
C ILE P 8 7.00 27.73 -17.50
N GLY P 9 7.60 28.69 -16.78
CA GLY P 9 7.57 28.62 -15.33
C GLY P 9 6.31 29.24 -14.74
N ALA P 10 5.87 30.38 -15.30
CA ALA P 10 4.78 31.12 -14.70
C ALA P 10 3.45 30.41 -14.91
N GLY P 11 3.29 29.75 -16.05
CA GLY P 11 2.07 28.97 -16.28
C GLY P 11 1.99 27.77 -15.36
N ALA P 12 3.14 27.28 -14.91
CA ALA P 12 3.15 26.24 -13.89
C ALA P 12 2.87 26.81 -12.52
N ALA P 13 3.45 27.97 -12.20
CA ALA P 13 3.23 28.57 -10.88
C ALA P 13 1.90 29.30 -10.81
N THR P 14 1.19 29.37 -11.94
CA THR P 14 -0.15 29.96 -12.00
C THR P 14 -1.13 29.15 -11.15
N VAL P 15 -0.93 27.84 -11.11
CA VAL P 15 -1.95 26.90 -10.64
C VAL P 15 -1.92 26.84 -9.12
N GLY P 16 -0.95 27.51 -8.50
CA GLY P 16 -0.92 27.55 -7.04
C GLY P 16 -1.98 28.45 -6.44
N VAL P 17 -2.80 29.09 -7.28
CA VAL P 17 -3.92 29.91 -6.80
C VAL P 17 -5.24 29.17 -7.02
N ALA P 18 -5.19 28.00 -7.67
CA ALA P 18 -6.39 27.21 -7.93
C ALA P 18 -6.99 26.68 -6.64
N GLY P 19 -6.15 26.17 -5.76
CA GLY P 19 -6.64 25.70 -4.48
C GLY P 19 -7.01 26.84 -3.55
N SER P 20 -6.26 27.93 -3.60
CA SER P 20 -6.62 29.12 -2.84
C SER P 20 -7.86 29.78 -3.42
N GLY P 21 -8.19 29.48 -4.67
CA GLY P 21 -9.48 29.85 -5.20
C GLY P 21 -10.62 29.09 -4.54
N ALA P 22 -10.45 27.78 -4.35
CA ALA P 22 -11.46 27.01 -3.63
C ALA P 22 -11.30 27.17 -2.13
N GLY P 23 -10.17 27.72 -1.69
CA GLY P 23 -9.95 27.91 -0.26
C GLY P 23 -10.72 29.09 0.30
N ILE P 24 -11.34 29.89 -0.57
CA ILE P 24 -12.23 30.95 -0.12
C ILE P 24 -13.68 30.58 -0.43
N GLY P 25 -13.88 29.51 -1.18
CA GLY P 25 -15.23 29.10 -1.50
C GLY P 25 -15.89 28.36 -0.36
N THR P 26 -15.10 27.86 0.58
CA THR P 26 -15.70 27.09 1.67
C THR P 26 -15.92 27.96 2.89
N VAL P 27 -15.17 29.06 3.01
CA VAL P 27 -15.35 29.98 4.13
C VAL P 27 -16.65 30.76 3.95
N PHE P 28 -17.18 30.80 2.73
CA PHE P 28 -18.53 31.34 2.53
C PHE P 28 -19.56 30.22 2.54
N GLY P 29 -19.12 28.98 2.39
CA GLY P 29 -20.03 27.86 2.53
C GLY P 29 -20.30 27.52 3.97
N SER P 30 -19.54 28.13 4.87
CA SER P 30 -19.82 27.97 6.30
C SER P 30 -20.85 28.99 6.76
N MET P 31 -20.71 30.24 6.33
CA MET P 31 -21.47 31.33 6.91
C MET P 31 -22.91 31.29 6.45
N ILE P 32 -23.19 30.57 5.37
CA ILE P 32 -24.56 30.20 5.05
C ILE P 32 -25.10 29.28 6.13
N ILE P 33 -24.41 28.17 6.39
CA ILE P 33 -24.92 27.18 7.33
C ILE P 33 -24.57 27.57 8.75
N GLY P 34 -23.76 28.61 8.93
CA GLY P 34 -23.50 29.09 10.28
C GLY P 34 -24.54 30.07 10.76
N TYR P 35 -24.90 31.05 9.91
CA TYR P 35 -25.88 32.06 10.29
C TYR P 35 -27.27 31.47 10.42
N ALA P 36 -27.56 30.42 9.67
CA ALA P 36 -28.92 29.90 9.60
C ALA P 36 -29.32 29.16 10.87
N ARG P 37 -28.39 29.02 11.83
CA ARG P 37 -28.77 28.63 13.18
C ARG P 37 -28.99 29.84 14.08
N ASN P 38 -27.99 30.72 14.14
CA ASN P 38 -27.89 31.74 15.18
C ASN P 38 -27.83 33.12 14.54
N PRO P 39 -28.96 33.80 14.39
CA PRO P 39 -28.94 35.16 13.83
C PRO P 39 -28.31 36.19 14.77
N SER P 40 -26.98 36.20 14.75
CA SER P 40 -26.12 37.17 15.42
C SER P 40 -25.18 37.77 14.39
N LEU P 41 -25.77 38.24 13.29
CA LEU P 41 -25.07 38.40 12.03
C LEU P 41 -24.04 39.53 12.04
N LYS P 42 -24.49 40.76 12.32
CA LYS P 42 -23.64 41.96 12.25
C LYS P 42 -22.50 41.94 13.25
N GLN P 43 -22.59 41.10 14.28
CA GLN P 43 -21.51 40.86 15.21
C GLN P 43 -20.50 39.89 14.61
N GLN P 44 -19.66 39.28 15.45
CA GLN P 44 -18.40 38.70 14.99
C GLN P 44 -18.55 37.43 14.16
N LEU P 45 -19.78 37.08 13.74
CA LEU P 45 -19.93 36.05 12.73
C LEU P 45 -19.41 36.52 11.38
N PHE P 46 -19.87 37.69 10.92
CA PHE P 46 -19.44 38.17 9.61
C PHE P 46 -18.05 38.76 9.66
N SER P 47 -17.66 39.32 10.82
CA SER P 47 -16.38 40.00 10.93
C SER P 47 -15.23 39.01 10.89
N TYR P 48 -15.48 37.75 11.23
CA TYR P 48 -14.45 36.73 11.12
C TYR P 48 -14.33 36.20 9.70
N ALA P 49 -15.44 36.14 8.97
CA ALA P 49 -15.38 35.63 7.60
C ALA P 49 -14.72 36.63 6.67
N ILE P 50 -14.64 37.89 7.08
CA ILE P 50 -13.86 38.87 6.34
C ILE P 50 -12.38 38.56 6.47
N LEU P 51 -11.94 38.22 7.67
CA LEU P 51 -10.52 37.99 7.94
C LEU P 51 -10.03 36.72 7.26
N GLY P 52 -10.88 35.70 7.19
CA GLY P 52 -10.46 34.46 6.55
C GLY P 52 -10.30 34.59 5.06
N PHE P 53 -11.01 35.54 4.45
CA PHE P 53 -10.90 35.73 3.01
C PHE P 53 -9.59 36.44 2.66
N ALA P 54 -9.35 37.60 3.27
CA ALA P 54 -8.23 38.45 2.89
C ALA P 54 -6.89 37.83 3.26
N LEU P 55 -6.90 36.93 4.25
CA LEU P 55 -5.68 36.20 4.57
C LEU P 55 -5.39 35.13 3.52
N SER P 56 -6.43 34.39 3.11
CA SER P 56 -6.22 33.26 2.22
C SER P 56 -5.95 33.70 0.78
N GLU P 57 -6.62 34.76 0.33
CA GLU P 57 -6.41 35.23 -1.04
C GLU P 57 -5.07 35.93 -1.16
N ALA P 58 -4.55 36.45 -0.05
CA ALA P 58 -3.21 37.04 -0.06
C ALA P 58 -2.16 35.97 -0.28
N MET P 59 -2.37 34.78 0.28
CA MET P 59 -1.44 33.68 0.04
C MET P 59 -1.62 33.11 -1.36
N GLY P 60 -2.79 33.34 -1.96
CA GLY P 60 -2.92 33.08 -3.38
C GLY P 60 -2.30 34.20 -4.20
N LEU P 61 -2.37 35.44 -3.70
CA LEU P 61 -1.85 36.58 -4.47
C LEU P 61 -0.33 36.61 -4.45
N PHE P 62 0.28 36.12 -3.38
CA PHE P 62 1.74 36.01 -3.36
C PHE P 62 2.22 34.91 -4.30
N CYS P 63 1.35 33.92 -4.55
CA CYS P 63 1.68 32.92 -5.55
C CYS P 63 1.63 33.51 -6.96
N LEU P 64 0.85 34.57 -7.14
CA LEU P 64 0.87 35.27 -8.42
C LEU P 64 2.03 36.25 -8.47
N MET P 65 2.55 36.67 -7.31
CA MET P 65 3.68 37.58 -7.31
C MET P 65 4.94 36.89 -7.79
N VAL P 66 5.11 35.61 -7.47
CA VAL P 66 6.28 34.89 -7.95
C VAL P 66 6.12 34.56 -9.42
N ALA P 67 4.88 34.58 -9.92
CA ALA P 67 4.66 34.35 -11.34
C ALA P 67 5.20 35.51 -12.17
N PHE P 68 5.26 36.70 -11.59
CA PHE P 68 5.79 37.85 -12.31
C PHE P 68 7.31 37.84 -12.33
N LEU P 69 7.94 37.36 -11.24
CA LEU P 69 9.40 37.34 -11.19
C LEU P 69 9.96 36.26 -12.10
N ILE P 70 9.24 35.15 -12.25
CA ILE P 70 9.58 34.19 -13.30
C ILE P 70 9.32 34.80 -14.67
N LEU P 71 8.28 35.62 -14.78
CA LEU P 71 8.04 36.32 -16.03
C LEU P 71 9.07 37.43 -16.26
N PHE P 72 9.47 38.10 -15.19
CA PHE P 72 10.44 39.19 -15.31
C PHE P 72 11.61 38.98 -14.37
N ILE Q 1 10.66 26.78 -32.15
CA ILE Q 1 11.05 26.75 -30.75
C ILE Q 1 10.45 27.96 -30.05
N ASP Q 2 10.25 29.03 -30.81
CA ASP Q 2 9.66 30.23 -30.25
C ASP Q 2 8.15 30.07 -30.09
N THR Q 3 7.55 29.16 -30.85
CA THR Q 3 6.11 28.95 -30.73
C THR Q 3 5.79 27.99 -29.59
N ALA Q 4 6.75 27.14 -29.20
CA ALA Q 4 6.44 26.06 -28.27
C ALA Q 4 6.28 26.57 -26.85
N ALA Q 5 6.96 27.66 -26.51
CA ALA Q 5 6.82 28.21 -25.18
C ALA Q 5 5.53 29.00 -25.02
N LYS Q 6 4.86 29.28 -26.15
CA LYS Q 6 3.57 29.96 -26.08
C LYS Q 6 2.49 29.02 -25.58
N PHE Q 7 2.60 27.73 -25.88
CA PHE Q 7 1.46 26.84 -25.67
C PHE Q 7 1.55 26.11 -24.34
N ILE Q 8 2.75 25.90 -23.83
CA ILE Q 8 2.89 25.42 -22.46
C ILE Q 8 2.38 26.46 -21.48
N GLY Q 9 2.70 27.74 -21.72
CA GLY Q 9 2.12 28.81 -20.93
C GLY Q 9 0.63 28.97 -21.18
N ALA Q 10 0.15 28.48 -22.33
CA ALA Q 10 -1.29 28.45 -22.57
C ALA Q 10 -1.94 27.28 -21.88
N GLY Q 11 -1.31 26.11 -21.94
CA GLY Q 11 -1.93 24.92 -21.39
C GLY Q 11 -1.84 24.86 -19.87
N ALA Q 12 -0.70 25.26 -19.30
CA ALA Q 12 -0.50 25.08 -17.87
C ALA Q 12 -1.20 26.16 -17.07
N ALA Q 13 -1.42 27.32 -17.65
CA ALA Q 13 -2.07 28.39 -16.90
C ALA Q 13 -3.58 28.21 -16.84
N THR Q 14 -4.13 27.48 -17.80
CA THR Q 14 -5.58 27.34 -17.89
C THR Q 14 -6.07 26.33 -16.86
N VAL Q 15 -5.14 25.51 -16.35
CA VAL Q 15 -5.37 24.48 -15.34
C VAL Q 15 -5.99 25.04 -14.07
N GLY Q 16 -5.59 26.25 -13.70
CA GLY Q 16 -5.96 26.78 -12.40
C GLY Q 16 -7.40 27.25 -12.32
N VAL Q 17 -8.10 27.24 -13.45
CA VAL Q 17 -9.50 27.63 -13.46
C VAL Q 17 -10.36 26.47 -12.96
N ALA Q 18 -9.75 25.31 -12.78
CA ALA Q 18 -10.45 24.14 -12.24
C ALA Q 18 -10.76 24.33 -10.77
N GLY Q 19 -9.86 25.00 -10.05
CA GLY Q 19 -10.00 25.09 -8.62
C GLY Q 19 -11.19 25.93 -8.18
N SER Q 20 -11.40 27.07 -8.83
CA SER Q 20 -12.50 27.94 -8.44
C SER Q 20 -13.83 27.39 -8.94
N GLY Q 21 -13.79 26.51 -9.93
CA GLY Q 21 -14.99 25.80 -10.31
C GLY Q 21 -15.40 24.78 -9.27
N ALA Q 22 -14.44 24.32 -8.46
CA ALA Q 22 -14.77 23.43 -7.36
C ALA Q 22 -15.34 24.21 -6.19
N GLY Q 23 -15.03 25.50 -6.10
CA GLY Q 23 -15.44 26.27 -4.95
C GLY Q 23 -16.90 26.67 -4.99
N ILE Q 24 -17.43 26.92 -6.19
CA ILE Q 24 -18.81 27.39 -6.30
C ILE Q 24 -19.77 26.22 -6.26
N GLY Q 25 -19.25 25.00 -6.20
CA GLY Q 25 -20.09 23.87 -5.86
C GLY Q 25 -20.32 23.79 -4.37
N THR Q 26 -19.38 24.29 -3.59
CA THR Q 26 -19.53 24.32 -2.14
C THR Q 26 -20.59 25.33 -1.74
N VAL Q 27 -20.50 26.57 -2.24
CA VAL Q 27 -21.36 27.64 -1.74
C VAL Q 27 -22.78 27.45 -2.23
N PHE Q 28 -22.95 26.81 -3.38
CA PHE Q 28 -24.31 26.52 -3.82
C PHE Q 28 -24.78 25.21 -3.25
N GLY Q 29 -23.84 24.40 -2.77
CA GLY Q 29 -24.25 23.25 -2.00
C GLY Q 29 -24.67 23.64 -0.60
N SER Q 30 -24.07 24.71 -0.07
CA SER Q 30 -24.31 25.06 1.32
C SER Q 30 -25.58 25.89 1.47
N MET Q 31 -26.03 26.52 0.40
CA MET Q 31 -27.27 27.27 0.44
C MET Q 31 -28.48 26.34 0.44
N ILE Q 32 -28.28 25.10 0.00
CA ILE Q 32 -29.38 24.14 0.03
C ILE Q 32 -29.60 23.65 1.45
N ILE Q 33 -28.52 23.54 2.22
CA ILE Q 33 -28.64 22.97 3.55
C ILE Q 33 -28.94 24.07 4.56
N GLY Q 34 -28.50 25.30 4.28
CA GLY Q 34 -28.82 26.40 5.17
C GLY Q 34 -30.28 26.79 5.11
N TYR Q 35 -30.90 26.63 3.94
CA TYR Q 35 -32.31 26.97 3.78
C TYR Q 35 -33.18 25.94 4.50
N ALA Q 36 -32.73 24.69 4.61
CA ALA Q 36 -33.59 23.65 5.14
C ALA Q 36 -33.73 23.73 6.65
N ARG Q 37 -32.92 24.57 7.31
CA ARG Q 37 -33.18 24.91 8.70
C ARG Q 37 -34.26 25.97 8.80
N ASN Q 38 -33.99 27.14 8.26
CA ASN Q 38 -34.63 28.38 8.62
C ASN Q 38 -35.10 29.06 7.34
N PRO Q 39 -36.33 28.83 6.89
CA PRO Q 39 -36.80 29.52 5.67
C PRO Q 39 -37.00 31.02 5.85
N SER Q 40 -35.88 31.71 5.88
CA SER Q 40 -35.75 33.15 5.77
C SER Q 40 -34.93 33.46 4.52
N LEU Q 41 -35.31 32.80 3.43
CA LEU Q 41 -34.36 32.56 2.34
C LEU Q 41 -34.14 33.80 1.49
N LYS Q 42 -35.20 34.55 1.20
CA LYS Q 42 -35.07 35.68 0.29
C LYS Q 42 -34.36 36.85 0.94
N GLN Q 43 -34.11 36.78 2.24
CA GLN Q 43 -33.22 37.68 2.96
C GLN Q 43 -31.78 37.25 2.76
N GLN Q 44 -30.87 37.69 3.64
CA GLN Q 44 -29.44 37.58 3.40
C GLN Q 44 -28.91 36.14 3.41
N LEU Q 45 -29.79 35.13 3.54
CA LEU Q 45 -29.37 33.75 3.32
C LEU Q 45 -28.95 33.53 1.86
N PHE Q 46 -29.83 33.81 0.91
CA PHE Q 46 -29.50 33.63 -0.49
C PHE Q 46 -28.55 34.71 -0.97
N SER Q 47 -28.60 35.89 -0.36
CA SER Q 47 -27.78 36.99 -0.82
C SER Q 47 -26.32 36.79 -0.48
N TYR Q 48 -26.05 35.99 0.56
CA TYR Q 48 -24.67 35.67 0.88
C TYR Q 48 -24.08 34.67 -0.10
N ALA Q 49 -24.93 33.89 -0.76
CA ALA Q 49 -24.43 33.01 -1.81
C ALA Q 49 -23.95 33.81 -3.01
N ILE Q 50 -24.71 34.81 -3.44
CA ILE Q 50 -24.31 35.64 -4.57
C ILE Q 50 -23.20 36.60 -4.16
N LEU Q 51 -23.07 36.85 -2.86
CA LEU Q 51 -21.83 37.41 -2.35
C LEU Q 51 -20.66 36.47 -2.60
N GLY Q 52 -20.82 35.20 -2.25
CA GLY Q 52 -19.68 34.30 -2.27
C GLY Q 52 -19.34 33.81 -3.66
N PHE Q 53 -20.38 33.56 -4.46
CA PHE Q 53 -20.19 33.10 -5.83
C PHE Q 53 -19.43 34.11 -6.69
N ALA Q 54 -19.69 35.41 -6.50
CA ALA Q 54 -18.97 36.40 -7.27
C ALA Q 54 -17.54 36.54 -6.80
N LEU Q 55 -17.27 36.17 -5.56
CA LEU Q 55 -15.94 36.41 -5.01
C LEU Q 55 -15.00 35.27 -5.32
N SER Q 56 -15.54 34.06 -5.48
CA SER Q 56 -14.70 32.93 -5.83
C SER Q 56 -14.38 32.92 -7.33
N GLU Q 57 -15.37 33.27 -8.15
CA GLU Q 57 -15.17 33.33 -9.59
C GLU Q 57 -14.24 34.46 -9.97
N ALA Q 58 -14.16 35.50 -9.14
CA ALA Q 58 -13.23 36.58 -9.37
C ALA Q 58 -11.79 36.13 -9.22
N MET Q 59 -11.56 35.14 -8.36
CA MET Q 59 -10.23 34.55 -8.26
C MET Q 59 -9.94 33.68 -9.45
N GLY Q 60 -10.92 32.91 -9.91
CA GLY Q 60 -10.69 32.00 -11.02
C GLY Q 60 -10.50 32.72 -12.33
N LEU Q 61 -11.21 33.83 -12.51
CA LEU Q 61 -10.96 34.66 -13.68
C LEU Q 61 -9.62 35.37 -13.57
N PHE Q 62 -9.19 35.67 -12.34
CA PHE Q 62 -7.86 36.25 -12.14
C PHE Q 62 -6.78 35.26 -12.49
N CYS Q 63 -7.06 33.97 -12.33
CA CYS Q 63 -6.17 32.94 -12.84
C CYS Q 63 -6.19 32.91 -14.36
N LEU Q 64 -7.38 33.06 -14.96
CA LEU Q 64 -7.51 32.91 -16.40
C LEU Q 64 -7.00 34.14 -17.13
N MET Q 65 -6.83 35.25 -16.42
CA MET Q 65 -6.41 36.49 -17.07
C MET Q 65 -4.95 36.47 -17.46
N VAL Q 66 -4.13 35.67 -16.78
CA VAL Q 66 -2.72 35.59 -17.15
C VAL Q 66 -2.56 34.70 -18.38
N ALA Q 67 -3.58 33.90 -18.71
CA ALA Q 67 -3.51 33.07 -19.91
C ALA Q 67 -3.58 33.92 -21.16
N PHE Q 68 -4.22 35.09 -21.07
CA PHE Q 68 -4.30 35.96 -22.24
C PHE Q 68 -3.15 36.95 -22.25
N LEU Q 69 -2.49 37.17 -21.11
CA LEU Q 69 -1.31 38.01 -21.12
C LEU Q 69 -0.09 37.25 -21.60
N ILE Q 70 0.12 36.05 -21.06
CA ILE Q 70 1.37 35.35 -21.32
C ILE Q 70 1.36 34.70 -22.70
N LEU Q 71 0.17 34.48 -23.26
CA LEU Q 71 0.11 33.98 -24.63
C LEU Q 71 0.38 35.12 -25.60
N PHE Q 72 0.01 36.33 -25.22
CA PHE Q 72 0.15 37.47 -26.09
C PHE Q 72 1.00 38.58 -25.46
N UNK R 1 -21.26 17.35 3.05
CA UNK R 1 -20.74 18.63 2.60
C UNK R 1 -19.60 19.10 3.48
N UNK R 2 -19.48 18.51 4.66
CA UNK R 2 -18.41 18.87 5.58
C UNK R 2 -17.11 18.24 5.08
N UNK R 3 -17.24 17.06 4.48
CA UNK R 3 -16.09 16.29 4.05
C UNK R 3 -15.83 16.45 2.55
N UNK R 4 -16.57 17.37 1.95
CA UNK R 4 -16.49 17.57 0.51
C UNK R 4 -15.39 18.54 0.14
N UNK R 5 -15.09 19.46 1.04
CA UNK R 5 -14.17 20.55 0.74
C UNK R 5 -12.75 20.02 0.63
N UNK R 6 -12.44 19.03 1.44
CA UNK R 6 -11.17 18.35 1.35
C UNK R 6 -11.19 17.50 0.08
N UNK R 7 -12.36 16.96 -0.25
CA UNK R 7 -12.53 16.17 -1.47
C UNK R 7 -12.48 17.11 -2.67
N UNK R 8 -12.92 18.35 -2.46
CA UNK R 8 -12.78 19.38 -3.49
C UNK R 8 -11.31 19.76 -3.60
N UNK R 9 -10.63 19.72 -2.46
CA UNK R 9 -9.20 20.00 -2.37
C UNK R 9 -8.39 18.76 -2.71
N UNK R 10 -9.10 17.66 -2.90
CA UNK R 10 -8.48 16.43 -3.37
C UNK R 10 -8.43 16.42 -4.88
N UNK R 11 -9.40 17.07 -5.52
CA UNK R 11 -9.33 17.32 -6.95
C UNK R 11 -9.10 18.82 -7.17
N UNK R 12 -8.39 19.44 -6.23
CA UNK R 12 -7.72 20.71 -6.45
C UNK R 12 -6.22 20.45 -6.33
N UNK R 13 -5.88 19.35 -5.64
CA UNK R 13 -4.52 18.83 -5.55
C UNK R 13 -4.25 17.85 -6.68
N UNK R 14 -5.33 17.36 -7.28
CA UNK R 14 -5.24 16.49 -8.45
C UNK R 14 -5.36 17.32 -9.70
N UNK R 15 -6.16 18.38 -9.62
CA UNK R 15 -6.33 19.33 -10.71
C UNK R 15 -5.01 20.02 -11.03
N UNK R 16 -4.39 20.53 -9.98
CA UNK R 16 -3.11 21.24 -10.09
C UNK R 16 -1.92 20.34 -10.43
N UNK R 17 -2.09 19.04 -10.26
CA UNK R 17 -1.01 18.08 -10.31
C UNK R 17 -0.37 17.94 -11.69
N UNK R 18 -1.20 17.81 -12.72
CA UNK R 18 -0.73 17.47 -14.05
C UNK R 18 -0.01 18.62 -14.77
N UNK R 19 -0.08 19.82 -14.20
CA UNK R 19 0.51 21.02 -14.80
C UNK R 19 2.03 20.98 -14.77
N UNK R 20 2.59 20.53 -13.65
CA UNK R 20 4.04 20.42 -13.52
C UNK R 20 4.56 19.26 -14.36
N UNK R 21 3.68 18.29 -14.61
CA UNK R 21 3.94 17.23 -15.58
C UNK R 21 3.78 17.77 -16.99
N UNK R 22 2.79 18.65 -17.17
CA UNK R 22 2.59 19.34 -18.45
C UNK R 22 3.75 20.29 -18.70
N UNK R 23 4.32 20.80 -17.62
CA UNK R 23 5.57 21.50 -17.68
C UNK R 23 6.67 20.52 -18.06
N UNK R 24 6.68 19.37 -17.39
CA UNK R 24 7.70 18.36 -17.62
C UNK R 24 7.60 17.70 -18.99
N UNK R 25 6.40 17.42 -19.47
CA UNK R 25 6.25 16.69 -20.73
C UNK R 25 6.55 17.61 -21.90
N UNK R 26 6.56 18.91 -21.66
CA UNK R 26 7.01 19.86 -22.67
C UNK R 26 8.48 20.17 -22.49
N UNK R 27 9.01 19.90 -21.29
CA UNK R 27 10.37 20.27 -20.94
C UNK R 27 11.37 19.48 -21.77
N UNK R 28 11.16 18.17 -21.80
CA UNK R 28 11.96 17.30 -22.64
C UNK R 28 11.58 17.50 -24.10
N UNK R 29 10.34 17.92 -24.35
CA UNK R 29 9.91 18.27 -25.70
C UNK R 29 10.61 19.57 -26.13
N UNK R 30 10.77 20.51 -25.20
CA UNK R 30 11.52 21.74 -25.50
C UNK R 30 13.00 21.40 -25.62
N UNK R 31 13.45 20.40 -24.87
CA UNK R 31 14.84 19.99 -24.93
C UNK R 31 15.14 19.27 -26.23
N UNK R 32 14.24 18.39 -26.66
CA UNK R 32 14.44 17.61 -27.88
C UNK R 32 14.25 18.47 -29.12
N UNK R 33 13.52 19.56 -28.97
CA UNK R 33 13.44 20.58 -30.00
C UNK R 33 14.81 21.25 -30.14
N UNK R 34 15.46 21.46 -29.00
CA UNK R 34 16.79 22.06 -28.97
C UNK R 34 17.86 20.98 -29.20
N UNK R 35 17.46 19.73 -29.10
CA UNK R 35 18.37 18.62 -29.38
C UNK R 35 18.15 18.12 -30.80
N UNK R 36 17.55 18.96 -31.63
CA UNK R 36 17.30 18.61 -33.03
C UNK R 36 18.18 19.42 -33.98
N UNK R 37 18.61 20.60 -33.54
CA UNK R 37 19.42 21.48 -34.38
C UNK R 37 20.46 22.26 -33.58
N UNK R 38 20.06 22.79 -32.43
CA UNK R 38 20.96 23.59 -31.60
C UNK R 38 22.06 22.74 -30.95
N UNK R 39 21.77 21.45 -30.75
CA UNK R 39 22.72 20.56 -30.12
C UNK R 39 23.73 19.98 -31.13
N UNK R 40 23.26 19.03 -31.94
CA UNK R 40 24.05 18.29 -32.93
C UNK R 40 25.30 17.65 -32.32
N UNK R 41 25.10 16.52 -31.65
CA UNK R 41 26.19 15.81 -31.01
C UNK R 41 26.42 14.44 -31.64
N UNK R 42 27.68 14.01 -31.69
CA UNK R 42 28.03 12.71 -32.24
C UNK R 42 29.36 12.21 -31.66
#